data_7P3Z
#
_entry.id   7P3Z
#
_cell.length_a   1.00
_cell.length_b   1.00
_cell.length_c   1.00
_cell.angle_alpha   90.00
_cell.angle_beta   90.00
_cell.angle_gamma   90.00
#
_symmetry.space_group_name_H-M   'P 1'
#
loop_
_entity.id
_entity.type
_entity.pdbx_description
1 polymer 'AP-3 complex subunit delta'
2 polymer Y55_G0035830.mRNA.1.CDS.1
3 polymer 'AP-3 complex subunit mu'
4 polymer 'AP complex subunit sigma'
#
loop_
_entity_poly.entity_id
_entity_poly.type
_entity_poly.pdbx_seq_one_letter_code
_entity_poly.pdbx_strand_id
1 'polypeptide(L)'
;MTSLYAPGAEDIRQRLRPFGFFFEKSLKDLIKGIRSHNETPEKLDQFFKQVLSECREEVNSPDLNSKTNAVLKLTYLEMY
GFDMAWCNFHILEVMSSNKLQQKRVGYLAASQSFYKDSDILMLATNLLKKDLKYDGNNDVVKVGIALSGLSTIITPSLAR
DIADDLFTMLNSTRPYIRKKAITALFKVFLQYPEALRDNFDKFVSKLDDDDISVVSAAVSVICELSKKNPQPFIQLSPLL
YEILVTIDNNWIIIRLLKLFTNLSQVEPKLRAKLLPKILELMESTVATSVIYESVNCIVKGNMLEEDDFETAMACLERLH
TFCDSQDPNLRYISCILFYKIGKINTDFISRFDQLIIRLLSDVDVSIRSKAIELVEGIVDEDNLKAIVQTLMKQFVDEDV
VILQTGSIVYEKSKRIPIIIPENYKIKMVNVIISICSADNYSSVNDFEWYNAVIMDLAMLCQDISDKSLGSKIGEQFRNL
MIKVPSMREVTIANIIKLISNDNINKQLPTVLRECIWCLGEFSTLVENGNDLIKIMTENISYYSHSVQEVLILALVKVFS
NWCNNFQEDKRFEIKMVLKELIEFFENLSYSSTFEVQERSVEVLEFLRLSLEALEEDTEGLPMLLSEVLPSFFNAYELAP
IARGTQLKLAVDENLDLETPFLTKEAADELLDEQKSDAISDLMSDISMDEQVELKFVDDSDTSYEEKEKLDDFENPFEIE
REKERMSNPYYLGEEDEERTKNSKDLLDLNEEESSDKKPETIRLNRTDNSLNSLSLSTTEISRKKKKGKKKNRVQVLSDE
PVIEAAPKRKDAFQKPHDNHSTQNPLKKDKINLRMHSQLENFDFSNFGQSSNAGRGSQEEGNLRKEDELELSRLEANLIV
KDEKDNLSDTEEVIVIKKKKKGKKSKSKNKLKTKAKNSPEPNEFLRDQSTDIRTLQVDGSDYKDDDDKDYKDDDDKDYKD
DDDK
;
A
2 'polypeptide(L)'
;MVDSIHRIASALDTAKVITREAAAVATSKLGESSYTYYSQNINPQQLVTLLNSRNSREVRDAMKRIISIMASDDDSIDVQ
LYFADVVKNITTNDTKVKRLIHLYLLRFAENDPNLTLLSINSLQKSLSDSNSELRCFALSALSDMKMSSLAPIILHTVKK
LVTDPSAMVRGEVALAIIKLYRAGKNDYHEELLDILKELMADTDPKVISCAVLAYKECYADHLELLHGHFRRYCRIIKQL
DSWSQSYLIELLIKYCKQYLPKPTVVDKSSEGSPRSCPLPDKYNEIEYPSYEVVNDPDLDLFLQSLNCLIYSSNPTVILS
CCNALYQLASPLQMKNTKFIEALVRTVTMTENQGNKEMLLQAIHFLSILDQTLFLPYTKKFYVFPKDPIVASIWKIQILS
TLINESNVKEIFKELKYYVASAHFPENVVIMAVKSLSRCGQLSTSWESHVMKWLIDHMESHNLSASVLDAYVNVIRMLVQ
KNPTKHLRIIFKLADLLTVQTSLADNARAGIVWLFGEIASIEFKICPDVLRRLIQNFSNEGPETRCQILVLSAKLLSYDI
DNFKQAQVTGSEENNQNPPYYDFSGSRISQMYNAVLYLAKYDDEFDIRDRARMISSLFDSGKYEIVSLLLQAPKPTARSD
DFIVSARLETHTPEIKEFFRMLPWNTEITEVGETGNDIREGAELKDYNKYKKSFSSQSFITNNSARSFTSSSNAKLTGIN
DGDSNSISGKGNVNTFTSQNGKKYRLQSLDEFFSDIPERKSKPRKIIKVVEESSDEDEDESEESSDDDEYSDSSLGTSSS
GTSSSHLEL
;
B
3 'polypeptide(L)'
;MYLSFYITDTKNKLIFQYLLGATAPSFKHLWTRVQSTCPQLLEDSSSDDYLDHSMVGRDLEVYKYFSVINKLNYWCLAST
SKSKGPLDCFTFLETIDRILLEYFDKDKLSIKKIVNNYDRISLIFNCCVEAGEPNVSDMLYVNKIKEAVPERSDLSKFIS
STAHNLQQAVQLPQQRQQQLQQNQISRGSNSLIENEEIVPWRTSRASKHENNELYVDLLETFHVVFEKKKSHLRLLTGSI
HGIVDVRSYLNDNPLVAVKLNTMGNDIGIPSLHDCVEINDGVFSPSNITFIPPDGKFRLLEYSVDLSSQVKQSGVRMNSI
GLMSLHFQNGLGKDSDEFELSLNIENFKKVSQVDDLKIDLQFNVENADPNEIAYKIKILRNTHGRFENSIIMGQGQWIFD
KSTATGTVPVLRGCIEYENTGPNFTKKVDLQTVSLEYSYIGQSASGIYVEAIDIVSGLTIGKNTKLYKGAKYKTQTGNFQ
VRL
;
M
4 'polypeptide(L)'
;MIHAVLIFNKKCQPRLVKFYTPVDLPKQKLLLEQVYELISQRNSDFQSSFLVTPPSLLLSNENNNDEVNNEDIQIIYKNY
ATLYFTFIVDDQESELAILDLIQTFVESLDRCFTEVNELDLIFNWQTLESVLEEIVQGGMVIETNVNRIVASVDELNKAA
ESTDSKIGRLTSTGFGSALQAFAQGGFAQWATGQ
;
S
#
# COMPACT_ATOMS: atom_id res chain seq x y z
N ASP A 63 -20.37 65.65 -22.86
CA ASP A 63 -19.61 66.37 -21.86
C ASP A 63 -18.30 65.89 -21.19
N LEU A 64 -17.26 66.66 -21.16
CA LEU A 64 -15.95 66.25 -20.63
C LEU A 64 -16.15 65.80 -19.13
N ASN A 65 -17.06 66.39 -18.47
CA ASN A 65 -16.94 65.93 -17.08
C ASN A 65 -17.54 64.52 -16.96
N SER A 66 -18.68 64.31 -17.58
CA SER A 66 -19.47 63.09 -17.62
C SER A 66 -18.66 61.99 -18.30
N LYS A 67 -17.70 62.35 -19.21
CA LYS A 67 -16.89 61.50 -20.03
C LYS A 67 -16.05 60.84 -19.04
N THR A 68 -15.53 61.63 -18.06
CA THR A 68 -14.57 61.11 -17.08
C THR A 68 -15.29 60.24 -16.14
N ASN A 69 -16.47 60.75 -15.67
CA ASN A 69 -17.23 59.97 -14.78
C ASN A 69 -17.66 58.65 -15.39
N ALA A 70 -18.15 58.66 -16.69
CA ALA A 70 -18.68 57.52 -17.35
C ALA A 70 -17.64 56.50 -17.37
N VAL A 71 -16.42 57.01 -17.66
CA VAL A 71 -15.31 56.15 -17.74
C VAL A 71 -15.04 55.45 -16.61
N LEU A 72 -15.15 56.02 -15.40
CA LEU A 72 -14.93 55.29 -14.24
C LEU A 72 -15.92 54.16 -14.20
N LYS A 73 -17.27 54.50 -14.38
CA LYS A 73 -18.31 53.53 -14.19
C LYS A 73 -18.38 52.58 -15.33
N LEU A 74 -18.07 53.07 -16.55
CA LEU A 74 -18.07 52.28 -17.73
C LEU A 74 -17.12 51.19 -17.57
N THR A 75 -15.87 51.48 -16.95
CA THR A 75 -14.87 50.45 -16.85
C THR A 75 -15.46 49.30 -16.09
N TYR A 76 -16.21 49.60 -15.03
CA TYR A 76 -16.89 48.59 -14.18
C TYR A 76 -17.82 47.86 -15.01
N LEU A 77 -18.63 48.44 -15.83
CA LEU A 77 -19.53 47.63 -16.66
C LEU A 77 -18.71 46.77 -17.75
N GLU A 78 -17.73 47.38 -18.44
CA GLU A 78 -17.01 46.80 -19.50
C GLU A 78 -16.28 45.55 -18.89
N MET A 79 -15.72 45.67 -17.73
CA MET A 79 -15.06 44.58 -17.01
C MET A 79 -15.94 43.33 -16.83
N TYR A 80 -17.23 43.45 -17.16
CA TYR A 80 -18.35 42.57 -16.91
C TYR A 80 -18.05 42.97 -18.33
N GLY A 81 -18.17 42.46 -19.51
CA GLY A 81 -18.74 41.30 -20.22
C GLY A 81 -20.24 41.56 -20.50
N PHE A 82 -20.51 42.87 -20.40
CA PHE A 82 -21.64 43.72 -20.59
C PHE A 82 -21.69 44.55 -21.91
N ASP A 83 -22.70 45.40 -22.20
CA ASP A 83 -22.84 46.13 -23.49
C ASP A 83 -21.94 47.18 -23.40
N MET A 84 -21.05 46.93 -24.39
CA MET A 84 -20.10 47.87 -24.51
C MET A 84 -20.61 48.78 -25.61
N ALA A 85 -21.83 48.63 -26.05
CA ALA A 85 -21.74 49.57 -27.11
C ALA A 85 -21.69 51.09 -26.55
N TRP A 86 -22.69 51.18 -25.50
CA TRP A 86 -22.94 52.31 -24.57
C TRP A 86 -21.78 52.77 -23.87
N CYS A 87 -20.72 51.98 -23.89
CA CYS A 87 -19.88 52.73 -23.23
C CYS A 87 -18.99 53.38 -24.16
N ASN A 88 -18.95 52.82 -25.41
CA ASN A 88 -17.88 53.10 -26.41
C ASN A 88 -18.08 54.46 -26.98
N PHE A 89 -19.30 54.61 -27.26
CA PHE A 89 -19.27 55.96 -27.87
C PHE A 89 -18.57 57.05 -27.10
N HIS A 90 -18.81 56.98 -25.80
CA HIS A 90 -18.33 57.91 -24.84
C HIS A 90 -16.87 57.71 -24.69
N ILE A 91 -16.42 56.46 -24.56
CA ILE A 91 -15.04 56.21 -24.37
C ILE A 91 -14.34 56.76 -25.49
N LEU A 92 -14.89 56.59 -26.74
CA LEU A 92 -14.25 57.12 -27.94
C LEU A 92 -14.27 58.65 -27.87
N GLU A 93 -15.49 59.28 -27.93
CA GLU A 93 -15.47 60.74 -27.99
C GLU A 93 -14.52 61.33 -26.91
N VAL A 94 -14.36 60.58 -25.82
CA VAL A 94 -13.51 60.87 -24.66
C VAL A 94 -12.04 60.75 -25.11
N MET A 95 -11.78 59.73 -25.80
CA MET A 95 -10.41 59.67 -26.20
C MET A 95 -10.32 60.71 -27.32
N SER A 96 -11.36 60.98 -28.13
CA SER A 96 -11.06 62.10 -29.05
C SER A 96 -11.01 63.57 -28.42
N SER A 97 -11.58 63.82 -27.20
CA SER A 97 -11.53 65.10 -26.59
C SER A 97 -10.10 65.44 -26.30
N ASN A 98 -9.62 66.54 -26.80
CA ASN A 98 -8.39 66.94 -26.30
C ASN A 98 -9.31 67.02 -25.09
N LYS A 99 -9.12 66.92 -23.80
CA LYS A 99 -8.43 66.81 -22.51
C LYS A 99 -7.66 65.58 -22.20
N LEU A 100 -6.41 65.78 -21.68
CA LEU A 100 -5.35 64.84 -21.30
C LEU A 100 -6.03 64.09 -20.12
N GLN A 101 -6.84 64.72 -19.32
CA GLN A 101 -7.19 63.63 -18.43
C GLN A 101 -8.07 62.63 -19.12
N GLN A 102 -9.23 63.09 -19.74
CA GLN A 102 -10.16 62.10 -20.26
C GLN A 102 -9.48 61.01 -21.03
N LYS A 103 -8.50 61.41 -21.89
CA LYS A 103 -7.62 60.55 -22.75
C LYS A 103 -6.96 59.49 -21.81
N ARG A 104 -6.90 59.88 -20.65
CA ARG A 104 -6.14 58.92 -19.88
C ARG A 104 -7.07 57.83 -19.51
N VAL A 105 -8.23 58.21 -18.87
CA VAL A 105 -9.18 57.19 -18.34
C VAL A 105 -9.84 56.35 -19.35
N GLY A 106 -10.26 56.97 -20.50
CA GLY A 106 -10.91 56.53 -21.72
C GLY A 106 -10.07 55.42 -22.18
N TYR A 107 -8.76 55.66 -22.31
CA TYR A 107 -7.77 54.76 -22.83
C TYR A 107 -7.79 53.57 -21.99
N LEU A 108 -7.88 53.73 -20.60
CA LEU A 108 -7.93 52.60 -19.76
C LEU A 108 -9.16 51.85 -20.00
N ALA A 109 -10.31 52.53 -20.29
CA ALA A 109 -11.46 51.73 -20.39
C ALA A 109 -11.51 51.02 -21.69
N ALA A 110 -11.36 51.80 -22.76
CA ALA A 110 -11.32 51.22 -24.08
C ALA A 110 -10.29 50.04 -24.05
N SER A 111 -9.28 50.19 -23.18
CA SER A 111 -8.57 49.02 -23.49
C SER A 111 -9.31 47.80 -23.07
N GLN A 112 -10.27 47.99 -22.14
CA GLN A 112 -10.97 46.77 -21.85
C GLN A 112 -12.12 46.42 -22.80
N SER A 113 -12.65 47.52 -23.41
CA SER A 113 -13.86 47.37 -24.23
C SER A 113 -13.86 47.18 -25.71
N PHE A 114 -12.84 47.67 -26.29
CA PHE A 114 -12.60 47.71 -27.70
C PHE A 114 -12.77 46.51 -28.45
N TYR A 115 -12.89 45.47 -27.74
CA TYR A 115 -12.87 44.31 -28.50
C TYR A 115 -14.18 44.44 -29.20
N LYS A 116 -14.20 43.78 -30.34
CA LYS A 116 -15.15 43.66 -31.46
C LYS A 116 -15.74 44.91 -32.12
N ASP A 117 -16.28 45.86 -31.42
CA ASP A 117 -16.96 46.88 -32.24
C ASP A 117 -16.06 47.71 -33.01
N SER A 118 -16.26 47.61 -34.31
CA SER A 118 -15.36 48.30 -35.17
C SER A 118 -15.34 49.77 -35.12
N ASP A 119 -16.49 50.46 -35.02
CA ASP A 119 -16.35 51.89 -35.07
C ASP A 119 -15.65 52.42 -33.86
N ILE A 120 -15.77 51.60 -32.78
CA ILE A 120 -15.37 51.90 -31.45
C ILE A 120 -13.97 51.97 -31.47
N LEU A 121 -13.41 50.78 -31.90
CA LEU A 121 -11.97 50.68 -31.96
C LEU A 121 -11.44 51.64 -32.92
N MET A 122 -12.06 51.72 -34.14
CA MET A 122 -11.58 52.57 -35.17
C MET A 122 -11.44 53.93 -34.70
N LEU A 123 -12.51 54.45 -34.03
CA LEU A 123 -12.50 55.80 -33.57
C LEU A 123 -11.42 55.98 -32.58
N ALA A 124 -11.26 54.97 -31.66
CA ALA A 124 -10.33 55.02 -30.60
C ALA A 124 -9.00 55.23 -31.12
N THR A 125 -8.68 54.57 -32.28
CA THR A 125 -7.40 54.66 -32.87
C THR A 125 -7.27 55.96 -33.47
N ASN A 126 -7.99 56.19 -34.62
CA ASN A 126 -7.81 57.43 -35.27
C ASN A 126 -7.77 58.52 -34.27
N LEU A 127 -8.23 58.23 -33.02
CA LEU A 127 -8.36 59.30 -32.08
C LEU A 127 -7.09 59.55 -31.36
N LEU A 128 -6.51 58.41 -30.84
CA LEU A 128 -5.32 58.51 -30.10
C LEU A 128 -4.27 59.13 -30.88
N LYS A 129 -4.49 59.16 -32.24
CA LYS A 129 -3.52 59.73 -33.10
C LYS A 129 -3.54 61.18 -32.96
N LYS A 130 -4.72 61.76 -33.36
CA LYS A 130 -4.74 63.17 -33.32
C LYS A 130 -4.15 63.67 -32.06
N ASP A 131 -4.41 62.92 -30.94
CA ASP A 131 -3.94 63.32 -29.63
C ASP A 131 -2.42 63.30 -29.52
N LEU A 132 -1.83 62.22 -30.04
CA LEU A 132 -0.42 62.06 -30.04
C LEU A 132 0.25 62.97 -31.02
N LYS A 133 -0.42 63.13 -32.16
CA LYS A 133 0.18 63.89 -33.23
C LYS A 133 0.59 65.28 -32.74
N TYR A 134 -0.37 66.06 -32.30
CA TYR A 134 -0.16 67.40 -31.84
C TYR A 134 0.73 67.27 -30.70
N ASP A 135 1.80 68.03 -30.66
CA ASP A 135 2.46 67.81 -29.44
C ASP A 135 1.47 67.98 -28.30
N GLY A 136 0.36 68.75 -28.28
CA GLY A 136 -0.13 68.33 -27.00
C GLY A 136 0.48 69.13 -25.95
N ASN A 137 0.38 70.39 -25.72
CA ASN A 137 1.44 70.37 -24.74
C ASN A 137 1.25 69.81 -23.33
N ASN A 138 0.11 69.43 -22.77
CA ASN A 138 0.44 68.83 -21.44
C ASN A 138 0.59 67.59 -22.05
N ASP A 139 1.51 67.60 -22.85
CA ASP A 139 1.69 66.62 -23.62
C ASP A 139 2.18 65.40 -23.04
N VAL A 140 2.76 65.46 -21.83
CA VAL A 140 3.37 64.42 -21.00
C VAL A 140 2.25 63.48 -20.55
N VAL A 141 1.23 64.13 -20.09
CA VAL A 141 0.30 63.17 -19.65
C VAL A 141 -0.35 62.61 -20.82
N LYS A 142 -0.87 63.49 -21.75
CA LYS A 142 -1.60 62.94 -22.87
C LYS A 142 -0.99 61.76 -23.49
N VAL A 143 0.27 61.88 -23.95
CA VAL A 143 0.99 60.84 -24.61
C VAL A 143 1.15 59.68 -23.82
N GLY A 144 1.62 59.95 -22.63
CA GLY A 144 1.96 59.08 -21.57
C GLY A 144 0.87 58.02 -21.50
N ILE A 145 -0.38 58.47 -21.11
CA ILE A 145 -1.51 57.55 -20.95
C ILE A 145 -1.87 57.01 -22.27
N ALA A 146 -2.14 57.89 -23.24
CA ALA A 146 -2.61 57.40 -24.49
C ALA A 146 -1.81 56.26 -24.94
N LEU A 147 -0.53 56.17 -24.48
CA LEU A 147 0.28 55.12 -24.92
C LEU A 147 0.06 53.91 -24.23
N SER A 148 -0.31 54.02 -22.95
CA SER A 148 -0.52 52.84 -22.21
C SER A 148 -1.66 52.18 -22.71
N GLY A 149 -2.68 53.02 -22.93
CA GLY A 149 -4.00 52.68 -23.36
C GLY A 149 -3.84 51.96 -24.65
N LEU A 150 -3.24 52.62 -25.65
CA LEU A 150 -3.15 51.99 -26.88
C LEU A 150 -2.54 50.67 -26.75
N SER A 151 -1.78 50.51 -25.65
CA SER A 151 -1.25 49.23 -25.56
C SER A 151 -2.31 48.29 -25.24
N THR A 152 -3.52 48.76 -24.83
CA THR A 152 -3.97 47.47 -24.58
C THR A 152 -4.90 47.25 -25.73
N ILE A 153 -5.04 48.27 -26.58
CA ILE A 153 -5.79 47.82 -27.68
C ILE A 153 -4.89 47.35 -28.81
N ILE A 154 -5.24 46.26 -29.25
CA ILE A 154 -4.62 45.68 -30.42
C ILE A 154 -4.95 45.66 -31.85
N THR A 155 -5.93 46.23 -32.39
CA THR A 155 -5.93 45.83 -33.77
C THR A 155 -4.83 46.43 -34.50
N PRO A 156 -4.31 45.80 -35.66
CA PRO A 156 -3.28 46.17 -36.72
C PRO A 156 -3.62 47.50 -37.33
N SER A 157 -4.84 47.76 -37.29
CA SER A 157 -4.94 49.06 -37.83
C SER A 157 -4.46 50.07 -36.77
N LEU A 158 -4.90 49.82 -35.50
CA LEU A 158 -4.72 50.65 -34.39
C LEU A 158 -3.32 50.70 -34.12
N ALA A 159 -2.66 49.46 -33.99
CA ALA A 159 -1.24 49.40 -33.65
C ALA A 159 -0.44 50.12 -34.60
N ARG A 160 -0.88 50.08 -35.89
CA ARG A 160 -0.17 50.73 -36.94
C ARG A 160 -0.11 52.18 -36.65
N ASP A 161 -1.29 52.73 -36.15
CA ASP A 161 -1.29 54.16 -35.91
C ASP A 161 -0.54 54.54 -34.69
N ILE A 162 -0.73 53.71 -33.66
CA ILE A 162 -0.18 53.94 -32.44
C ILE A 162 1.22 54.16 -32.50
N ALA A 163 1.98 53.30 -33.26
CA ALA A 163 3.40 53.37 -33.39
C ALA A 163 3.71 54.65 -34.16
N ASP A 164 2.86 54.87 -35.17
CA ASP A 164 3.46 56.05 -35.70
C ASP A 164 3.35 57.21 -34.77
N ASP A 165 2.45 57.02 -33.76
CA ASP A 165 2.27 58.12 -32.85
C ASP A 165 3.30 58.24 -31.76
N LEU A 166 3.70 57.07 -31.22
CA LEU A 166 4.63 56.97 -30.16
C LEU A 166 5.86 57.59 -30.53
N PHE A 167 6.16 57.55 -31.85
CA PHE A 167 7.37 58.08 -32.46
C PHE A 167 7.32 59.56 -32.26
N THR A 168 6.20 60.17 -32.70
CA THR A 168 6.20 61.62 -32.59
C THR A 168 6.40 61.97 -31.15
N MET A 169 5.78 61.26 -30.20
CA MET A 169 5.70 61.49 -28.74
C MET A 169 7.01 61.41 -28.03
N LEU A 170 7.84 60.49 -28.40
CA LEU A 170 9.20 60.35 -28.01
C LEU A 170 9.76 61.70 -28.38
N ASN A 171 9.21 62.49 -29.33
CA ASN A 171 9.99 63.65 -29.59
C ASN A 171 9.59 64.82 -28.64
N SER A 172 8.74 64.60 -27.63
CA SER A 172 8.39 65.62 -26.69
C SER A 172 9.49 66.00 -25.81
N THR A 173 9.77 67.23 -25.69
CA THR A 173 10.62 67.37 -24.58
C THR A 173 9.64 67.06 -23.34
N ARG A 174 10.12 66.71 -22.24
CA ARG A 174 9.56 66.32 -20.87
C ARG A 174 9.68 64.84 -20.86
N PRO A 175 10.46 64.42 -19.89
CA PRO A 175 10.86 63.18 -19.35
C PRO A 175 9.87 62.26 -18.86
N TYR A 176 8.71 62.85 -18.57
CA TYR A 176 7.49 62.24 -18.14
C TYR A 176 6.87 61.52 -19.22
N ILE A 177 6.88 62.21 -20.40
CA ILE A 177 6.31 61.82 -21.64
C ILE A 177 7.24 60.86 -22.15
N ARG A 178 8.57 61.15 -21.98
CA ARG A 178 9.57 60.27 -22.60
C ARG A 178 9.53 58.93 -21.93
N LYS A 179 8.94 58.86 -20.71
CA LYS A 179 8.88 57.66 -19.94
C LYS A 179 7.77 56.84 -20.35
N LYS A 180 6.58 57.46 -20.49
CA LYS A 180 5.47 56.72 -20.86
C LYS A 180 5.64 56.17 -22.20
N ALA A 181 5.99 57.02 -23.13
CA ALA A 181 6.04 56.62 -24.52
C ALA A 181 6.79 55.41 -24.67
N ILE A 182 7.72 55.17 -23.72
CA ILE A 182 8.65 54.08 -23.73
C ILE A 182 7.98 52.89 -23.22
N THR A 183 7.30 53.04 -22.09
CA THR A 183 6.61 51.97 -21.49
C THR A 183 5.55 51.48 -22.49
N ALA A 184 4.78 52.39 -23.10
CA ALA A 184 3.72 52.03 -23.98
C ALA A 184 4.24 51.18 -25.08
N LEU A 185 5.39 51.61 -25.73
CA LEU A 185 5.93 50.97 -26.87
C LEU A 185 6.23 49.57 -26.52
N PHE A 186 6.26 49.26 -25.17
CA PHE A 186 6.52 47.99 -24.64
C PHE A 186 5.36 47.15 -24.93
N LYS A 187 4.17 47.57 -24.42
CA LYS A 187 2.98 46.80 -24.54
C LYS A 187 2.58 46.63 -25.97
N VAL A 188 2.78 47.69 -26.79
CA VAL A 188 2.36 47.71 -28.14
C VAL A 188 3.04 46.67 -28.87
N PHE A 189 4.38 46.80 -28.99
CA PHE A 189 5.34 45.90 -29.59
C PHE A 189 4.99 44.53 -29.16
N LEU A 190 4.43 44.39 -27.95
CA LEU A 190 4.18 43.04 -27.61
C LEU A 190 3.14 42.52 -28.64
N GLN A 191 2.36 43.38 -29.29
CA GLN A 191 1.36 42.86 -30.23
C GLN A 191 1.64 42.76 -31.79
N TYR A 192 2.05 43.89 -32.31
CA TYR A 192 2.37 44.36 -33.66
C TYR A 192 3.66 44.68 -34.07
N PRO A 193 4.56 43.86 -34.47
CA PRO A 193 5.85 44.35 -34.69
C PRO A 193 6.04 45.40 -35.71
N GLU A 194 5.21 45.52 -36.77
CA GLU A 194 5.58 46.56 -37.64
C GLU A 194 5.74 47.87 -36.88
N ALA A 195 4.95 48.05 -35.80
CA ALA A 195 5.02 49.33 -35.17
C ALA A 195 6.39 49.70 -34.74
N LEU A 196 7.09 48.71 -34.09
CA LEU A 196 8.40 48.73 -33.48
C LEU A 196 9.36 49.01 -34.53
N ARG A 197 8.82 48.68 -35.65
CA ARG A 197 9.91 48.87 -36.52
C ARG A 197 10.02 50.32 -36.72
N ASP A 198 8.94 50.89 -37.25
CA ASP A 198 9.07 52.33 -37.35
C ASP A 198 9.37 53.06 -36.05
N ASN A 199 9.32 52.38 -34.88
CA ASN A 199 9.58 53.17 -33.75
C ASN A 199 10.85 53.20 -33.03
N PHE A 200 11.65 52.26 -33.37
CA PHE A 200 12.92 52.01 -32.85
C PHE A 200 13.81 53.18 -32.98
N ASP A 201 13.87 53.74 -34.25
CA ASP A 201 14.75 54.83 -34.63
C ASP A 201 14.62 55.92 -33.72
N LYS A 202 13.45 56.09 -33.05
CA LYS A 202 13.17 57.23 -32.24
C LYS A 202 13.70 56.99 -30.92
N PHE A 203 13.55 55.66 -30.51
CA PHE A 203 13.96 55.26 -29.18
C PHE A 203 15.40 55.65 -29.04
N VAL A 204 16.13 55.42 -30.11
CA VAL A 204 17.45 55.81 -30.08
C VAL A 204 17.42 57.31 -29.96
N SER A 205 16.47 58.02 -30.54
CA SER A 205 16.81 59.39 -30.25
C SER A 205 16.51 59.82 -28.79
N LYS A 206 15.59 59.14 -28.08
CA LYS A 206 15.06 59.50 -26.76
C LYS A 206 15.88 59.14 -25.58
N LEU A 207 16.43 57.98 -25.66
CA LEU A 207 17.38 57.33 -24.85
C LEU A 207 18.45 58.35 -24.69
N ASP A 208 18.71 59.24 -25.66
CA ASP A 208 19.84 60.07 -25.40
C ASP A 208 19.45 61.33 -24.63
N ASP A 209 18.22 61.40 -24.13
CA ASP A 209 17.73 62.50 -23.33
C ASP A 209 18.50 62.51 -22.01
N ASP A 210 18.78 63.64 -21.49
CA ASP A 210 19.44 63.86 -20.20
C ASP A 210 18.71 63.38 -18.91
N ASP A 211 17.40 63.14 -18.97
CA ASP A 211 16.54 62.80 -17.84
C ASP A 211 16.63 61.36 -17.50
N ILE A 212 16.84 61.17 -16.15
CA ILE A 212 17.02 59.90 -15.51
C ILE A 212 15.64 59.25 -15.46
N SER A 213 14.58 59.98 -15.46
CA SER A 213 13.59 58.90 -15.41
C SER A 213 13.41 58.11 -16.74
N VAL A 214 13.61 58.83 -17.86
CA VAL A 214 13.28 58.56 -19.27
C VAL A 214 14.07 57.45 -19.64
N VAL A 215 15.24 57.42 -19.12
CA VAL A 215 16.31 56.36 -19.24
C VAL A 215 15.94 55.04 -18.52
N SER A 216 15.50 55.35 -17.32
CA SER A 216 15.06 54.19 -16.63
C SER A 216 14.03 53.46 -17.44
N ALA A 217 12.97 54.25 -18.06
CA ALA A 217 11.84 53.68 -18.82
C ALA A 217 12.32 53.00 -19.94
N ALA A 218 13.27 53.72 -20.87
CA ALA A 218 13.73 53.26 -22.21
C ALA A 218 14.25 52.11 -22.16
N VAL A 219 14.74 51.80 -20.96
CA VAL A 219 15.39 50.62 -20.55
C VAL A 219 14.57 49.43 -20.32
N SER A 220 13.54 49.66 -19.41
CA SER A 220 12.58 48.61 -19.04
C SER A 220 12.06 48.01 -20.35
N VAL A 221 11.66 49.05 -21.23
CA VAL A 221 10.92 48.81 -22.61
C VAL A 221 11.82 48.06 -23.41
N ILE A 222 12.96 48.48 -23.66
CA ILE A 222 13.96 47.72 -24.40
C ILE A 222 14.12 46.37 -23.84
N CYS A 223 13.80 46.21 -22.54
CA CYS A 223 13.92 44.95 -21.95
C CYS A 223 12.87 44.03 -22.50
N GLU A 224 11.59 44.42 -22.43
CA GLU A 224 10.52 43.62 -22.91
C GLU A 224 10.78 43.47 -24.35
N LEU A 225 11.12 44.55 -25.03
CA LEU A 225 11.16 44.21 -26.36
C LEU A 225 12.20 43.18 -26.64
N SER A 226 13.35 43.09 -25.83
CA SER A 226 14.36 42.07 -25.94
C SER A 226 13.81 40.77 -25.69
N LYS A 227 12.75 40.74 -24.92
CA LYS A 227 12.37 39.41 -24.72
C LYS A 227 11.87 38.80 -26.07
N LYS A 228 11.10 39.63 -26.85
CA LYS A 228 10.44 39.44 -28.14
C LYS A 228 11.25 39.67 -29.44
N ASN A 229 11.99 40.78 -29.41
CA ASN A 229 12.89 41.28 -30.49
C ASN A 229 14.27 41.45 -30.06
N PRO A 230 15.00 40.46 -29.67
CA PRO A 230 16.15 41.17 -29.27
C PRO A 230 17.02 41.97 -30.19
N GLN A 231 16.99 41.75 -31.53
CA GLN A 231 18.00 42.31 -32.40
C GLN A 231 18.13 43.83 -32.48
N PRO A 232 17.00 44.54 -32.56
CA PRO A 232 16.84 45.99 -32.50
C PRO A 232 17.45 46.60 -31.27
N PHE A 233 17.49 45.82 -30.19
CA PHE A 233 17.79 46.35 -28.88
C PHE A 233 19.14 45.72 -28.63
N ILE A 234 19.48 44.85 -29.46
CA ILE A 234 20.80 44.90 -29.03
C ILE A 234 21.34 46.18 -29.68
N GLN A 235 20.66 46.77 -30.65
CA GLN A 235 21.29 48.01 -31.17
C GLN A 235 21.39 49.27 -30.26
N LEU A 236 20.57 49.31 -29.24
CA LEU A 236 20.41 50.44 -28.40
C LEU A 236 21.06 50.33 -27.11
N SER A 237 21.55 49.11 -26.83
CA SER A 237 22.20 48.83 -25.57
C SER A 237 23.26 49.68 -25.20
N PRO A 238 24.11 50.17 -26.11
CA PRO A 238 25.13 51.10 -25.75
C PRO A 238 24.62 52.35 -25.15
N LEU A 239 23.33 52.76 -25.47
CA LEU A 239 22.83 54.04 -25.09
C LEU A 239 22.24 53.78 -23.80
N LEU A 240 21.85 52.51 -23.69
CA LEU A 240 21.43 52.28 -22.37
C LEU A 240 22.59 52.34 -21.40
N TYR A 241 23.84 52.04 -21.94
CA TYR A 241 24.59 52.11 -20.83
C TYR A 241 24.62 53.51 -20.34
N GLU A 242 25.16 54.44 -21.19
CA GLU A 242 25.13 55.87 -21.09
C GLU A 242 23.77 55.71 -20.84
N ILE A 243 22.83 56.16 -20.14
CA ILE A 243 21.87 56.65 -19.38
C ILE A 243 22.19 56.24 -18.05
N LEU A 244 22.17 54.84 -17.78
CA LEU A 244 22.47 54.41 -16.36
C LEU A 244 23.72 55.11 -15.78
N VAL A 245 24.49 55.51 -16.63
CA VAL A 245 25.70 56.16 -16.02
C VAL A 245 25.41 57.45 -15.31
N THR A 246 24.28 58.04 -15.61
CA THR A 246 23.91 59.33 -15.05
C THR A 246 22.82 59.26 -13.89
N ILE A 247 22.51 58.08 -13.41
CA ILE A 247 21.51 57.91 -12.43
C ILE A 247 21.96 57.89 -10.98
N ASP A 248 21.28 58.64 -10.21
CA ASP A 248 21.53 58.78 -8.80
C ASP A 248 20.61 57.89 -7.92
N ASN A 249 19.45 57.54 -8.49
CA ASN A 249 18.29 56.85 -7.91
C ASN A 249 18.52 55.40 -7.87
N ASN A 250 18.14 54.87 -6.72
CA ASN A 250 18.22 53.55 -6.23
C ASN A 250 17.28 52.68 -6.99
N TRP A 251 16.13 53.13 -7.39
CA TRP A 251 15.23 52.18 -7.98
C TRP A 251 15.63 51.93 -9.39
N ILE A 252 16.06 53.05 -10.05
CA ILE A 252 16.45 53.16 -11.45
C ILE A 252 17.58 52.32 -11.66
N ILE A 253 18.43 52.16 -10.61
CA ILE A 253 19.60 51.33 -10.68
C ILE A 253 19.19 49.94 -10.63
N ILE A 254 18.24 49.57 -9.73
CA ILE A 254 17.75 48.23 -9.59
C ILE A 254 17.20 47.77 -10.87
N ARG A 255 16.34 48.61 -11.55
CA ARG A 255 15.75 48.14 -12.76
C ARG A 255 16.77 47.94 -13.80
N LEU A 256 17.51 49.04 -14.17
CA LEU A 256 18.44 48.97 -15.22
C LEU A 256 19.22 47.76 -15.15
N LEU A 257 19.21 47.14 -13.91
CA LEU A 257 19.97 45.99 -13.70
C LEU A 257 19.27 44.87 -14.19
N LYS A 258 17.91 44.77 -13.93
CA LYS A 258 17.13 43.64 -14.35
C LYS A 258 17.14 43.54 -15.80
N LEU A 259 17.04 44.74 -16.47
CA LEU A 259 16.97 44.79 -17.89
C LEU A 259 18.23 44.17 -18.44
N PHE A 260 19.37 44.81 -18.19
CA PHE A 260 20.65 44.37 -18.68
C PHE A 260 20.65 42.91 -18.28
N THR A 261 20.13 42.57 -17.22
CA THR A 261 20.31 41.17 -17.20
C THR A 261 19.58 40.54 -18.39
N ASN A 262 18.34 40.98 -18.66
CA ASN A 262 17.64 40.34 -19.75
C ASN A 262 18.41 40.53 -21.10
N LEU A 263 18.82 41.74 -21.40
CA LEU A 263 19.54 41.75 -22.54
C LEU A 263 20.73 40.89 -22.47
N SER A 264 21.26 40.69 -21.19
CA SER A 264 22.38 39.88 -21.42
C SER A 264 22.02 38.59 -21.92
N GLN A 265 20.78 38.09 -21.59
CA GLN A 265 20.81 36.81 -22.17
C GLN A 265 20.36 37.96 -22.92
N VAL A 266 20.50 38.55 -24.05
CA VAL A 266 21.21 38.27 -25.29
C VAL A 266 22.30 39.40 -25.44
N GLU A 267 23.62 38.96 -25.61
CA GLU A 267 24.68 40.01 -25.79
C GLU A 267 25.61 40.38 -24.64
N PRO A 268 26.59 39.56 -24.33
CA PRO A 268 27.60 39.82 -23.36
C PRO A 268 28.27 41.12 -23.40
N LYS A 269 28.27 41.78 -24.61
CA LYS A 269 28.92 43.03 -24.76
C LYS A 269 28.33 44.06 -23.88
N LEU A 270 27.02 43.92 -23.63
CA LEU A 270 26.26 44.83 -22.91
C LEU A 270 26.56 44.57 -21.56
N ARG A 271 26.53 43.20 -21.27
CA ARG A 271 26.74 42.89 -19.87
C ARG A 271 27.97 43.46 -19.42
N ALA A 272 29.08 43.32 -20.20
CA ALA A 272 30.34 43.86 -19.82
C ALA A 272 30.33 45.34 -19.68
N LYS A 273 29.52 46.01 -20.51
CA LYS A 273 29.58 47.45 -20.38
C LYS A 273 28.73 47.98 -19.19
N LEU A 274 27.70 47.21 -18.94
CA LEU A 274 26.83 47.57 -17.92
C LEU A 274 27.29 47.08 -16.63
N LEU A 275 27.95 45.99 -16.59
CA LEU A 275 28.25 45.77 -15.25
C LEU A 275 29.12 46.91 -14.63
N PRO A 276 29.97 47.60 -15.43
CA PRO A 276 30.55 48.13 -14.25
C PRO A 276 29.46 49.21 -13.77
N LYS A 277 28.53 49.58 -14.70
CA LYS A 277 27.46 50.44 -14.20
C LYS A 277 26.14 49.82 -13.90
N ILE A 278 25.81 49.20 -12.93
CA ILE A 278 25.75 48.60 -11.73
C ILE A 278 27.04 48.54 -11.05
N LEU A 279 27.13 48.02 -9.82
CA LEU A 279 28.13 48.05 -8.67
C LEU A 279 28.56 49.50 -8.37
N GLU A 280 28.85 50.35 -9.35
CA GLU A 280 29.12 51.56 -8.70
C GLU A 280 27.81 52.00 -8.01
N LEU A 281 26.65 51.54 -8.71
CA LEU A 281 25.22 51.99 -8.25
C LEU A 281 24.75 51.19 -7.01
N MET A 282 25.23 50.06 -7.00
CA MET A 282 24.78 49.58 -5.78
C MET A 282 25.60 50.09 -4.65
N GLU A 283 26.85 50.24 -4.98
CA GLU A 283 27.61 50.69 -3.83
C GLU A 283 26.96 51.96 -3.23
N SER A 284 26.52 52.90 -4.06
CA SER A 284 25.84 54.10 -3.50
C SER A 284 24.44 54.05 -2.98
N THR A 285 23.87 52.91 -2.88
CA THR A 285 22.52 52.88 -2.44
C THR A 285 22.49 51.94 -1.37
N VAL A 286 21.54 52.17 -0.47
CA VAL A 286 21.36 51.30 0.69
C VAL A 286 19.89 51.05 0.96
N ALA A 287 19.34 49.89 0.62
CA ALA A 287 17.91 49.73 0.93
C ALA A 287 17.61 48.98 2.24
N THR A 288 17.94 47.69 2.32
CA THR A 288 18.57 46.97 1.23
C THR A 288 17.52 46.40 0.29
N SER A 289 17.73 46.64 -1.00
CA SER A 289 16.83 46.20 -2.03
C SER A 289 17.73 45.85 -3.19
N VAL A 290 18.62 46.76 -3.53
CA VAL A 290 19.55 46.46 -4.60
C VAL A 290 20.51 45.40 -4.09
N ILE A 291 20.58 45.25 -2.77
CA ILE A 291 21.45 44.25 -2.19
C ILE A 291 21.00 42.83 -2.55
N TYR A 292 19.73 42.71 -2.93
CA TYR A 292 19.21 41.48 -3.29
C TYR A 292 19.21 41.43 -4.77
N GLU A 293 18.77 42.54 -5.41
CA GLU A 293 18.49 42.62 -6.83
C GLU A 293 19.74 42.37 -7.56
N SER A 294 20.77 43.19 -7.23
CA SER A 294 22.03 43.08 -7.96
C SER A 294 22.51 41.71 -7.90
N VAL A 295 22.12 41.01 -6.83
CA VAL A 295 22.51 39.68 -6.59
C VAL A 295 21.76 38.85 -7.55
N ASN A 296 20.38 38.89 -7.55
CA ASN A 296 19.68 38.03 -8.44
C ASN A 296 20.11 38.19 -9.86
N CYS A 297 20.37 39.47 -10.34
CA CYS A 297 20.87 39.85 -11.68
C CYS A 297 22.31 39.33 -11.84
N ILE A 298 23.05 39.55 -10.82
CA ILE A 298 24.38 39.09 -11.04
C ILE A 298 24.31 37.48 -11.22
N VAL A 299 23.49 36.94 -10.27
CA VAL A 299 23.59 35.54 -10.42
C VAL A 299 23.01 35.10 -11.79
N LYS A 300 21.97 35.70 -12.30
CA LYS A 300 21.27 35.32 -13.53
C LYS A 300 21.71 35.38 -14.91
N GLY A 301 22.25 36.51 -15.22
CA GLY A 301 22.62 36.79 -16.54
C GLY A 301 23.56 35.75 -16.65
N ASN A 302 24.21 35.57 -15.51
CA ASN A 302 25.10 34.56 -15.51
C ASN A 302 25.76 35.54 -16.22
N MET A 303 25.71 36.52 -15.39
CA MET A 303 26.31 37.66 -15.79
C MET A 303 27.66 37.33 -15.50
N LEU A 304 27.66 36.73 -14.31
CA LEU A 304 28.81 36.52 -13.63
C LEU A 304 29.93 35.54 -14.31
N GLU A 305 29.73 34.37 -14.95
CA GLU A 305 31.10 34.58 -15.46
C GLU A 305 32.36 35.09 -14.92
N GLU A 306 32.72 35.30 -13.64
CA GLU A 306 34.01 35.92 -13.15
C GLU A 306 34.47 37.37 -13.56
N ASP A 307 34.11 37.80 -14.64
CA ASP A 307 34.64 39.05 -15.04
C ASP A 307 33.86 39.81 -13.99
N ASP A 308 32.64 39.32 -13.67
CA ASP A 308 31.77 39.92 -12.83
C ASP A 308 31.70 39.68 -11.32
N PHE A 309 32.67 39.00 -10.76
CA PHE A 309 32.91 38.64 -9.45
C PHE A 309 32.82 39.82 -8.63
N GLU A 310 33.61 40.86 -8.96
CA GLU A 310 33.60 42.10 -8.25
C GLU A 310 32.18 42.52 -7.95
N THR A 311 31.20 42.32 -8.87
CA THR A 311 29.89 42.79 -8.78
C THR A 311 29.31 41.91 -7.79
N ALA A 312 29.56 40.56 -8.04
CA ALA A 312 28.95 39.53 -7.22
C ALA A 312 29.39 39.66 -5.83
N MET A 313 30.67 40.05 -5.61
CA MET A 313 31.25 40.19 -4.35
C MET A 313 30.45 41.12 -3.55
N ALA A 314 30.26 42.40 -4.06
CA ALA A 314 29.54 43.38 -3.31
C ALA A 314 28.18 42.87 -2.93
N CYS A 315 27.61 42.06 -3.86
CA CYS A 315 26.30 41.55 -3.75
C CYS A 315 26.24 40.55 -2.68
N LEU A 316 27.27 39.66 -2.64
CA LEU A 316 27.33 38.66 -1.65
C LEU A 316 27.54 39.30 -0.35
N GLU A 317 28.57 40.23 -0.23
CA GLU A 317 28.89 40.84 1.01
C GLU A 317 27.66 41.40 1.61
N ARG A 318 26.76 42.00 0.72
CA ARG A 318 25.52 42.54 1.23
C ARG A 318 24.62 41.39 1.73
N LEU A 319 24.77 40.21 1.11
CA LEU A 319 23.93 39.11 1.47
C LEU A 319 24.45 38.52 2.81
N HIS A 320 25.73 38.48 2.82
CA HIS A 320 26.16 37.85 3.98
C HIS A 320 25.69 38.81 5.15
N THR A 321 25.85 40.08 4.98
CA THR A 321 25.39 40.82 6.17
C THR A 321 23.97 40.47 6.78
N PHE A 322 23.06 40.04 5.92
CA PHE A 322 21.64 39.92 5.99
C PHE A 322 21.14 38.59 6.54
N CYS A 323 21.96 37.57 6.18
CA CYS A 323 21.92 36.12 6.49
C CYS A 323 22.21 35.51 7.98
N ASP A 324 22.61 36.15 9.19
CA ASP A 324 22.89 37.42 9.99
C ASP A 324 21.83 38.47 10.21
N SER A 325 20.66 37.91 10.05
CA SER A 325 19.43 38.39 10.63
C SER A 325 18.81 37.02 10.34
N GLN A 326 18.17 36.70 11.46
CA GLN A 326 17.27 35.64 11.89
C GLN A 326 15.91 35.50 11.22
N ASP A 327 15.63 36.33 10.24
CA ASP A 327 14.36 36.26 9.52
C ASP A 327 14.56 35.55 8.23
N PRO A 328 13.80 34.43 8.01
CA PRO A 328 13.64 33.46 6.89
C PRO A 328 13.13 34.26 5.71
N ASN A 329 12.79 35.46 5.95
CA ASN A 329 12.39 35.89 4.68
C ASN A 329 13.60 36.25 3.87
N LEU A 330 14.64 36.88 4.51
CA LEU A 330 15.76 37.45 3.91
C LEU A 330 16.73 36.40 3.73
N ARG A 331 16.77 35.47 4.76
CA ARG A 331 17.79 34.39 4.75
C ARG A 331 17.72 33.60 3.55
N TYR A 332 16.63 32.79 3.46
CA TYR A 332 16.32 31.86 2.40
C TYR A 332 16.85 32.42 1.14
N ILE A 333 16.43 33.73 0.87
CA ILE A 333 16.78 34.39 -0.36
C ILE A 333 18.25 34.49 -0.50
N SER A 334 19.02 34.69 0.58
CA SER A 334 20.42 34.82 0.61
C SER A 334 21.00 33.48 0.54
N CYS A 335 20.55 32.53 1.41
CA CYS A 335 21.12 31.24 1.44
C CYS A 335 21.17 30.67 0.09
N ILE A 336 20.01 30.73 -0.65
CA ILE A 336 19.93 30.18 -1.97
C ILE A 336 20.93 30.86 -2.79
N LEU A 337 20.98 32.24 -2.68
CA LEU A 337 21.83 32.99 -3.54
C LEU A 337 23.25 32.69 -3.28
N PHE A 338 23.59 32.24 -2.02
CA PHE A 338 24.90 31.97 -1.61
C PHE A 338 25.37 30.75 -2.20
N TYR A 339 24.64 29.63 -1.88
CA TYR A 339 24.93 28.33 -2.39
C TYR A 339 25.18 28.44 -3.83
N LYS A 340 24.21 29.08 -4.55
CA LYS A 340 24.38 29.15 -5.97
C LYS A 340 25.64 29.86 -6.31
N ILE A 341 25.92 30.96 -5.55
CA ILE A 341 27.08 31.62 -5.90
C ILE A 341 28.24 30.81 -5.74
N GLY A 342 28.34 30.04 -4.62
CA GLY A 342 29.43 29.17 -4.33
C GLY A 342 29.66 28.16 -5.41
N LYS A 343 28.55 27.58 -5.92
CA LYS A 343 28.90 26.64 -6.91
C LYS A 343 29.71 27.38 -7.89
N ILE A 344 29.35 28.65 -8.02
CA ILE A 344 30.03 29.50 -8.97
C ILE A 344 31.34 30.22 -8.52
N ASN A 345 31.38 30.54 -7.22
CA ASN A 345 32.48 31.21 -6.53
C ASN A 345 32.90 30.72 -5.19
N THR A 346 33.91 29.87 -5.22
CA THR A 346 34.58 29.26 -4.13
C THR A 346 35.23 30.39 -3.30
N ASP A 347 35.45 31.51 -3.90
CA ASP A 347 36.16 32.14 -2.83
C ASP A 347 35.21 32.57 -1.71
N PHE A 348 33.95 32.90 -2.12
CA PHE A 348 32.88 33.47 -1.40
C PHE A 348 32.41 32.63 -0.42
N ILE A 349 32.55 31.34 -0.81
CA ILE A 349 32.17 30.26 0.10
C ILE A 349 33.13 30.32 1.24
N SER A 350 34.40 30.41 0.97
CA SER A 350 35.23 30.36 2.15
C SER A 350 34.82 31.61 2.99
N ARG A 351 34.50 32.70 2.32
CA ARG A 351 34.05 33.70 3.31
C ARG A 351 32.76 33.31 4.04
N PHE A 352 32.02 32.35 3.52
CA PHE A 352 30.77 32.19 4.19
C PHE A 352 30.53 30.95 4.99
N ASP A 353 31.61 30.38 5.51
CA ASP A 353 31.56 29.31 6.34
C ASP A 353 30.79 29.54 7.58
N GLN A 354 31.12 30.70 8.28
CA GLN A 354 30.47 31.02 9.49
C GLN A 354 29.01 31.07 9.35
N LEU A 355 28.56 31.50 8.14
CA LEU A 355 27.21 31.76 7.86
C LEU A 355 26.50 30.56 7.72
N ILE A 356 27.32 29.55 7.24
CA ILE A 356 26.75 28.24 7.00
C ILE A 356 26.51 27.57 8.28
N ILE A 357 27.57 27.39 9.08
CA ILE A 357 27.50 26.77 10.36
C ILE A 357 26.34 27.38 11.08
N ARG A 358 26.16 28.70 11.00
CA ARG A 358 25.07 29.20 11.76
C ARG A 358 23.78 28.67 11.21
N LEU A 359 23.66 28.42 9.88
CA LEU A 359 22.43 28.04 9.18
C LEU A 359 22.01 26.70 9.51
N LEU A 360 22.90 25.92 10.03
CA LEU A 360 22.62 24.61 10.52
C LEU A 360 21.63 24.77 11.66
N SER A 361 21.77 25.75 12.56
CA SER A 361 20.76 25.67 13.56
C SER A 361 19.52 26.47 13.11
N ASP A 362 19.52 27.06 11.89
CA ASP A 362 18.36 27.73 11.34
C ASP A 362 17.19 26.77 11.30
N VAL A 363 16.06 27.24 11.48
CA VAL A 363 14.81 26.59 11.36
C VAL A 363 14.06 26.39 10.03
N ASP A 364 14.54 27.09 9.01
CA ASP A 364 13.96 27.11 7.64
C ASP A 364 14.39 25.99 6.90
N VAL A 365 13.35 25.30 6.39
CA VAL A 365 13.40 24.14 5.59
C VAL A 365 14.13 24.47 4.31
N SER A 366 14.12 25.70 3.87
CA SER A 366 14.92 25.50 2.71
C SER A 366 16.45 25.65 2.95
N ILE A 367 16.78 26.27 4.12
CA ILE A 367 18.06 26.73 4.55
C ILE A 367 18.84 25.64 4.99
N ARG A 368 18.11 24.85 5.87
CA ARG A 368 18.71 23.66 6.48
C ARG A 368 19.25 22.78 5.43
N SER A 369 18.40 22.53 4.42
CA SER A 369 18.73 21.65 3.32
C SER A 369 19.81 22.26 2.50
N LYS A 370 19.73 23.64 2.35
CA LYS A 370 20.70 24.29 1.57
C LYS A 370 22.04 24.29 2.27
N ALA A 371 22.06 24.26 3.64
CA ALA A 371 23.24 24.31 4.46
C ALA A 371 23.96 23.01 4.38
N ILE A 372 23.20 21.90 4.70
CA ILE A 372 23.76 20.60 4.76
C ILE A 372 24.60 20.43 3.52
N GLU A 373 24.10 20.93 2.35
CA GLU A 373 24.75 20.83 1.05
C GLU A 373 26.02 21.69 1.03
N LEU A 374 26.04 22.70 1.89
CA LEU A 374 27.19 23.58 2.00
C LEU A 374 28.19 23.01 2.97
N VAL A 375 27.72 22.53 4.13
CA VAL A 375 28.43 21.90 5.25
C VAL A 375 29.34 20.80 4.57
N GLU A 376 28.61 20.00 3.80
CA GLU A 376 29.20 18.90 3.06
C GLU A 376 30.51 19.33 2.42
N GLY A 377 30.52 20.53 1.87
CA GLY A 377 31.72 21.08 1.23
C GLY A 377 32.66 21.70 2.24
N ILE A 378 32.11 22.17 3.35
CA ILE A 378 32.90 22.80 4.39
C ILE A 378 32.95 21.91 5.63
N VAL A 379 34.15 21.57 6.07
CA VAL A 379 34.32 20.72 7.25
C VAL A 379 35.68 20.93 7.91
N ASP A 380 35.73 20.68 9.22
CA ASP A 380 37.00 20.84 10.01
C ASP A 380 36.61 19.57 10.61
N GLU A 381 37.57 18.69 10.97
CA GLU A 381 37.33 17.53 11.79
C GLU A 381 36.97 17.72 13.26
N ASP A 382 37.60 18.67 13.88
CA ASP A 382 36.99 18.52 15.15
C ASP A 382 35.53 18.81 15.13
N ASN A 383 35.24 19.70 14.14
CA ASN A 383 33.93 20.23 14.03
C ASN A 383 32.98 19.23 13.63
N LEU A 384 33.48 18.22 12.85
CA LEU A 384 32.67 17.21 12.30
C LEU A 384 32.14 16.41 13.32
N LYS A 385 33.06 15.94 14.23
CA LYS A 385 32.64 15.04 15.28
C LYS A 385 31.61 15.69 16.11
N ALA A 386 31.73 17.07 16.27
CA ALA A 386 30.81 17.74 17.17
C ALA A 386 29.46 17.89 16.59
N ILE A 387 29.45 18.13 15.25
CA ILE A 387 28.35 18.44 14.49
C ILE A 387 27.53 17.34 14.35
N VAL A 388 28.10 16.12 14.39
CA VAL A 388 27.38 14.95 14.24
C VAL A 388 26.58 14.81 15.37
N GLN A 389 27.16 14.94 16.62
CA GLN A 389 26.33 14.76 17.75
C GLN A 389 25.28 15.77 17.85
N THR A 390 25.57 16.97 17.25
CA THR A 390 24.60 17.97 17.38
C THR A 390 23.41 17.69 16.61
N LEU A 391 23.56 17.20 15.35
CA LEU A 391 22.48 16.82 14.46
C LEU A 391 21.79 15.62 15.08
N MET A 392 22.42 15.01 16.04
CA MET A 392 21.58 13.99 16.29
C MET A 392 20.46 14.47 17.02
N LYS A 393 20.66 15.53 17.87
CA LYS A 393 19.56 15.96 18.67
C LYS A 393 18.63 16.90 17.96
N GLN A 394 19.18 17.54 16.91
CA GLN A 394 18.30 18.38 16.36
C GLN A 394 17.23 17.82 15.87
N PHE A 395 17.35 16.65 15.21
CA PHE A 395 16.32 16.01 14.43
C PHE A 395 15.48 15.31 15.36
N VAL A 396 15.98 15.03 16.56
CA VAL A 396 14.90 14.62 17.35
C VAL A 396 14.06 15.82 17.79
N ASP A 397 14.43 17.10 17.53
CA ASP A 397 13.50 18.07 18.01
C ASP A 397 13.06 19.14 16.90
N GLU A 398 13.79 19.18 15.76
CA GLU A 398 13.42 20.09 14.64
C GLU A 398 12.45 19.77 13.55
N ASP A 399 11.60 18.87 13.82
CA ASP A 399 11.16 18.23 12.70
C ASP A 399 10.01 18.68 12.07
N VAL A 400 8.98 18.85 12.89
CA VAL A 400 7.66 18.38 12.71
C VAL A 400 6.95 19.43 12.07
N VAL A 401 7.18 20.70 12.50
CA VAL A 401 6.18 21.76 12.52
C VAL A 401 5.46 21.57 11.31
N ILE A 402 5.94 22.05 10.12
CA ILE A 402 4.92 22.12 9.07
C ILE A 402 4.73 20.82 8.39
N LEU A 403 5.37 19.83 8.84
CA LEU A 403 4.91 18.60 8.43
C LEU A 403 3.43 18.59 8.74
N GLN A 404 2.82 19.50 9.49
CA GLN A 404 1.63 18.87 9.65
C GLN A 404 0.63 20.08 9.95
N THR A 405 0.79 20.74 11.14
CA THR A 405 0.13 21.84 11.86
C THR A 405 0.07 23.13 11.57
N GLY A 406 0.73 23.82 12.34
CA GLY A 406 0.34 25.02 11.83
C GLY A 406 0.23 25.86 13.34
N SER A 407 1.43 26.22 14.20
CA SER A 407 1.33 26.98 15.65
C SER A 407 1.44 28.30 15.07
N ILE A 408 1.35 29.31 15.86
CA ILE A 408 1.85 30.56 15.40
C ILE A 408 3.27 30.64 15.88
N VAL A 409 4.07 31.34 15.11
CA VAL A 409 5.46 31.49 15.37
C VAL A 409 5.91 32.73 15.97
N TYR A 410 5.92 32.59 17.29
CA TYR A 410 6.39 33.44 18.20
C TYR A 410 7.38 32.87 19.13
N GLU A 411 7.71 33.64 20.09
CA GLU A 411 8.53 33.42 21.23
C GLU A 411 8.01 32.63 22.40
N LYS A 412 6.67 32.71 22.39
CA LYS A 412 5.64 32.33 23.35
C LYS A 412 5.32 30.92 23.38
N SER A 413 5.34 30.27 22.29
CA SER A 413 4.70 29.00 22.34
C SER A 413 5.79 28.56 23.25
N LYS A 414 5.51 28.00 24.38
CA LYS A 414 6.75 27.67 24.99
C LYS A 414 7.29 26.40 24.39
N ARG A 415 6.40 25.72 23.77
CA ARG A 415 6.51 24.43 23.18
C ARG A 415 7.13 25.04 22.00
N ILE A 416 8.17 24.67 21.44
CA ILE A 416 8.41 25.62 20.37
C ILE A 416 8.02 25.23 18.96
N PRO A 417 7.52 26.23 18.10
CA PRO A 417 7.20 25.43 17.00
C PRO A 417 8.64 25.11 16.58
N ILE A 418 8.68 24.07 15.93
CA ILE A 418 9.73 23.14 15.76
C ILE A 418 10.22 22.41 14.46
N ILE A 419 11.56 22.62 13.86
CA ILE A 419 10.97 22.33 12.56
C ILE A 419 11.70 22.02 11.26
N ILE A 420 11.43 20.74 11.00
CA ILE A 420 11.73 19.87 9.89
C ILE A 420 10.61 19.30 8.96
N PRO A 421 10.84 19.02 7.75
CA PRO A 421 10.02 18.40 6.70
C PRO A 421 9.77 17.04 7.07
N GLU A 422 9.60 16.09 6.18
CA GLU A 422 9.51 14.74 6.60
C GLU A 422 10.74 14.01 6.15
N ASN A 423 11.43 14.38 5.02
CA ASN A 423 12.44 13.53 4.44
C ASN A 423 13.83 13.96 4.73
N TYR A 424 13.97 14.84 5.74
CA TYR A 424 15.16 15.49 6.10
C TYR A 424 15.79 14.70 7.09
N LYS A 425 14.94 13.72 7.61
CA LYS A 425 15.43 12.83 8.62
C LYS A 425 16.35 11.87 8.04
N ILE A 426 16.02 11.41 6.80
CA ILE A 426 16.82 10.42 6.15
C ILE A 426 18.11 10.99 5.78
N LYS A 427 18.10 12.26 5.26
CA LYS A 427 19.32 12.87 4.86
C LYS A 427 20.25 13.04 6.02
N MET A 428 19.69 13.22 7.27
CA MET A 428 20.49 13.49 8.42
C MET A 428 21.42 12.38 8.67
N VAL A 429 20.85 11.15 8.63
CA VAL A 429 21.61 10.01 8.94
C VAL A 429 22.68 9.86 7.97
N ASN A 430 22.35 10.05 6.66
CA ASN A 430 23.31 9.88 5.63
C ASN A 430 24.50 10.64 5.82
N VAL A 431 24.30 11.83 6.50
CA VAL A 431 25.35 12.78 6.71
C VAL A 431 26.39 12.28 7.61
N ILE A 432 25.88 11.67 8.75
CA ILE A 432 26.63 11.07 9.78
C ILE A 432 27.65 10.10 9.19
N ILE A 433 27.15 9.08 8.41
CA ILE A 433 27.88 8.07 7.78
C ILE A 433 28.92 8.75 6.99
N SER A 434 28.58 9.84 6.13
CA SER A 434 29.53 10.52 5.24
C SER A 434 30.65 11.07 5.93
N ILE A 435 30.33 11.75 7.11
CA ILE A 435 31.30 12.26 7.95
C ILE A 435 32.20 11.18 8.38
N CYS A 436 31.66 10.03 8.76
CA CYS A 436 32.64 9.11 9.18
C CYS A 436 33.56 8.73 7.92
N SER A 437 32.91 8.67 6.74
CA SER A 437 33.89 8.22 5.75
C SER A 437 34.78 9.16 4.91
N ALA A 438 34.47 10.45 4.89
CA ALA A 438 35.25 11.41 4.12
C ALA A 438 36.70 11.45 4.61
N ASP A 439 37.64 11.28 3.68
CA ASP A 439 39.06 11.28 4.01
C ASP A 439 39.47 9.96 4.65
N ASN A 440 39.15 9.80 5.93
CA ASN A 440 39.48 8.59 6.66
C ASN A 440 39.25 8.76 8.16
N TYR A 441 38.26 9.57 8.51
CA TYR A 441 37.94 9.81 9.85
C TYR A 441 38.48 8.52 10.38
N SER A 442 39.69 8.51 9.88
CA SER A 442 40.67 7.58 10.26
C SER A 442 40.72 8.14 11.75
N SER A 443 40.37 9.44 11.89
CA SER A 443 40.23 10.35 13.04
C SER A 443 39.13 10.63 13.95
N VAL A 444 38.14 9.81 13.85
CA VAL A 444 37.03 9.91 14.59
C VAL A 444 38.14 9.41 15.32
N ASN A 445 38.35 9.98 16.44
CA ASN A 445 39.48 9.51 17.07
C ASN A 445 38.87 8.46 17.76
N ASP A 446 37.70 8.86 18.20
CA ASP A 446 37.06 7.94 19.01
C ASP A 446 36.22 7.18 18.10
N PHE A 447 36.69 6.01 17.86
CA PHE A 447 35.99 5.31 16.87
C PHE A 447 34.71 5.04 17.52
N GLU A 448 34.87 4.75 18.85
CA GLU A 448 33.84 4.56 19.83
C GLU A 448 33.40 5.99 19.66
N TRP A 449 32.15 6.10 19.71
CA TRP A 449 31.20 7.16 19.50
C TRP A 449 30.63 6.80 18.18
N TYR A 450 31.46 6.59 17.10
CA TYR A 450 30.98 6.37 15.76
C TYR A 450 30.11 5.24 15.76
N ASN A 451 30.71 4.23 16.56
CA ASN A 451 30.02 2.91 16.61
C ASN A 451 28.74 3.01 17.22
N ALA A 452 28.67 3.90 18.26
CA ALA A 452 27.50 4.13 18.96
C ALA A 452 26.49 4.81 18.19
N VAL A 453 26.93 5.92 17.50
CA VAL A 453 26.09 6.73 16.79
C VAL A 453 25.38 5.96 15.76
N ILE A 454 26.18 5.04 15.11
CA ILE A 454 25.72 4.27 14.02
C ILE A 454 24.66 3.42 14.51
N MET A 455 24.84 2.75 15.69
CA MET A 455 23.80 1.96 16.19
C MET A 455 22.63 2.78 16.55
N ASP A 456 22.86 4.06 17.01
CA ASP A 456 21.77 4.83 17.41
C ASP A 456 20.92 5.19 16.24
N LEU A 457 21.58 5.77 15.17
CA LEU A 457 20.83 6.20 14.07
C LEU A 457 19.95 5.14 13.59
N ALA A 458 20.52 3.86 13.62
CA ALA A 458 19.78 2.78 13.14
C ALA A 458 18.54 2.66 13.85
N MET A 459 18.51 3.20 15.11
CA MET A 459 17.32 3.04 15.86
C MET A 459 16.25 3.99 15.38
N LEU A 460 16.63 5.31 15.29
CA LEU A 460 15.60 6.23 14.93
C LEU A 460 14.99 5.93 13.55
N CYS A 461 15.86 5.69 12.58
CA CYS A 461 15.53 5.30 11.22
C CYS A 461 14.60 4.05 11.26
N GLN A 462 14.62 3.46 12.36
CA GLN A 462 13.74 2.40 12.15
C GLN A 462 12.41 3.10 12.11
N ASP A 463 12.46 4.27 12.55
CA ASP A 463 11.09 4.77 12.50
C ASP A 463 10.58 5.11 11.03
N ILE A 464 11.50 5.61 10.22
CA ILE A 464 11.43 6.22 8.83
C ILE A 464 11.50 5.31 7.81
N SER A 465 11.31 4.13 8.00
CA SER A 465 11.90 3.85 6.85
C SER A 465 11.55 4.17 5.52
N ASP A 466 12.79 4.10 5.11
CA ASP A 466 13.63 4.26 4.00
C ASP A 466 14.62 3.36 4.42
N LYS A 467 14.59 2.41 3.70
CA LYS A 467 15.45 1.46 3.82
C LYS A 467 16.79 1.82 3.55
N SER A 468 16.98 2.77 2.58
CA SER A 468 18.32 2.93 2.42
C SER A 468 19.08 3.47 3.55
N LEU A 469 18.38 4.13 4.51
CA LEU A 469 19.00 4.72 5.64
C LEU A 469 19.56 3.60 6.36
N GLY A 470 18.67 2.57 6.20
CA GLY A 470 19.30 1.67 7.11
C GLY A 470 20.49 0.96 6.51
N SER A 471 20.46 0.83 5.13
CA SER A 471 21.57 0.18 4.51
C SER A 471 22.89 0.76 4.60
N LYS A 472 22.93 2.14 4.46
CA LYS A 472 24.16 2.78 4.49
C LYS A 472 24.77 2.73 5.76
N ILE A 473 23.88 2.62 6.78
CA ILE A 473 24.45 2.59 8.06
C ILE A 473 25.15 1.35 8.27
N GLY A 474 24.60 0.24 7.64
CA GLY A 474 25.28 -0.96 7.94
C GLY A 474 26.61 -1.10 7.33
N GLU A 475 26.68 -0.73 5.99
CA GLU A 475 27.90 -0.93 5.30
C GLU A 475 29.01 -0.27 5.95
N GLN A 476 28.68 0.84 6.66
CA GLN A 476 29.66 1.64 7.28
C GLN A 476 30.17 1.06 8.49
N PHE A 477 29.30 0.27 9.14
CA PHE A 477 29.60 -0.29 10.39
C PHE A 477 30.58 -1.31 10.18
N ARG A 478 30.40 -2.11 9.08
CA ARG A 478 31.30 -3.14 8.77
C ARG A 478 32.65 -2.55 8.58
N ASN A 479 32.76 -1.45 7.76
CA ASN A 479 34.05 -0.98 7.54
C ASN A 479 34.70 -0.55 8.78
N LEU A 480 33.89 -0.13 9.82
CA LEU A 480 34.44 0.34 11.04
C LEU A 480 35.00 -0.79 11.82
N MET A 481 34.14 -1.76 12.10
CA MET A 481 34.62 -2.88 12.83
C MET A 481 35.82 -3.53 12.24
N ILE A 482 35.90 -3.46 10.91
CA ILE A 482 36.92 -4.30 10.33
C ILE A 482 38.23 -3.78 10.94
N LYS A 483 38.49 -2.52 10.65
CA LYS A 483 39.50 -1.68 11.21
C LYS A 483 39.14 -1.39 12.65
N VAL A 484 40.01 -0.96 13.51
CA VAL A 484 39.60 -0.77 14.89
C VAL A 484 39.27 -2.04 15.63
N PRO A 485 40.33 -2.90 15.83
CA PRO A 485 40.00 -4.14 16.52
C PRO A 485 39.44 -3.83 17.87
N SER A 486 40.01 -2.81 18.57
CA SER A 486 39.43 -2.34 19.84
C SER A 486 38.07 -1.99 19.23
N MET A 487 37.11 -1.69 20.01
CA MET A 487 35.74 -1.40 19.63
C MET A 487 35.12 -2.69 19.22
N ARG A 488 35.77 -3.77 19.37
CA ARG A 488 35.04 -4.79 18.77
C ARG A 488 33.97 -5.31 19.61
N GLU A 489 34.35 -5.33 20.97
CA GLU A 489 33.56 -5.79 22.13
C GLU A 489 32.30 -5.07 22.28
N VAL A 490 32.34 -3.78 21.97
CA VAL A 490 31.20 -2.92 22.11
C VAL A 490 30.27 -3.25 21.05
N THR A 491 30.87 -3.39 19.84
CA THR A 491 30.17 -3.63 18.59
C THR A 491 29.55 -4.93 18.63
N ILE A 492 30.30 -6.00 19.08
CA ILE A 492 29.80 -7.32 19.16
C ILE A 492 28.73 -7.35 20.13
N ALA A 493 28.94 -6.82 21.41
CA ALA A 493 27.91 -6.89 22.37
C ALA A 493 26.67 -6.31 21.84
N ASN A 494 26.76 -5.14 21.11
CA ASN A 494 25.60 -4.48 20.65
C ASN A 494 24.95 -5.17 19.58
N ILE A 495 25.76 -5.73 18.69
CA ILE A 495 25.32 -6.37 17.55
C ILE A 495 24.53 -7.52 17.89
N ILE A 496 25.08 -8.33 18.83
CA ILE A 496 24.47 -9.54 19.27
C ILE A 496 23.20 -9.23 19.79
N LYS A 497 23.11 -8.18 20.69
CA LYS A 497 21.84 -7.81 21.26
C LYS A 497 20.95 -7.30 20.16
N LEU A 498 21.44 -6.44 19.23
CA LEU A 498 20.60 -5.77 18.20
C LEU A 498 19.88 -6.82 17.38
N ILE A 499 20.61 -7.84 16.99
CA ILE A 499 20.13 -9.00 16.31
C ILE A 499 19.09 -9.62 17.20
N SER A 500 19.40 -9.91 18.48
CA SER A 500 18.33 -10.66 19.01
C SER A 500 17.27 -9.64 19.43
N ASN A 501 17.62 -8.38 19.41
CA ASN A 501 16.66 -7.38 19.68
C ASN A 501 16.16 -7.21 18.31
N ASP A 502 14.91 -7.37 18.27
CA ASP A 502 13.93 -7.35 17.25
C ASP A 502 13.87 -6.14 16.48
N ASN A 503 14.29 -5.04 17.03
CA ASN A 503 14.18 -3.80 16.37
C ASN A 503 15.02 -3.95 15.11
N ILE A 504 16.18 -4.54 15.13
CA ILE A 504 16.91 -4.73 13.87
C ILE A 504 16.05 -5.74 13.01
N ASN A 505 15.34 -6.56 13.66
CA ASN A 505 14.86 -7.36 12.58
C ASN A 505 13.79 -6.55 11.87
N LYS A 506 13.34 -5.62 12.54
CA LYS A 506 12.35 -4.92 11.88
C LYS A 506 13.10 -4.04 10.85
N GLN A 507 12.59 -3.97 9.72
CA GLN A 507 13.41 -3.22 8.74
C GLN A 507 14.79 -3.59 8.58
N LEU A 508 15.42 -4.26 9.39
CA LEU A 508 16.69 -4.25 8.96
C LEU A 508 17.59 -5.26 8.54
N PRO A 509 17.36 -5.87 7.42
CA PRO A 509 18.03 -6.98 6.87
C PRO A 509 19.44 -6.63 6.63
N THR A 510 19.76 -5.39 6.23
CA THR A 510 21.12 -5.06 5.79
C THR A 510 22.06 -5.22 6.95
N VAL A 511 21.66 -4.64 8.12
CA VAL A 511 22.39 -4.53 9.35
C VAL A 511 22.70 -5.87 9.75
N LEU A 512 21.69 -6.79 9.51
CA LEU A 512 21.81 -8.15 9.94
C LEU A 512 22.84 -8.80 9.11
N ARG A 513 22.88 -8.49 7.79
CA ARG A 513 23.78 -9.04 6.86
C ARG A 513 25.15 -8.69 7.26
N GLU A 514 25.38 -7.42 7.70
CA GLU A 514 26.68 -6.98 8.05
C GLU A 514 27.09 -7.57 9.31
N CYS A 515 26.22 -7.58 10.35
CA CYS A 515 26.50 -8.07 11.65
C CYS A 515 26.98 -9.40 11.58
N ILE A 516 26.48 -10.17 10.55
CA ILE A 516 26.77 -11.55 10.38
C ILE A 516 28.13 -11.69 10.05
N TRP A 517 28.68 -10.78 9.22
CA TRP A 517 30.02 -10.81 8.80
C TRP A 517 30.90 -10.38 9.86
N CYS A 518 30.46 -9.30 10.61
CA CYS A 518 31.28 -8.83 11.63
C CYS A 518 31.53 -9.93 12.54
N LEU A 519 30.50 -10.57 13.17
CA LEU A 519 30.77 -11.63 14.09
C LEU A 519 31.74 -12.74 13.42
N GLY A 520 31.67 -12.93 12.08
CA GLY A 520 32.53 -14.06 11.92
C GLY A 520 33.93 -13.63 12.16
N GLU A 521 34.18 -12.34 11.83
CA GLU A 521 35.49 -11.86 12.04
C GLU A 521 35.95 -11.68 13.44
N PHE A 522 34.95 -11.32 14.28
CA PHE A 522 35.36 -11.19 15.61
C PHE A 522 34.94 -12.07 16.60
N SER A 523 34.39 -13.18 16.26
CA SER A 523 34.00 -14.10 17.21
C SER A 523 35.21 -14.51 17.99
N THR A 524 36.39 -14.00 17.59
CA THR A 524 37.59 -14.39 18.29
C THR A 524 37.81 -13.69 19.62
N LEU A 525 37.05 -12.63 19.86
CA LEU A 525 37.14 -11.80 21.01
C LEU A 525 36.29 -12.49 22.01
N VAL A 526 35.18 -13.07 21.46
CA VAL A 526 34.24 -13.60 22.40
C VAL A 526 34.47 -15.12 22.57
N GLU A 527 34.63 -15.45 23.84
CA GLU A 527 34.96 -16.69 24.55
C GLU A 527 34.14 -17.87 24.15
N ASN A 528 32.86 -17.61 24.13
CA ASN A 528 31.56 -18.28 23.89
C ASN A 528 31.17 -17.96 22.48
N GLY A 529 32.17 -18.24 21.76
CA GLY A 529 31.92 -17.99 20.46
C GLY A 529 30.71 -18.96 20.37
N ASN A 530 30.42 -20.02 21.22
CA ASN A 530 29.15 -20.83 21.11
C ASN A 530 27.81 -20.14 21.23
N ASP A 531 27.73 -19.01 21.98
CA ASP A 531 26.42 -18.57 22.12
C ASP A 531 26.14 -17.77 21.03
N LEU A 532 27.29 -17.18 20.51
CA LEU A 532 27.07 -16.39 19.38
C LEU A 532 26.76 -17.31 18.28
N ILE A 533 27.64 -18.42 18.16
CA ILE A 533 26.98 -18.78 17.06
C ILE A 533 25.59 -19.11 17.24
N LYS A 534 25.19 -19.91 18.34
CA LYS A 534 23.80 -20.05 18.64
C LYS A 534 23.93 -18.70 18.85
N ILE A 535 23.50 -17.52 18.64
CA ILE A 535 22.87 -16.52 17.98
C ILE A 535 23.53 -16.27 16.64
N MET A 536 22.56 -16.19 15.83
CA MET A 536 22.70 -16.44 14.44
C MET A 536 22.08 -17.78 14.23
N THR A 537 22.17 -18.67 15.14
CA THR A 537 21.51 -19.68 14.33
C THR A 537 20.05 -19.62 14.46
N GLU A 538 19.58 -19.31 15.67
CA GLU A 538 18.17 -19.00 16.00
C GLU A 538 17.64 -17.85 15.23
N ASN A 539 18.51 -16.99 14.71
CA ASN A 539 17.76 -15.98 14.10
C ASN A 539 17.77 -16.22 12.62
N ILE A 540 18.17 -17.35 12.24
CA ILE A 540 18.19 -17.25 10.84
C ILE A 540 16.81 -17.29 10.16
N SER A 541 15.92 -18.18 10.65
CA SER A 541 14.53 -18.33 10.17
C SER A 541 13.60 -17.20 10.27
N TYR A 542 14.10 -16.10 10.75
CA TYR A 542 13.24 -15.02 10.86
C TYR A 542 13.49 -14.01 9.76
N TYR A 543 14.44 -14.31 8.91
CA TYR A 543 14.98 -13.40 7.94
C TYR A 543 14.56 -13.27 6.47
N SER A 544 14.75 -12.05 5.87
CA SER A 544 14.41 -11.86 4.45
C SER A 544 15.37 -12.72 3.69
N HIS A 545 15.10 -13.00 2.39
CA HIS A 545 15.99 -13.58 1.38
C HIS A 545 17.30 -12.79 1.24
N SER A 546 17.21 -11.49 1.20
CA SER A 546 18.59 -11.17 1.05
C SER A 546 19.43 -11.54 2.19
N VAL A 547 18.87 -11.37 3.40
CA VAL A 547 19.55 -11.57 4.56
C VAL A 547 20.01 -12.96 4.76
N GLN A 548 18.98 -13.88 4.47
CA GLN A 548 19.17 -15.32 4.56
C GLN A 548 20.28 -15.70 3.76
N GLU A 549 20.42 -15.14 2.53
CA GLU A 549 21.53 -15.52 1.66
C GLU A 549 22.80 -15.10 2.26
N VAL A 550 22.71 -13.94 3.02
CA VAL A 550 23.92 -13.39 3.58
C VAL A 550 24.37 -14.15 4.74
N LEU A 551 23.45 -14.34 5.71
CA LEU A 551 23.71 -15.05 6.90
C LEU A 551 24.34 -16.32 6.58
N ILE A 552 23.75 -17.12 5.65
CA ILE A 552 24.31 -18.36 5.32
C ILE A 552 25.68 -18.20 4.91
N LEU A 553 25.92 -17.15 4.05
CA LEU A 553 27.21 -17.06 3.51
C LEU A 553 28.20 -16.67 4.51
N ALA A 554 27.75 -15.84 5.52
CA ALA A 554 28.66 -15.37 6.49
C ALA A 554 29.12 -16.44 7.38
N LEU A 555 28.12 -17.14 8.04
CA LEU A 555 28.43 -18.11 9.03
C LEU A 555 29.50 -18.96 8.58
N VAL A 556 29.51 -19.27 7.25
CA VAL A 556 30.46 -20.15 6.71
C VAL A 556 31.78 -19.55 6.67
N LYS A 557 31.79 -18.19 6.54
CA LYS A 557 32.99 -17.44 6.46
C LYS A 557 33.63 -17.37 7.79
N VAL A 558 32.79 -17.57 8.85
CA VAL A 558 33.23 -17.48 10.18
C VAL A 558 33.91 -18.64 10.60
N PHE A 559 33.22 -19.80 10.66
CA PHE A 559 33.68 -21.04 11.12
C PHE A 559 35.04 -21.25 10.66
N SER A 560 35.37 -20.65 9.45
CA SER A 560 36.67 -20.79 8.94
C SER A 560 37.61 -20.08 9.86
N ASN A 561 37.14 -19.04 10.59
CA ASN A 561 38.00 -18.30 11.46
C ASN A 561 38.27 -19.05 12.71
N TRP A 562 37.20 -19.40 13.42
CA TRP A 562 37.44 -20.06 14.63
C TRP A 562 38.46 -21.05 14.54
N CYS A 563 38.37 -21.92 13.51
CA CYS A 563 39.22 -23.06 13.27
C CYS A 563 40.60 -22.55 13.19
N ASN A 564 40.75 -21.33 12.70
CA ASN A 564 42.07 -20.82 12.73
C ASN A 564 42.53 -20.49 14.19
N ASN A 565 41.61 -20.18 15.17
CA ASN A 565 42.07 -19.64 16.42
C ASN A 565 41.87 -20.64 17.61
N PHE A 566 41.20 -21.71 17.34
CA PHE A 566 40.70 -22.57 18.36
C PHE A 566 41.37 -23.37 19.25
N GLN A 567 42.61 -23.17 19.25
CA GLN A 567 43.75 -23.86 19.71
C GLN A 567 43.67 -23.85 21.10
N GLU A 568 42.62 -23.24 21.52
CA GLU A 568 42.54 -23.17 22.88
C GLU A 568 42.80 -24.69 23.27
N ASP A 569 42.21 -25.63 22.57
CA ASP A 569 42.20 -27.09 22.64
C ASP A 569 41.54 -27.03 21.30
N LYS A 570 41.53 -27.99 20.43
CA LYS A 570 40.55 -27.37 19.50
C LYS A 570 39.25 -27.15 20.11
N ARG A 571 39.02 -27.85 21.13
CA ARG A 571 37.72 -27.84 21.69
C ARG A 571 36.77 -28.46 20.74
N PHE A 572 36.09 -29.39 21.28
CA PHE A 572 35.06 -30.24 20.82
C PHE A 572 33.78 -29.64 20.37
N GLU A 573 33.50 -28.57 21.06
CA GLU A 573 32.45 -27.58 21.07
C GLU A 573 32.62 -27.01 19.66
N ILE A 574 33.78 -26.67 19.23
CA ILE A 574 33.51 -26.06 17.98
C ILE A 574 32.85 -26.99 17.07
N LYS A 575 33.19 -28.29 17.22
CA LYS A 575 32.69 -29.36 16.39
C LYS A 575 31.24 -29.47 16.53
N MET A 576 30.68 -29.22 17.72
CA MET A 576 29.25 -29.42 17.94
C MET A 576 28.49 -28.34 17.34
N VAL A 577 29.10 -27.12 17.35
CA VAL A 577 28.46 -25.93 16.89
C VAL A 577 28.28 -26.04 15.43
N LEU A 578 29.28 -26.66 14.71
CA LEU A 578 29.16 -26.83 13.30
C LEU A 578 27.97 -27.63 13.01
N LYS A 579 27.63 -28.62 13.88
CA LYS A 579 26.54 -29.48 13.63
C LYS A 579 25.29 -28.73 13.66
N GLU A 580 25.22 -27.73 14.60
CA GLU A 580 24.02 -26.97 14.70
C GLU A 580 23.77 -26.18 13.46
N LEU A 581 24.85 -25.52 12.95
CA LEU A 581 24.71 -24.65 11.83
C LEU A 581 24.18 -25.35 10.69
N ILE A 582 24.41 -26.69 10.68
CA ILE A 582 24.02 -27.53 9.64
C ILE A 582 22.58 -27.69 9.71
N GLU A 583 22.03 -27.92 10.95
CA GLU A 583 20.65 -28.19 11.03
C GLU A 583 19.89 -27.05 10.55
N PHE A 584 20.41 -25.83 10.79
CA PHE A 584 19.76 -24.64 10.41
C PHE A 584 19.66 -24.42 8.97
N PHE A 585 20.87 -24.55 8.32
CA PHE A 585 20.91 -24.29 6.96
C PHE A 585 19.98 -25.19 6.27
N GLU A 586 19.68 -26.33 6.91
CA GLU A 586 18.71 -27.10 6.31
C GLU A 586 17.45 -26.34 6.52
N ASN A 587 17.44 -25.52 7.57
CA ASN A 587 16.09 -25.16 7.44
C ASN A 587 15.91 -24.28 6.14
N LEU A 588 16.88 -23.40 5.81
CA LEU A 588 16.77 -22.50 4.63
C LEU A 588 16.78 -23.03 3.18
N SER A 589 16.96 -24.23 3.16
CA SER A 589 16.90 -24.85 1.95
C SER A 589 15.42 -24.88 1.58
N TYR A 590 14.55 -24.46 2.56
CA TYR A 590 13.12 -24.38 2.33
C TYR A 590 12.56 -23.04 1.83
N SER A 591 13.38 -22.23 1.20
CA SER A 591 12.98 -21.00 0.59
C SER A 591 12.07 -21.36 -0.58
N SER A 592 11.08 -20.57 -0.85
CA SER A 592 10.32 -20.81 -2.05
C SER A 592 11.03 -20.64 -3.41
N THR A 593 12.06 -19.79 -3.48
CA THR A 593 12.75 -19.54 -4.76
C THR A 593 13.91 -20.44 -4.85
N PHE A 594 13.94 -21.24 -5.92
CA PHE A 594 14.92 -22.24 -6.19
C PHE A 594 16.30 -21.76 -6.11
N GLU A 595 16.58 -20.56 -6.45
CA GLU A 595 17.88 -20.07 -6.44
C GLU A 595 18.39 -20.07 -5.05
N VAL A 596 17.72 -19.32 -4.14
CA VAL A 596 18.14 -19.10 -2.84
C VAL A 596 18.25 -20.36 -2.21
N GLN A 597 17.22 -21.25 -2.45
CA GLN A 597 17.19 -22.56 -1.84
C GLN A 597 18.47 -23.26 -2.11
N GLU A 598 18.89 -23.31 -3.40
CA GLU A 598 20.03 -24.06 -3.76
C GLU A 598 21.20 -23.45 -3.22
N ARG A 599 21.14 -22.08 -2.99
CA ARG A 599 22.28 -21.39 -2.46
C ARG A 599 22.60 -21.82 -1.08
N SER A 600 21.55 -21.97 -0.20
CA SER A 600 21.73 -22.32 1.16
C SER A 600 22.22 -23.67 1.22
N VAL A 601 21.46 -24.66 0.67
CA VAL A 601 21.77 -26.12 0.70
C VAL A 601 23.19 -26.24 0.27
N GLU A 602 23.66 -25.22 -0.24
CA GLU A 602 24.96 -25.59 -0.53
C GLU A 602 25.88 -25.62 0.59
N VAL A 603 25.65 -24.64 1.62
CA VAL A 603 26.47 -24.37 2.75
C VAL A 603 26.25 -25.39 3.76
N LEU A 604 24.96 -25.84 3.96
CA LEU A 604 24.67 -26.89 4.90
C LEU A 604 25.57 -27.99 4.74
N GLU A 605 25.84 -28.42 3.48
CA GLU A 605 26.64 -29.58 3.30
C GLU A 605 28.01 -29.25 3.66
N PHE A 606 28.33 -27.89 3.49
CA PHE A 606 29.69 -27.48 3.69
C PHE A 606 30.19 -27.66 5.03
N LEU A 607 29.27 -27.37 5.98
CA LEU A 607 29.54 -27.47 7.34
C LEU A 607 29.76 -28.83 7.70
N ARG A 608 28.75 -29.74 7.46
CA ARG A 608 28.89 -31.06 7.90
C ARG A 608 30.25 -31.52 7.67
N LEU A 609 30.95 -30.83 6.69
CA LEU A 609 32.27 -31.23 6.37
C LEU A 609 33.22 -30.81 7.38
N SER A 610 33.22 -29.49 7.68
CA SER A 610 34.17 -28.96 8.59
C SER A 610 34.27 -29.78 9.77
N LEU A 611 33.15 -30.51 10.09
CA LEU A 611 33.14 -31.31 11.25
C LEU A 611 34.03 -32.41 11.08
N GLU A 612 34.08 -33.00 9.84
CA GLU A 612 34.90 -34.11 9.71
C GLU A 612 36.29 -33.69 9.73
N ALA A 613 36.52 -32.36 9.35
CA ALA A 613 37.85 -31.95 9.29
C ALA A 613 38.45 -31.83 10.59
N LEU A 614 37.74 -31.13 11.55
CA LEU A 614 38.28 -30.98 12.84
C LEU A 614 38.57 -32.27 13.48
N GLU A 615 37.94 -33.33 12.93
CA GLU A 615 38.23 -34.50 13.62
C GLU A 615 39.62 -34.94 13.33
N GLU A 616 40.03 -34.71 12.07
CA GLU A 616 41.33 -35.20 11.75
C GLU A 616 42.45 -34.32 12.27
N ASP A 617 42.20 -32.98 12.19
CA ASP A 617 43.16 -32.03 12.66
C ASP A 617 42.65 -30.96 13.47
N THR A 618 43.63 -30.20 13.93
CA THR A 618 43.20 -29.01 14.50
C THR A 618 43.59 -27.93 13.54
N GLU A 619 44.96 -27.78 13.35
CA GLU A 619 45.49 -26.70 12.51
C GLU A 619 45.22 -26.85 11.10
N GLY A 620 45.20 -28.05 10.68
CA GLY A 620 44.97 -28.18 9.31
C GLY A 620 43.63 -27.84 8.77
N LEU A 621 42.67 -27.39 9.64
CA LEU A 621 41.27 -27.11 9.29
C LEU A 621 41.01 -26.00 8.28
N PRO A 622 41.80 -25.02 8.27
CA PRO A 622 41.13 -24.39 7.18
C PRO A 622 41.14 -25.08 5.85
N MET A 623 42.22 -25.92 5.60
CA MET A 623 42.50 -26.46 4.31
C MET A 623 41.66 -27.53 4.03
N LEU A 624 41.35 -28.22 5.12
CA LEU A 624 40.49 -29.32 4.98
C LEU A 624 39.23 -28.89 4.48
N LEU A 625 38.68 -27.75 5.02
CA LEU A 625 37.39 -27.27 4.57
C LEU A 625 37.57 -26.96 3.07
N SER A 626 38.65 -26.29 2.69
CA SER A 626 38.56 -26.11 1.27
C SER A 626 38.66 -27.37 0.51
N GLU A 627 38.72 -28.50 1.20
CA GLU A 627 38.78 -29.67 0.40
C GLU A 627 37.43 -30.16 0.08
N VAL A 628 36.61 -30.37 1.13
CA VAL A 628 35.42 -31.04 0.91
C VAL A 628 34.42 -30.17 0.36
N LEU A 629 34.34 -28.91 0.87
CA LEU A 629 33.33 -27.97 0.53
C LEU A 629 33.38 -27.87 -1.03
N PRO A 630 34.58 -27.69 -1.59
CA PRO A 630 34.07 -27.55 -2.94
C PRO A 630 33.46 -28.74 -3.48
N SER A 631 33.78 -29.96 -2.87
CA SER A 631 33.29 -31.14 -3.48
C SER A 631 31.88 -31.24 -3.55
N PHE A 632 31.20 -30.93 -2.42
CA PHE A 632 29.80 -30.92 -2.20
C PHE A 632 29.19 -30.03 -3.11
N PHE A 633 29.82 -28.82 -3.22
CA PHE A 633 29.23 -27.81 -4.01
C PHE A 633 29.15 -28.38 -5.35
N ASN A 634 30.18 -29.18 -5.83
CA ASN A 634 30.04 -29.55 -7.18
C ASN A 634 29.05 -30.59 -7.31
N ALA A 635 28.95 -31.52 -6.32
CA ALA A 635 28.02 -32.55 -6.54
C ALA A 635 26.72 -32.13 -6.83
N TYR A 636 26.26 -31.00 -6.19
CA TYR A 636 24.91 -30.48 -6.25
C TYR A 636 24.68 -29.83 -7.53
N GLU A 637 25.69 -29.06 -7.91
CA GLU A 637 25.66 -28.42 -9.17
C GLU A 637 25.93 -29.52 -10.18
N LEU A 638 26.28 -30.77 -9.75
CA LEU A 638 26.59 -31.39 -10.95
C LEU A 638 25.30 -32.18 -11.21
N MET B 1 7.17 5.49 9.21
CA MET B 1 6.63 4.18 8.84
C MET B 1 5.25 3.99 9.45
N VAL B 2 5.22 3.62 10.73
CA VAL B 2 3.96 3.41 11.43
C VAL B 2 3.17 4.70 11.52
N ASP B 3 3.87 5.83 11.48
CA ASP B 3 3.23 7.13 11.56
C ASP B 3 2.07 7.24 10.58
N SER B 4 2.39 7.50 9.32
CA SER B 4 1.37 7.63 8.29
C SER B 4 0.26 6.60 8.48
N ILE B 5 0.65 5.34 8.61
CA ILE B 5 -0.30 4.25 8.79
C ILE B 5 -1.31 4.59 9.89
N HIS B 6 -0.79 4.99 11.05
CA HIS B 6 -1.65 5.34 12.18
C HIS B 6 -2.50 6.56 11.88
N ARG B 7 -1.84 7.66 11.51
CA ARG B 7 -2.54 8.89 11.19
C ARG B 7 -3.76 8.60 10.32
N ILE B 8 -3.51 8.09 9.12
CA ILE B 8 -4.58 7.75 8.19
C ILE B 8 -5.81 7.27 8.95
N ALA B 9 -5.58 6.45 9.97
CA ALA B 9 -6.67 5.93 10.79
C ALA B 9 -7.07 6.94 11.86
N SER B 10 -6.13 7.27 12.74
CA SER B 10 -6.37 8.22 13.81
C SER B 10 -7.22 9.38 13.30
N ALA B 11 -6.68 10.16 12.37
CA ALA B 11 -7.39 11.30 11.82
C ALA B 11 -8.90 11.03 11.77
N LEU B 12 -9.27 9.93 11.15
CA LEU B 12 -10.69 9.56 11.03
C LEU B 12 -11.21 9.04 12.37
N ASP B 13 -10.34 8.41 13.14
CA ASP B 13 -10.71 7.87 14.44
C ASP B 13 -11.40 8.94 15.29
N THR B 14 -10.63 9.93 15.72
CA THR B 14 -11.16 11.01 16.54
C THR B 14 -12.58 11.38 16.12
N ALA B 15 -12.69 12.38 15.24
CA ALA B 15 -13.98 12.82 14.76
C ALA B 15 -14.87 11.64 14.39
N LYS B 16 -14.28 10.46 14.22
CA LYS B 16 -15.09 9.29 13.90
C LYS B 16 -15.55 8.58 15.19
N VAL B 17 -16.81 8.73 15.58
CA VAL B 17 -17.79 9.58 14.94
C VAL B 17 -18.33 10.38 16.12
N ILE B 18 -18.65 11.67 15.84
CA ILE B 18 -19.14 12.69 16.83
C ILE B 18 -18.61 12.21 18.15
N THR B 19 -17.38 12.71 18.42
CA THR B 19 -16.49 12.32 19.54
C THR B 19 -17.19 11.06 20.01
N ARG B 20 -16.49 9.96 20.30
CA ARG B 20 -17.20 8.67 20.58
C ARG B 20 -18.39 8.64 21.63
N GLU B 21 -17.93 8.76 22.86
CA GLU B 21 -18.63 8.43 24.14
C GLU B 21 -19.20 9.52 24.99
N ALA B 22 -18.62 10.68 24.78
CA ALA B 22 -19.08 11.95 25.17
C ALA B 22 -20.23 12.01 24.14
N ALA B 23 -20.01 11.82 22.79
CA ALA B 23 -21.33 11.80 22.01
C ALA B 23 -22.08 10.51 22.33
N ALA B 24 -21.39 9.59 22.97
CA ALA B 24 -22.01 8.33 23.36
C ALA B 24 -23.10 8.53 24.40
N VAL B 25 -22.85 9.38 25.40
CA VAL B 25 -23.87 9.63 26.45
C VAL B 25 -24.86 10.70 26.00
N ALA B 26 -24.31 11.85 25.66
CA ALA B 26 -25.03 13.00 25.15
C ALA B 26 -26.09 12.57 24.15
N THR B 27 -25.72 11.78 23.15
CA THR B 27 -26.74 11.34 22.17
C THR B 27 -26.76 9.81 22.01
N SER B 28 -27.24 9.06 23.01
CA SER B 28 -27.36 7.61 23.33
C SER B 28 -28.63 6.85 22.82
N LYS B 29 -29.70 7.60 22.54
CA LYS B 29 -31.07 7.11 22.11
C LYS B 29 -31.98 6.90 23.34
N LEU B 30 -33.06 6.09 23.43
CA LEU B 30 -33.62 6.23 24.77
C LEU B 30 -32.57 5.94 25.83
N GLY B 31 -32.06 4.72 25.85
CA GLY B 31 -31.04 4.34 26.82
C GLY B 31 -29.71 4.92 26.40
N GLU B 32 -29.69 6.23 26.16
CA GLU B 32 -28.44 6.91 25.75
C GLU B 32 -27.60 7.53 26.80
N SER B 33 -28.14 7.31 27.98
CA SER B 33 -27.44 7.79 29.24
C SER B 33 -26.64 6.77 30.05
N SER B 34 -26.82 5.43 29.70
CA SER B 34 -26.22 4.29 30.34
C SER B 34 -24.80 4.47 30.11
N TYR B 35 -24.50 5.22 28.98
CA TYR B 35 -23.23 5.34 28.38
C TYR B 35 -22.45 6.03 29.30
N THR B 36 -23.20 6.82 30.17
CA THR B 36 -22.41 7.63 31.13
C THR B 36 -22.36 6.98 32.45
N TYR B 37 -23.34 6.08 32.79
CA TYR B 37 -23.43 5.41 34.04
C TYR B 37 -22.51 4.26 33.93
N TYR B 38 -23.07 3.09 33.61
CA TYR B 38 -22.15 2.05 33.54
C TYR B 38 -20.86 2.50 32.81
N SER B 39 -20.95 3.57 32.03
CA SER B 39 -19.79 4.10 31.32
C SER B 39 -18.93 4.80 32.36
N GLN B 40 -19.62 5.52 33.25
CA GLN B 40 -18.97 6.20 34.36
C GLN B 40 -19.53 5.51 35.59
N ASN B 41 -19.11 4.26 35.78
CA ASN B 41 -19.54 3.39 36.88
C ASN B 41 -21.04 3.08 36.84
N ILE B 42 -21.41 2.01 36.15
CA ILE B 42 -22.36 1.05 36.68
C ILE B 42 -22.02 0.94 38.14
N ASN B 43 -20.85 0.38 38.43
CA ASN B 43 -20.39 0.31 39.78
C ASN B 43 -20.51 -1.11 40.21
N PRO B 44 -19.49 -1.67 40.97
CA PRO B 44 -19.56 -3.00 41.57
C PRO B 44 -20.69 -3.22 42.46
N GLN B 45 -21.01 -2.18 43.31
CA GLN B 45 -22.10 -2.29 44.23
C GLN B 45 -23.33 -2.77 43.60
N GLN B 46 -23.58 -2.26 42.37
CA GLN B 46 -24.76 -2.50 41.63
C GLN B 46 -24.77 -3.88 41.30
N LEU B 47 -23.61 -4.53 41.71
CA LEU B 47 -23.38 -5.90 41.33
C LEU B 47 -23.47 -6.77 42.51
N VAL B 48 -22.43 -6.66 43.40
CA VAL B 48 -22.34 -7.42 44.57
C VAL B 48 -23.60 -7.44 45.27
N THR B 49 -24.06 -6.29 45.81
CA THR B 49 -25.30 -6.24 46.46
C THR B 49 -26.31 -7.12 45.80
N LEU B 50 -26.32 -7.13 44.45
CA LEU B 50 -27.34 -7.79 43.70
C LEU B 50 -26.98 -9.24 43.68
N LEU B 51 -25.74 -9.55 43.99
CA LEU B 51 -25.38 -10.93 44.15
C LEU B 51 -25.67 -11.29 45.58
N ASN B 52 -25.54 -10.37 46.58
CA ASN B 52 -25.78 -11.13 47.73
C ASN B 52 -27.24 -11.33 47.98
N SER B 53 -28.06 -10.84 47.08
CA SER B 53 -29.43 -11.10 47.31
C SER B 53 -29.51 -12.60 46.89
N ARG B 54 -30.23 -13.43 47.57
CA ARG B 54 -30.46 -14.87 47.36
C ARG B 54 -31.20 -15.48 46.12
N ASN B 55 -31.89 -14.65 45.39
CA ASN B 55 -32.76 -14.82 44.20
C ASN B 55 -31.91 -14.74 43.02
N SER B 56 -32.14 -15.79 42.22
CA SER B 56 -31.54 -16.28 40.99
C SER B 56 -31.99 -15.23 39.95
N ARG B 57 -32.95 -14.45 40.29
CA ARG B 57 -33.16 -13.64 39.11
C ARG B 57 -32.26 -12.42 39.24
N GLU B 58 -32.09 -11.94 40.51
CA GLU B 58 -31.38 -10.72 40.85
C GLU B 58 -29.94 -10.87 40.62
N VAL B 59 -29.45 -12.12 40.68
CA VAL B 59 -28.04 -12.46 40.55
C VAL B 59 -27.72 -12.41 39.14
N ARG B 60 -28.77 -12.37 38.27
CA ARG B 60 -28.68 -12.32 36.84
C ARG B 60 -28.27 -10.95 36.46
N ASP B 61 -29.16 -9.92 36.72
CA ASP B 61 -28.79 -8.58 36.33
C ASP B 61 -27.45 -8.24 36.81
N ALA B 62 -27.14 -8.67 38.07
CA ALA B 62 -25.90 -8.38 38.65
C ALA B 62 -24.82 -9.11 38.02
N MET B 63 -25.20 -10.22 37.30
CA MET B 63 -24.21 -11.02 36.73
C MET B 63 -23.89 -10.50 35.42
N LYS B 64 -24.83 -9.70 34.84
CA LYS B 64 -24.60 -9.22 33.54
C LYS B 64 -23.44 -8.32 33.46
N ARG B 65 -23.57 -7.14 34.16
CA ARG B 65 -22.57 -6.13 34.07
C ARG B 65 -21.35 -6.52 34.78
N ILE B 66 -21.57 -7.41 35.77
CA ILE B 66 -20.58 -7.86 36.68
C ILE B 66 -19.46 -8.36 35.98
N ILE B 67 -19.70 -8.79 34.74
CA ILE B 67 -18.70 -9.33 33.89
C ILE B 67 -17.86 -8.31 33.37
N SER B 68 -18.38 -7.05 33.24
CA SER B 68 -17.60 -5.96 32.73
C SER B 68 -16.48 -5.61 33.67
N ILE B 69 -16.83 -5.20 34.93
CA ILE B 69 -15.89 -4.82 35.96
C ILE B 69 -14.82 -5.92 35.98
N MET B 70 -15.25 -7.16 36.07
CA MET B 70 -14.14 -8.03 36.09
C MET B 70 -13.25 -7.80 34.87
N ALA B 71 -13.81 -7.48 33.72
CA ALA B 71 -13.03 -7.35 32.51
C ALA B 71 -12.00 -6.24 32.45
N SER B 72 -12.28 -5.24 33.27
CA SER B 72 -11.51 -4.04 33.44
C SER B 72 -10.35 -4.28 34.27
N ASP B 73 -10.21 -5.49 34.70
CA ASP B 73 -9.16 -5.74 35.57
C ASP B 73 -9.22 -4.85 36.67
N ASP B 74 -10.43 -4.49 37.17
CA ASP B 74 -10.20 -3.65 38.33
C ASP B 74 -9.94 -4.70 39.29
N ASP B 75 -8.72 -4.73 39.59
CA ASP B 75 -7.87 -5.55 40.36
C ASP B 75 -7.84 -5.52 41.83
N SER B 76 -8.47 -4.55 42.22
CA SER B 76 -8.67 -4.02 43.47
C SER B 76 -9.85 -4.74 44.03
N ILE B 77 -10.61 -5.33 43.13
CA ILE B 77 -11.94 -5.68 43.27
C ILE B 77 -11.99 -7.11 43.58
N ASP B 78 -12.19 -7.41 44.90
CA ASP B 78 -11.95 -8.79 45.29
C ASP B 78 -12.34 -9.61 44.11
N VAL B 79 -11.48 -9.50 43.13
CA VAL B 79 -12.29 -10.36 42.37
C VAL B 79 -12.72 -11.64 42.92
N GLN B 80 -12.02 -12.21 43.96
CA GLN B 80 -12.54 -13.41 44.55
C GLN B 80 -13.96 -13.48 44.99
N LEU B 81 -14.43 -12.36 45.53
CA LEU B 81 -15.76 -12.46 45.86
C LEU B 81 -16.68 -12.53 44.67
N TYR B 82 -16.41 -11.60 43.67
CA TYR B 82 -17.40 -11.73 42.78
C TYR B 82 -17.12 -13.07 42.32
N PHE B 83 -15.94 -13.49 42.67
CA PHE B 83 -15.95 -14.60 41.90
C PHE B 83 -16.74 -15.67 42.48
N ALA B 84 -16.54 -15.60 43.92
CA ALA B 84 -17.16 -16.55 44.84
C ALA B 84 -18.59 -16.45 44.88
N ASP B 85 -19.10 -15.21 44.99
CA ASP B 85 -20.51 -15.16 45.09
C ASP B 85 -21.21 -15.76 43.96
N VAL B 86 -20.68 -15.43 42.78
CA VAL B 86 -21.20 -15.85 41.50
C VAL B 86 -21.06 -17.31 41.41
N VAL B 87 -19.99 -17.88 42.00
CA VAL B 87 -19.77 -19.33 42.05
C VAL B 87 -20.87 -19.82 42.94
N LYS B 88 -20.98 -19.36 44.18
CA LYS B 88 -22.03 -20.07 44.89
C LYS B 88 -23.34 -19.96 44.07
N ASN B 89 -23.69 -18.74 43.57
CA ASN B 89 -24.97 -18.45 42.92
C ASN B 89 -25.26 -19.27 41.70
N ILE B 90 -24.24 -19.84 41.05
CA ILE B 90 -24.15 -20.76 39.91
C ILE B 90 -24.84 -21.96 40.38
N THR B 91 -24.97 -22.15 41.65
CA THR B 91 -25.62 -23.37 41.95
C THR B 91 -27.17 -23.33 41.97
N THR B 92 -27.71 -22.13 41.78
CA THR B 92 -29.10 -21.67 41.63
C THR B 92 -29.67 -22.43 40.51
N ASN B 93 -30.96 -22.50 40.46
CA ASN B 93 -31.48 -23.32 39.44
C ASN B 93 -31.92 -22.64 38.14
N ASP B 94 -31.55 -21.40 37.97
CA ASP B 94 -31.92 -20.53 36.84
C ASP B 94 -30.87 -20.59 35.80
N THR B 95 -31.29 -20.68 34.55
CA THR B 95 -30.44 -20.81 33.45
C THR B 95 -29.77 -19.54 33.08
N LYS B 96 -30.50 -18.41 33.04
CA LYS B 96 -29.93 -17.17 32.57
C LYS B 96 -28.81 -16.79 33.43
N VAL B 97 -29.01 -17.06 34.75
CA VAL B 97 -28.06 -16.73 35.75
C VAL B 97 -26.86 -17.50 35.47
N LYS B 98 -27.05 -18.87 35.32
CA LYS B 98 -25.88 -19.69 35.11
C LYS B 98 -25.07 -19.15 34.00
N ARG B 99 -25.77 -18.52 32.98
CA ARG B 99 -25.06 -18.07 31.84
C ARG B 99 -24.15 -17.01 32.16
N LEU B 100 -24.68 -15.86 32.68
CA LEU B 100 -23.85 -14.80 33.02
C LEU B 100 -22.69 -15.17 33.84
N ILE B 101 -22.96 -16.03 34.84
CA ILE B 101 -22.02 -16.32 35.89
C ILE B 101 -20.79 -16.86 35.22
N HIS B 102 -21.01 -17.82 34.27
CA HIS B 102 -20.08 -18.53 33.38
C HIS B 102 -19.42 -17.40 32.56
N LEU B 103 -20.19 -16.53 32.10
CA LEU B 103 -19.35 -15.59 31.40
C LEU B 103 -18.24 -15.02 32.26
N TYR B 104 -18.61 -14.61 33.46
CA TYR B 104 -17.67 -14.09 34.37
C TYR B 104 -16.43 -14.89 34.60
N LEU B 105 -16.65 -16.09 35.23
CA LEU B 105 -15.66 -17.15 35.47
C LEU B 105 -14.76 -17.17 34.25
N LEU B 106 -15.34 -17.09 33.13
CA LEU B 106 -14.31 -17.24 32.17
C LEU B 106 -13.34 -16.03 32.35
N ARG B 107 -13.90 -14.77 32.61
CA ARG B 107 -12.94 -13.64 32.66
C ARG B 107 -11.71 -13.87 33.69
N PHE B 108 -12.05 -14.04 34.95
CA PHE B 108 -11.15 -14.24 36.07
C PHE B 108 -10.07 -15.20 35.68
N ALA B 109 -10.50 -16.22 35.16
CA ALA B 109 -9.43 -17.06 34.79
C ALA B 109 -8.69 -16.34 33.79
N GLU B 110 -9.32 -15.45 33.04
CA GLU B 110 -8.27 -15.10 32.13
C GLU B 110 -7.08 -14.59 32.94
N ASN B 111 -7.31 -13.81 33.98
CA ASN B 111 -6.06 -13.33 34.73
C ASN B 111 -5.28 -14.09 35.90
N ASP B 112 -6.02 -14.65 36.81
CA ASP B 112 -5.72 -15.34 38.11
C ASP B 112 -5.94 -16.84 38.45
N PRO B 113 -4.88 -17.67 38.64
CA PRO B 113 -4.95 -19.10 38.94
C PRO B 113 -5.65 -19.47 40.23
N ASN B 114 -5.68 -18.63 41.28
CA ASN B 114 -6.28 -19.26 42.40
C ASN B 114 -7.79 -19.36 42.17
N LEU B 115 -8.34 -18.20 41.73
CA LEU B 115 -9.72 -17.93 41.67
C LEU B 115 -10.30 -18.82 40.76
N THR B 116 -9.44 -19.03 39.67
CA THR B 116 -9.79 -19.99 38.63
C THR B 116 -10.14 -21.25 39.27
N LEU B 117 -9.61 -21.50 40.50
CA LEU B 117 -9.83 -22.74 41.15
C LEU B 117 -11.19 -22.76 41.76
N LEU B 118 -11.55 -21.67 42.51
CA LEU B 118 -12.82 -21.66 43.18
C LEU B 118 -13.97 -21.89 42.22
N SER B 119 -13.97 -21.06 41.14
CA SER B 119 -14.97 -20.95 40.13
C SER B 119 -15.27 -22.29 39.65
N ILE B 120 -14.30 -23.22 39.81
CA ILE B 120 -14.39 -24.57 39.38
C ILE B 120 -15.11 -25.27 40.45
N ASN B 121 -14.82 -25.02 41.77
CA ASN B 121 -15.53 -25.74 42.81
C ASN B 121 -17.04 -25.60 42.63
N SER B 122 -17.51 -24.34 42.44
CA SER B 122 -18.93 -24.05 42.38
C SER B 122 -19.58 -24.88 41.33
N LEU B 123 -18.98 -24.80 40.10
CA LEU B 123 -19.45 -25.47 38.94
C LEU B 123 -19.56 -26.86 39.28
N GLN B 124 -18.86 -27.37 40.37
CA GLN B 124 -18.97 -28.76 40.73
C GLN B 124 -20.31 -28.99 41.38
N LYS B 125 -20.63 -28.18 42.44
CA LYS B 125 -21.83 -28.47 43.21
C LYS B 125 -23.05 -28.50 42.25
N SER B 126 -23.21 -27.44 41.50
CA SER B 126 -24.25 -27.21 40.48
C SER B 126 -24.21 -28.28 39.35
N LEU B 127 -23.06 -28.76 39.13
CA LEU B 127 -22.94 -29.78 38.14
C LEU B 127 -23.49 -30.97 38.96
N SER B 128 -23.34 -31.04 40.30
CA SER B 128 -23.93 -32.31 40.74
C SER B 128 -25.53 -32.41 40.84
N ASP B 129 -26.26 -31.29 40.67
CA ASP B 129 -27.69 -31.03 40.59
C ASP B 129 -28.21 -31.79 39.41
N SER B 130 -29.39 -32.23 39.44
CA SER B 130 -29.94 -32.78 38.24
C SER B 130 -30.24 -31.78 37.06
N ASN B 131 -30.14 -30.44 37.23
CA ASN B 131 -30.58 -29.53 36.11
C ASN B 131 -29.56 -29.36 35.06
N SER B 132 -29.96 -29.88 33.87
CA SER B 132 -29.26 -29.94 32.62
C SER B 132 -29.19 -28.52 32.04
N GLU B 133 -30.07 -27.68 32.47
CA GLU B 133 -29.75 -26.51 31.69
C GLU B 133 -28.55 -25.85 32.24
N LEU B 134 -28.42 -25.95 33.62
CA LEU B 134 -27.37 -25.29 34.34
C LEU B 134 -26.14 -26.03 34.25
N ARG B 135 -26.20 -27.33 34.67
CA ARG B 135 -25.03 -28.16 34.69
C ARG B 135 -24.24 -27.94 33.50
N CYS B 136 -24.89 -27.35 32.44
CA CYS B 136 -24.28 -27.12 31.17
C CYS B 136 -23.41 -25.94 31.23
N PHE B 137 -24.04 -24.72 31.13
CA PHE B 137 -23.30 -23.48 31.06
C PHE B 137 -22.22 -23.50 32.04
N ALA B 138 -22.55 -23.96 33.29
CA ALA B 138 -21.66 -24.01 34.38
C ALA B 138 -20.47 -24.73 33.99
N LEU B 139 -20.63 -25.92 33.29
CA LEU B 139 -19.49 -26.63 32.94
C LEU B 139 -18.80 -25.95 31.89
N SER B 140 -19.44 -24.92 31.23
CA SER B 140 -18.81 -24.28 30.13
C SER B 140 -17.70 -23.44 30.63
N ALA B 141 -18.02 -22.47 31.53
CA ALA B 141 -16.95 -21.66 32.02
C ALA B 141 -15.85 -22.54 32.51
N LEU B 142 -16.20 -23.56 33.28
CA LEU B 142 -15.09 -24.31 33.69
C LEU B 142 -14.21 -24.57 32.50
N SER B 143 -14.76 -24.39 31.34
CA SER B 143 -13.73 -24.71 30.44
C SER B 143 -13.07 -23.44 29.94
N ASP B 144 -13.83 -22.36 29.61
CA ASP B 144 -12.88 -21.38 29.18
C ASP B 144 -11.89 -20.88 30.23
N MET B 145 -11.43 -21.72 31.15
CA MET B 145 -10.55 -21.15 32.07
C MET B 145 -9.20 -21.53 31.49
N LYS B 146 -8.06 -20.91 31.56
CA LYS B 146 -7.08 -21.83 30.94
C LYS B 146 -6.41 -22.67 32.04
N MET B 147 -6.80 -23.75 32.67
CA MET B 147 -5.72 -23.87 33.69
C MET B 147 -5.49 -25.31 34.20
N SER B 148 -4.48 -25.55 35.02
CA SER B 148 -4.54 -27.01 35.16
C SER B 148 -5.16 -27.46 36.44
N SER B 149 -4.98 -26.68 37.55
CA SER B 149 -5.61 -27.03 38.83
C SER B 149 -7.07 -27.05 38.88
N LEU B 150 -7.68 -26.89 37.74
CA LEU B 150 -9.01 -26.86 37.87
C LEU B 150 -9.59 -28.18 37.64
N ALA B 151 -8.82 -29.30 37.95
CA ALA B 151 -9.33 -30.57 37.55
C ALA B 151 -10.00 -31.41 38.51
N PRO B 152 -9.58 -31.43 39.80
CA PRO B 152 -10.15 -32.24 40.85
C PRO B 152 -11.58 -31.95 41.18
N ILE B 153 -12.16 -31.02 40.39
CA ILE B 153 -13.44 -30.47 40.58
C ILE B 153 -14.18 -30.78 39.43
N ILE B 154 -13.91 -29.91 38.42
CA ILE B 154 -14.56 -29.99 37.18
C ILE B 154 -14.91 -31.40 36.98
N LEU B 155 -14.18 -32.39 37.60
CA LEU B 155 -14.39 -33.79 37.40
C LEU B 155 -15.58 -34.23 38.06
N HIS B 156 -15.49 -34.57 39.40
CA HIS B 156 -16.63 -35.07 40.12
C HIS B 156 -17.91 -34.58 39.52
N THR B 157 -17.83 -33.36 38.90
CA THR B 157 -18.91 -32.71 38.24
C THR B 157 -19.18 -33.36 36.97
N VAL B 158 -18.35 -33.09 35.93
CA VAL B 158 -18.54 -33.59 34.65
C VAL B 158 -19.04 -34.92 34.82
N LYS B 159 -18.74 -35.62 35.98
CA LYS B 159 -19.24 -36.95 36.09
C LYS B 159 -20.72 -36.94 36.09
N LYS B 160 -21.33 -36.13 36.99
CA LYS B 160 -22.75 -36.23 37.05
C LYS B 160 -23.43 -35.51 35.90
N LEU B 161 -22.61 -34.79 35.10
CA LEU B 161 -23.19 -33.97 34.12
C LEU B 161 -23.37 -34.74 32.85
N VAL B 162 -22.49 -35.73 32.64
CA VAL B 162 -22.79 -36.61 31.59
C VAL B 162 -23.81 -37.52 32.15
N THR B 163 -23.79 -37.74 33.51
CA THR B 163 -24.74 -38.72 33.52
C THR B 163 -26.14 -38.18 33.34
N ASP B 164 -26.20 -36.99 32.77
CA ASP B 164 -27.53 -36.44 32.46
C ASP B 164 -27.85 -36.60 30.97
N PRO B 165 -29.02 -37.02 30.56
CA PRO B 165 -29.35 -37.18 29.11
C PRO B 165 -29.44 -35.93 28.14
N SER B 166 -29.48 -34.75 28.72
CA SER B 166 -29.67 -33.39 28.11
C SER B 166 -28.50 -32.90 27.41
N ALA B 167 -28.80 -32.29 26.28
CA ALA B 167 -28.05 -31.82 25.19
C ALA B 167 -27.41 -30.57 25.57
N MET B 168 -28.06 -29.74 26.34
CA MET B 168 -27.46 -28.50 26.79
C MET B 168 -26.20 -28.81 27.56
N VAL B 169 -26.32 -29.85 28.48
CA VAL B 169 -25.43 -30.17 29.55
C VAL B 169 -24.42 -30.90 28.90
N ARG B 170 -24.82 -31.90 28.07
CA ARG B 170 -23.95 -32.71 27.19
C ARG B 170 -22.97 -31.75 26.37
N GLY B 171 -23.46 -30.56 26.02
CA GLY B 171 -22.59 -29.72 25.23
C GLY B 171 -21.56 -29.25 26.21
N GLU B 172 -22.00 -28.50 27.21
CA GLU B 172 -21.17 -27.98 28.32
C GLU B 172 -20.35 -29.11 29.04
N VAL B 173 -20.91 -30.27 29.19
CA VAL B 173 -20.07 -31.05 30.04
C VAL B 173 -18.80 -31.32 29.34
N ALA B 174 -18.77 -31.17 28.02
CA ALA B 174 -17.57 -31.31 27.15
C ALA B 174 -16.70 -30.05 27.36
N LEU B 175 -17.32 -28.94 27.41
CA LEU B 175 -16.29 -27.94 27.53
C LEU B 175 -15.40 -28.17 28.73
N ALA B 176 -16.03 -28.36 29.92
CA ALA B 176 -15.38 -28.60 31.18
C ALA B 176 -14.39 -29.73 31.07
N ILE B 177 -14.87 -31.02 31.25
CA ILE B 177 -14.03 -32.19 31.21
C ILE B 177 -12.81 -31.86 30.53
N ILE B 178 -12.92 -30.96 29.54
CA ILE B 178 -11.79 -30.60 28.74
C ILE B 178 -11.03 -29.56 29.44
N LYS B 179 -11.20 -28.25 29.04
CA LYS B 179 -10.46 -27.25 29.72
C LYS B 179 -10.12 -27.59 31.14
N LEU B 180 -10.39 -28.78 31.67
CA LEU B 180 -10.04 -29.12 33.04
C LEU B 180 -9.16 -30.37 32.98
N TYR B 181 -9.41 -31.17 31.96
CA TYR B 181 -8.68 -32.40 31.71
C TYR B 181 -7.24 -32.13 31.32
N ARG B 182 -6.96 -30.93 30.83
CA ARG B 182 -5.59 -30.61 30.47
C ARG B 182 -4.67 -30.67 31.70
N ALA B 183 -5.13 -30.17 32.84
CA ALA B 183 -4.31 -30.14 34.06
C ALA B 183 -4.58 -31.13 35.22
N GLY B 184 -5.50 -32.08 35.08
CA GLY B 184 -5.75 -33.01 36.18
C GLY B 184 -5.81 -34.50 35.93
N LYS B 185 -4.67 -35.10 35.60
CA LYS B 185 -4.57 -36.54 35.34
C LYS B 185 -4.78 -37.53 36.51
N ASN B 186 -4.24 -37.20 37.68
CA ASN B 186 -4.30 -38.09 38.85
C ASN B 186 -5.65 -38.47 39.49
N ASP B 187 -6.54 -37.50 39.64
CA ASP B 187 -7.80 -37.74 40.23
C ASP B 187 -8.78 -37.58 39.27
N TYR B 188 -8.26 -37.45 38.05
CA TYR B 188 -9.47 -37.20 37.35
C TYR B 188 -9.94 -38.06 36.31
N HIS B 189 -9.05 -38.66 35.60
CA HIS B 189 -9.44 -39.36 34.48
C HIS B 189 -10.44 -40.43 34.54
N GLU B 190 -10.77 -41.02 35.77
CA GLU B 190 -11.68 -42.13 35.69
C GLU B 190 -13.01 -41.79 35.19
N GLU B 191 -13.48 -40.62 35.69
CA GLU B 191 -14.78 -40.26 35.36
C GLU B 191 -14.81 -39.44 34.18
N LEU B 192 -13.83 -38.46 34.19
CA LEU B 192 -13.86 -37.54 33.15
C LEU B 192 -14.03 -38.14 31.87
N LEU B 193 -14.26 -39.49 31.88
CA LEU B 193 -14.50 -40.15 30.66
C LEU B 193 -15.87 -40.58 30.57
N ASP B 194 -16.21 -41.69 31.31
CA ASP B 194 -17.52 -42.21 31.13
C ASP B 194 -18.52 -41.14 30.99
N ILE B 195 -17.99 -39.95 30.64
CA ILE B 195 -18.80 -38.80 30.54
C ILE B 195 -18.76 -38.25 29.20
N LEU B 196 -17.72 -37.40 28.92
CA LEU B 196 -17.59 -36.80 27.65
C LEU B 196 -18.28 -37.61 26.65
N LYS B 197 -18.40 -38.96 26.89
CA LYS B 197 -19.01 -39.78 25.92
C LYS B 197 -20.45 -39.41 25.80
N GLU B 198 -21.33 -40.30 26.38
CA GLU B 198 -22.73 -40.06 26.28
C GLU B 198 -22.98 -38.65 25.83
N LEU B 199 -22.10 -37.77 26.18
CA LEU B 199 -22.32 -36.38 25.87
C LEU B 199 -22.26 -36.10 24.42
N MET B 200 -21.09 -35.69 23.93
CA MET B 200 -20.80 -35.39 22.56
C MET B 200 -21.99 -35.79 21.80
N ALA B 201 -22.65 -36.82 22.27
CA ALA B 201 -23.76 -37.15 21.40
C ALA B 201 -24.98 -36.18 21.52
N ASP B 202 -24.77 -34.84 21.60
CA ASP B 202 -25.87 -33.85 21.65
C ASP B 202 -26.01 -33.14 20.32
N THR B 203 -27.10 -32.45 20.10
CA THR B 203 -27.31 -31.63 18.90
C THR B 203 -27.06 -30.09 18.87
N ASP B 204 -27.34 -29.42 19.99
CA ASP B 204 -27.26 -27.93 20.15
C ASP B 204 -25.95 -27.32 19.91
N PRO B 205 -25.83 -26.35 18.97
CA PRO B 205 -24.66 -25.63 18.49
C PRO B 205 -24.05 -25.03 19.73
N LYS B 206 -24.79 -24.78 20.76
CA LYS B 206 -23.78 -24.21 21.63
C LYS B 206 -23.13 -25.25 22.53
N VAL B 207 -23.57 -26.51 22.37
CA VAL B 207 -23.26 -27.67 23.12
C VAL B 207 -22.14 -28.28 22.49
N ILE B 208 -22.23 -28.49 21.15
CA ILE B 208 -21.17 -29.09 20.26
C ILE B 208 -19.94 -28.13 20.21
N SER B 209 -20.25 -26.87 19.85
CA SER B 209 -19.15 -25.97 19.73
C SER B 209 -18.43 -26.03 20.97
N CYS B 210 -19.13 -26.44 22.09
CA CYS B 210 -18.45 -26.45 23.33
C CYS B 210 -17.70 -27.69 23.53
N ALA B 211 -18.18 -28.83 23.29
CA ALA B 211 -17.48 -30.15 23.63
C ALA B 211 -16.22 -30.22 22.90
N VAL B 212 -16.19 -29.43 21.81
CA VAL B 212 -15.14 -29.30 20.80
C VAL B 212 -14.08 -28.46 21.44
N LEU B 213 -14.51 -27.24 21.60
CA LEU B 213 -13.50 -26.51 22.21
C LEU B 213 -12.97 -27.24 23.35
N ALA B 214 -13.66 -28.34 23.75
CA ALA B 214 -13.29 -29.11 24.93
C ALA B 214 -12.37 -30.21 24.63
N TYR B 215 -12.95 -31.37 24.31
CA TYR B 215 -12.23 -32.50 23.94
C TYR B 215 -10.92 -32.15 23.46
N LYS B 216 -10.79 -30.90 22.85
CA LYS B 216 -9.50 -30.40 22.30
C LYS B 216 -8.53 -30.21 23.50
N GLU B 217 -9.14 -30.23 24.68
CA GLU B 217 -8.10 -29.93 25.62
C GLU B 217 -7.91 -31.12 26.52
N CYS B 218 -8.82 -31.27 27.49
CA CYS B 218 -8.56 -32.32 28.45
C CYS B 218 -7.51 -33.40 27.98
N TYR B 219 -7.67 -33.91 26.76
CA TYR B 219 -6.94 -34.98 26.02
C TYR B 219 -5.63 -34.90 25.58
N ALA B 220 -5.20 -33.79 25.76
CA ALA B 220 -3.90 -33.42 25.51
C ALA B 220 -3.40 -34.71 26.19
N ASP B 221 -3.70 -34.97 27.46
CA ASP B 221 -3.26 -36.09 28.18
C ASP B 221 -4.31 -37.25 28.01
N HIS B 222 -5.33 -37.36 28.90
CA HIS B 222 -6.24 -38.64 28.82
C HIS B 222 -7.16 -39.00 27.63
N LEU B 223 -6.53 -39.14 26.48
CA LEU B 223 -7.15 -39.20 25.18
C LEU B 223 -7.87 -40.58 25.04
N GLU B 224 -7.66 -41.47 25.97
CA GLU B 224 -8.50 -42.53 25.51
C GLU B 224 -10.00 -42.20 25.38
N LEU B 225 -10.50 -41.30 26.24
CA LEU B 225 -11.91 -41.12 26.41
C LEU B 225 -12.48 -40.29 25.30
N LEU B 226 -11.62 -39.26 25.18
CA LEU B 226 -11.85 -38.37 24.09
C LEU B 226 -12.26 -38.85 22.85
N HIS B 227 -11.80 -40.04 22.53
CA HIS B 227 -12.14 -40.56 21.25
C HIS B 227 -13.66 -40.77 21.15
N GLY B 228 -14.17 -41.97 21.54
CA GLY B 228 -15.58 -42.27 21.45
C GLY B 228 -16.35 -41.00 21.49
N HIS B 229 -15.61 -39.91 21.77
CA HIS B 229 -16.36 -38.64 21.91
C HIS B 229 -16.39 -37.60 20.80
N PHE B 230 -15.25 -37.58 20.13
CA PHE B 230 -14.69 -36.89 18.99
C PHE B 230 -15.53 -37.50 17.89
N ARG B 231 -15.95 -38.67 18.09
CA ARG B 231 -16.65 -38.84 16.81
C ARG B 231 -17.78 -37.83 16.61
N ARG B 232 -18.89 -37.92 17.36
CA ARG B 232 -20.07 -37.12 17.08
C ARG B 232 -19.70 -35.77 16.67
N TYR B 233 -18.55 -35.35 17.12
CA TYR B 233 -18.05 -34.02 16.86
C TYR B 233 -17.86 -33.83 15.42
N CYS B 234 -17.14 -34.80 14.76
CA CYS B 234 -16.91 -34.67 13.34
C CYS B 234 -18.25 -34.76 12.65
N ARG B 235 -19.18 -35.60 13.20
CA ARG B 235 -20.49 -35.72 12.56
C ARG B 235 -21.30 -34.49 12.74
N ILE B 236 -21.18 -33.95 13.95
CA ILE B 236 -22.00 -32.85 14.31
C ILE B 236 -21.80 -31.71 13.43
N ILE B 237 -20.55 -31.42 13.07
CA ILE B 237 -19.98 -30.37 12.19
C ILE B 237 -20.70 -30.46 10.88
N LYS B 238 -20.93 -31.65 10.52
CA LYS B 238 -21.57 -31.49 9.25
C LYS B 238 -22.98 -30.66 9.30
N GLN B 239 -23.72 -30.61 10.43
CA GLN B 239 -25.07 -30.06 10.84
C GLN B 239 -25.21 -28.57 11.36
N LEU B 240 -24.10 -27.91 11.55
CA LEU B 240 -23.71 -26.69 12.24
C LEU B 240 -23.26 -25.33 11.75
N ASP B 241 -22.82 -24.46 12.74
CA ASP B 241 -22.61 -23.11 12.30
C ASP B 241 -21.17 -23.08 11.95
N SER B 242 -20.81 -22.14 11.01
CA SER B 242 -19.43 -21.92 10.65
C SER B 242 -18.38 -21.63 11.62
N TRP B 243 -18.77 -21.43 12.87
CA TRP B 243 -17.82 -21.13 13.88
C TRP B 243 -17.38 -22.29 14.59
N SER B 244 -18.45 -23.08 14.84
CA SER B 244 -18.48 -24.31 15.52
C SER B 244 -17.77 -25.24 14.68
N GLN B 245 -17.45 -24.85 13.37
CA GLN B 245 -16.80 -25.75 12.48
C GLN B 245 -15.36 -25.49 12.49
N SER B 246 -14.95 -24.16 12.54
CA SER B 246 -13.56 -23.82 12.47
C SER B 246 -12.86 -24.33 13.66
N TYR B 247 -13.55 -24.29 14.85
CA TYR B 247 -13.02 -24.67 16.11
C TYR B 247 -12.66 -26.11 16.06
N LEU B 248 -13.53 -26.95 15.40
CA LEU B 248 -13.36 -28.35 15.35
C LEU B 248 -12.18 -28.68 14.58
N ILE B 249 -11.62 -27.69 13.82
CA ILE B 249 -10.49 -27.93 13.01
C ILE B 249 -9.29 -27.86 13.86
N GLU B 250 -9.17 -26.74 14.65
CA GLU B 250 -8.02 -26.54 15.47
C GLU B 250 -7.85 -27.70 16.37
N LEU B 251 -8.99 -28.28 16.87
CA LEU B 251 -8.92 -29.36 17.78
C LEU B 251 -8.44 -30.57 17.13
N LEU B 252 -9.09 -30.91 15.95
CA LEU B 252 -8.82 -32.12 15.26
C LEU B 252 -7.41 -32.19 14.92
N ILE B 253 -6.70 -31.00 15.05
CA ILE B 253 -5.32 -30.96 14.79
C ILE B 253 -4.60 -31.27 16.01
N LYS B 254 -5.13 -30.78 17.19
CA LYS B 254 -4.40 -30.92 18.38
C LYS B 254 -4.59 -32.28 18.96
N TYR B 255 -5.81 -32.73 19.23
CA TYR B 255 -6.07 -33.98 19.94
C TYR B 255 -5.53 -35.33 19.47
N CYS B 256 -5.54 -35.61 18.17
CA CYS B 256 -5.03 -36.92 17.74
C CYS B 256 -3.56 -37.09 18.13
N LYS B 257 -2.75 -36.07 17.85
CA LYS B 257 -1.33 -36.12 18.17
C LYS B 257 -1.10 -36.24 19.66
N GLN B 258 -1.89 -35.47 20.40
CA GLN B 258 -1.84 -35.43 21.86
C GLN B 258 -2.14 -36.83 22.34
N TYR B 259 -2.99 -37.52 21.59
CA TYR B 259 -3.35 -38.88 21.91
C TYR B 259 -2.38 -39.79 21.17
N LEU B 260 -2.86 -40.25 20.01
CA LEU B 260 -2.11 -41.10 19.13
C LEU B 260 -2.02 -42.45 19.79
N PRO B 261 -3.07 -42.74 20.69
CA PRO B 261 -2.96 -44.02 21.37
C PRO B 261 -1.58 -44.41 21.84
N LYS B 262 -1.00 -43.68 22.80
CA LYS B 262 0.38 -43.94 23.27
C LYS B 262 0.44 -45.41 23.53
N PRO B 263 1.41 -46.05 22.89
CA PRO B 263 1.45 -47.44 22.91
C PRO B 263 1.90 -47.87 24.40
N THR B 264 0.96 -48.52 24.90
CA THR B 264 0.28 -49.37 25.82
C THR B 264 -0.39 -50.25 24.96
N VAL B 265 -0.99 -51.23 25.43
CA VAL B 265 -1.55 -52.11 24.49
C VAL B 265 -2.52 -51.42 23.72
N VAL B 266 -2.08 -51.56 22.40
CA VAL B 266 -2.52 -50.86 21.16
C VAL B 266 -3.12 -51.93 20.35
N ASP B 267 -4.43 -51.76 20.12
CA ASP B 267 -5.12 -52.87 19.49
C ASP B 267 -5.16 -52.66 18.02
N LYS B 268 -4.26 -53.33 17.51
CA LYS B 268 -4.22 -52.94 16.16
C LYS B 268 -5.39 -53.53 15.32
N SER B 269 -6.21 -54.33 15.99
CA SER B 269 -7.40 -55.01 15.51
C SER B 269 -8.71 -54.29 15.42
N SER B 270 -8.64 -52.99 15.43
CA SER B 270 -9.83 -52.22 15.44
C SER B 270 -9.90 -52.24 13.88
N GLU B 271 -10.38 -51.20 13.31
CA GLU B 271 -10.67 -51.29 11.91
C GLU B 271 -9.75 -51.21 10.82
N GLY B 272 -9.53 -52.40 10.19
CA GLY B 272 -8.78 -52.16 9.04
C GLY B 272 -7.68 -51.48 9.67
N SER B 273 -7.41 -51.89 10.89
CA SER B 273 -6.48 -51.21 11.60
C SER B 273 -4.98 -50.96 11.37
N PRO B 274 -4.69 -49.66 11.29
CA PRO B 274 -3.33 -49.17 11.16
C PRO B 274 -3.05 -48.95 12.62
N ARG B 275 -3.00 -47.71 13.09
CA ARG B 275 -2.84 -47.49 14.52
C ARG B 275 -4.20 -47.98 15.04
N SER B 276 -4.22 -48.79 16.09
CA SER B 276 -5.50 -49.31 16.57
C SER B 276 -6.40 -48.18 17.06
N CYS B 277 -7.68 -48.24 16.73
CA CYS B 277 -8.56 -47.19 17.19
C CYS B 277 -9.16 -47.58 18.51
N PRO B 278 -8.87 -46.83 19.64
CA PRO B 278 -9.65 -47.42 20.68
C PRO B 278 -11.01 -46.93 20.64
N LEU B 279 -11.91 -47.67 21.00
CA LEU B 279 -12.82 -47.07 21.86
C LEU B 279 -12.56 -47.22 23.31
N PRO B 280 -13.22 -46.50 24.15
CA PRO B 280 -12.61 -46.37 25.43
C PRO B 280 -12.86 -47.83 25.95
N ASP B 281 -11.96 -48.31 26.81
CA ASP B 281 -11.84 -49.59 27.47
C ASP B 281 -12.87 -49.64 28.58
N LYS B 282 -12.83 -48.70 29.46
CA LYS B 282 -13.81 -48.60 30.47
C LYS B 282 -15.21 -48.56 29.76
N TYR B 283 -15.18 -48.36 28.44
CA TYR B 283 -16.35 -48.35 27.59
C TYR B 283 -16.44 -49.78 27.05
N ASN B 284 -17.55 -50.12 26.42
CA ASN B 284 -17.74 -51.43 25.79
C ASN B 284 -18.02 -51.14 24.32
N GLU B 285 -17.50 -51.93 23.37
CA GLU B 285 -16.71 -53.14 23.58
C GLU B 285 -15.73 -53.30 22.40
N ILE B 286 -15.13 -54.48 22.28
CA ILE B 286 -14.17 -54.81 21.22
C ILE B 286 -12.89 -53.95 21.17
N GLU B 287 -12.36 -53.68 22.35
CA GLU B 287 -11.16 -52.88 22.55
C GLU B 287 -10.84 -52.11 21.28
N TYR B 288 -10.44 -50.86 21.46
CA TYR B 288 -10.11 -50.01 20.34
C TYR B 288 -9.11 -49.27 21.15
N PRO B 289 -7.84 -49.60 20.89
CA PRO B 289 -6.50 -49.29 21.43
C PRO B 289 -5.97 -48.04 21.39
N SER B 290 -4.81 -47.88 21.72
CA SER B 290 -4.71 -46.60 21.31
C SER B 290 -4.13 -46.16 20.13
N TYR B 291 -3.14 -46.71 19.49
CA TYR B 291 -3.17 -45.57 18.71
C TYR B 291 -4.48 -45.60 18.04
N GLU B 292 -5.31 -44.60 18.30
CA GLU B 292 -6.65 -44.54 17.71
C GLU B 292 -6.96 -43.29 16.90
N VAL B 293 -6.26 -42.20 17.22
CA VAL B 293 -6.46 -40.94 16.53
C VAL B 293 -6.05 -41.20 15.09
N VAL B 294 -4.92 -41.89 14.94
CA VAL B 294 -4.45 -42.27 13.62
C VAL B 294 -5.53 -43.23 13.12
N ASN B 295 -5.99 -44.08 14.04
CA ASN B 295 -7.04 -45.03 13.77
C ASN B 295 -8.24 -44.80 14.69
N ASP B 296 -9.39 -44.68 14.07
CA ASP B 296 -10.69 -44.47 14.75
C ASP B 296 -11.52 -43.57 14.08
N PRO B 297 -12.77 -43.73 13.92
CA PRO B 297 -13.47 -42.84 13.10
C PRO B 297 -13.29 -41.44 13.51
N ASP B 298 -12.61 -41.14 14.62
CA ASP B 298 -12.66 -39.75 15.03
C ASP B 298 -11.76 -38.93 14.18
N LEU B 299 -10.56 -39.51 13.85
CA LEU B 299 -9.48 -38.87 13.16
C LEU B 299 -9.91 -38.78 11.80
N ASP B 300 -10.61 -39.92 11.35
CA ASP B 300 -11.01 -39.99 9.96
C ASP B 300 -12.09 -39.05 9.68
N LEU B 301 -13.13 -39.06 10.59
CA LEU B 301 -14.29 -38.27 10.40
C LEU B 301 -13.94 -36.87 10.26
N PHE B 302 -12.72 -36.56 10.75
CA PHE B 302 -12.13 -35.28 10.78
C PHE B 302 -11.95 -34.87 9.40
N LEU B 303 -11.42 -35.75 8.53
CA LEU B 303 -11.21 -35.40 7.17
C LEU B 303 -12.50 -35.26 6.50
N GLN B 304 -13.48 -36.19 6.70
CA GLN B 304 -14.70 -36.10 5.95
C GLN B 304 -15.40 -34.82 6.21
N SER B 305 -15.38 -34.43 7.52
CA SER B 305 -16.06 -33.26 8.00
C SER B 305 -15.46 -32.10 7.38
N LEU B 306 -14.09 -32.07 7.38
CA LEU B 306 -13.42 -30.99 6.83
C LEU B 306 -13.99 -30.77 5.52
N ASN B 307 -14.34 -31.87 4.73
CA ASN B 307 -14.81 -31.61 3.41
C ASN B 307 -16.06 -30.86 3.49
N CYS B 308 -17.10 -31.48 4.08
CA CYS B 308 -18.35 -30.79 4.08
C CYS B 308 -18.22 -29.29 4.33
N LEU B 309 -17.25 -28.96 5.21
CA LEU B 309 -17.10 -27.61 5.65
C LEU B 309 -16.65 -26.85 4.46
N ILE B 310 -15.88 -27.51 3.63
CA ILE B 310 -15.48 -26.92 2.43
C ILE B 310 -16.71 -27.03 1.59
N TYR B 311 -17.49 -28.15 1.69
CA TYR B 311 -18.41 -27.73 0.73
C TYR B 311 -19.22 -26.53 1.20
N SER B 312 -19.58 -26.60 2.45
CA SER B 312 -20.29 -25.55 3.14
C SER B 312 -19.53 -24.36 2.63
N SER B 313 -20.16 -23.37 2.23
CA SER B 313 -19.56 -22.20 1.64
C SER B 313 -18.54 -21.30 2.39
N ASN B 314 -18.11 -21.63 3.60
CA ASN B 314 -17.23 -20.79 4.46
C ASN B 314 -15.81 -21.17 4.26
N PRO B 315 -15.03 -20.24 3.63
CA PRO B 315 -13.61 -20.27 3.24
C PRO B 315 -12.70 -20.58 4.34
N THR B 316 -12.93 -20.00 5.52
CA THR B 316 -12.06 -20.21 6.67
C THR B 316 -11.98 -21.66 6.98
N VAL B 317 -13.15 -22.32 6.86
CA VAL B 317 -13.46 -23.66 7.22
C VAL B 317 -12.87 -24.38 6.17
N ILE B 318 -12.85 -23.73 4.96
CA ILE B 318 -12.31 -24.42 3.79
C ILE B 318 -10.85 -24.51 3.87
N LEU B 319 -10.14 -23.45 4.33
CA LEU B 319 -8.73 -23.48 4.41
C LEU B 319 -8.28 -24.31 5.51
N SER B 320 -8.62 -23.91 6.79
CA SER B 320 -8.19 -24.60 7.92
C SER B 320 -8.32 -26.04 7.73
N CYS B 321 -9.29 -26.47 6.85
CA CYS B 321 -9.57 -27.84 6.59
C CYS B 321 -8.54 -28.37 5.70
N CYS B 322 -8.21 -27.61 4.62
CA CYS B 322 -7.30 -28.09 3.69
C CYS B 322 -6.02 -28.22 4.37
N ASN B 323 -5.73 -27.37 5.40
CA ASN B 323 -4.48 -27.39 6.05
C ASN B 323 -4.34 -28.60 6.82
N ALA B 324 -5.43 -28.98 7.60
CA ALA B 324 -5.33 -30.17 8.30
C ALA B 324 -5.45 -31.33 7.45
N LEU B 325 -6.04 -31.19 6.21
CA LEU B 325 -6.25 -32.31 5.33
C LEU B 325 -4.87 -32.69 4.80
N TYR B 326 -4.08 -31.72 4.71
CA TYR B 326 -2.93 -32.33 4.26
C TYR B 326 -2.03 -32.67 5.44
N GLN B 327 -2.23 -31.95 6.53
CA GLN B 327 -1.26 -32.28 7.54
C GLN B 327 -1.36 -33.67 8.11
N LEU B 328 -2.54 -34.08 8.53
CA LEU B 328 -2.66 -35.43 8.98
C LEU B 328 -2.32 -36.42 8.04
N ALA B 329 -2.40 -36.01 6.80
CA ALA B 329 -2.68 -37.13 6.12
C ALA B 329 -1.80 -38.13 5.97
N SER B 330 -2.33 -39.21 6.30
CA SER B 330 -1.64 -40.30 6.02
C SER B 330 -2.23 -39.96 4.62
N PRO B 331 -1.56 -40.20 3.65
CA PRO B 331 -2.05 -39.93 2.40
C PRO B 331 -3.51 -40.46 2.08
N LEU B 332 -3.88 -41.60 2.69
CA LEU B 332 -5.17 -42.28 2.67
C LEU B 332 -6.29 -41.44 3.10
N GLN B 333 -6.02 -40.19 3.25
CA GLN B 333 -7.02 -39.41 3.78
C GLN B 333 -7.32 -38.68 2.49
N MET B 334 -6.26 -38.13 1.88
CA MET B 334 -6.25 -37.30 0.68
C MET B 334 -6.75 -37.96 -0.58
N LYS B 335 -6.73 -39.29 -0.62
CA LYS B 335 -7.22 -39.97 -1.81
C LYS B 335 -8.75 -39.98 -1.67
N ASN B 336 -9.26 -38.96 -0.99
CA ASN B 336 -10.68 -38.78 -0.76
C ASN B 336 -11.40 -38.59 -2.08
N THR B 337 -10.85 -37.82 -3.01
CA THR B 337 -11.51 -37.74 -4.11
C THR B 337 -12.31 -36.61 -3.80
N LYS B 338 -13.05 -36.58 -2.68
CA LYS B 338 -13.88 -35.44 -2.37
C LYS B 338 -13.08 -34.14 -2.44
N PHE B 339 -11.81 -34.11 -1.91
CA PHE B 339 -11.03 -32.94 -1.65
C PHE B 339 -10.74 -32.35 -2.90
N ILE B 340 -10.64 -33.38 -3.85
CA ILE B 340 -10.34 -33.00 -5.24
C ILE B 340 -11.46 -32.26 -5.85
N GLU B 341 -12.60 -32.93 -6.14
CA GLU B 341 -13.72 -32.37 -6.76
C GLU B 341 -14.06 -31.17 -6.05
N ALA B 342 -14.23 -31.24 -4.69
CA ALA B 342 -14.65 -30.12 -3.95
C ALA B 342 -13.68 -29.04 -4.07
N LEU B 343 -12.36 -29.41 -4.10
CA LEU B 343 -11.32 -28.42 -4.15
C LEU B 343 -11.47 -27.62 -5.37
N VAL B 344 -11.49 -28.33 -6.53
CA VAL B 344 -11.51 -27.67 -7.78
C VAL B 344 -12.69 -26.87 -7.92
N ARG B 345 -13.81 -27.30 -7.25
CA ARG B 345 -15.06 -26.63 -7.29
C ARG B 345 -14.98 -25.39 -6.55
N THR B 346 -14.39 -25.45 -5.33
CA THR B 346 -14.24 -24.30 -4.56
C THR B 346 -13.40 -23.38 -5.25
N VAL B 347 -12.26 -23.86 -5.82
CA VAL B 347 -11.33 -23.01 -6.48
C VAL B 347 -12.14 -22.07 -7.32
N THR B 348 -12.76 -22.57 -8.36
CA THR B 348 -13.51 -21.64 -9.09
C THR B 348 -14.50 -20.89 -8.28
N MET B 349 -14.94 -21.46 -7.17
CA MET B 349 -15.87 -20.62 -6.55
C MET B 349 -15.10 -19.64 -5.78
N THR B 350 -14.07 -20.11 -5.11
CA THR B 350 -13.50 -19.14 -4.32
C THR B 350 -12.86 -17.91 -4.83
N GLU B 351 -13.40 -16.84 -4.27
CA GLU B 351 -12.96 -15.45 -4.43
C GLU B 351 -12.29 -15.02 -3.10
N ASN B 352 -12.09 -16.00 -2.21
CA ASN B 352 -11.50 -15.81 -0.91
C ASN B 352 -10.07 -16.30 -0.91
N GLN B 353 -9.22 -15.37 -0.47
CA GLN B 353 -7.80 -15.58 -0.40
C GLN B 353 -7.28 -16.10 0.92
N GLY B 354 -6.84 -17.35 0.79
CA GLY B 354 -6.20 -18.18 1.73
C GLY B 354 -6.56 -19.50 1.17
N ASN B 355 -7.59 -19.46 0.34
CA ASN B 355 -8.31 -20.46 -0.25
C ASN B 355 -7.77 -20.79 -1.50
N LYS B 356 -7.71 -19.78 -2.41
CA LYS B 356 -7.27 -20.17 -3.80
C LYS B 356 -6.04 -20.92 -3.59
N GLU B 357 -5.07 -20.28 -2.88
CA GLU B 357 -3.80 -20.90 -2.70
C GLU B 357 -3.94 -22.26 -2.21
N MET B 358 -4.79 -22.44 -1.16
CA MET B 358 -4.96 -23.73 -0.58
C MET B 358 -5.54 -24.69 -1.56
N LEU B 359 -6.39 -24.17 -2.49
CA LEU B 359 -7.15 -24.86 -3.44
C LEU B 359 -6.26 -25.33 -4.46
N LEU B 360 -5.61 -24.37 -5.19
CA LEU B 360 -4.73 -24.76 -6.21
C LEU B 360 -3.75 -25.69 -5.66
N GLN B 361 -3.25 -25.42 -4.40
CA GLN B 361 -2.27 -26.28 -3.84
C GLN B 361 -2.72 -27.65 -3.79
N ALA B 362 -3.97 -27.84 -3.24
CA ALA B 362 -4.55 -29.12 -3.05
C ALA B 362 -4.51 -29.88 -4.28
N ILE B 363 -4.84 -29.17 -5.41
CA ILE B 363 -4.93 -29.76 -6.64
C ILE B 363 -3.73 -30.46 -6.91
N HIS B 364 -2.56 -29.83 -6.66
CA HIS B 364 -1.28 -30.37 -6.92
C HIS B 364 -1.05 -31.41 -5.93
N PHE B 365 -0.78 -31.03 -4.64
CA PHE B 365 -0.55 -32.02 -3.64
C PHE B 365 -1.46 -33.15 -3.91
N LEU B 366 -2.76 -32.89 -4.25
CA LEU B 366 -3.62 -34.01 -4.47
C LEU B 366 -3.22 -34.61 -5.86
N SER B 367 -3.04 -33.84 -6.86
CA SER B 367 -2.73 -34.76 -7.86
C SER B 367 -1.59 -35.68 -7.51
N ILE B 368 -0.61 -35.10 -6.82
CA ILE B 368 0.55 -35.90 -6.71
C ILE B 368 0.25 -37.18 -6.04
N LEU B 369 -0.34 -36.99 -4.87
CA LEU B 369 -0.87 -38.11 -4.13
C LEU B 369 -2.08 -38.81 -4.70
N ASP B 370 -2.62 -38.24 -5.77
CA ASP B 370 -3.71 -38.84 -6.51
C ASP B 370 -3.95 -38.28 -7.84
N GLN B 371 -3.34 -38.81 -8.84
CA GLN B 371 -3.70 -38.23 -10.06
C GLN B 371 -5.07 -38.39 -10.65
N THR B 372 -5.54 -39.66 -10.66
CA THR B 372 -6.73 -40.16 -11.33
C THR B 372 -7.95 -39.43 -11.01
N LEU B 373 -7.78 -38.55 -10.11
CA LEU B 373 -8.86 -37.79 -9.61
C LEU B 373 -8.94 -36.46 -10.17
N PHE B 374 -7.88 -36.09 -10.90
CA PHE B 374 -7.89 -34.85 -11.46
C PHE B 374 -8.09 -34.99 -12.91
N LEU B 375 -7.86 -36.19 -13.44
CA LEU B 375 -7.88 -36.18 -14.86
C LEU B 375 -9.20 -35.53 -15.44
N PRO B 376 -10.31 -35.84 -14.82
CA PRO B 376 -11.49 -35.10 -15.39
C PRO B 376 -11.45 -33.56 -15.34
N TYR B 377 -10.49 -32.99 -14.60
CA TYR B 377 -10.34 -31.57 -14.35
C TYR B 377 -9.21 -30.87 -15.05
N THR B 378 -8.48 -31.60 -15.86
CA THR B 378 -7.41 -31.08 -16.56
C THR B 378 -7.81 -29.87 -17.36
N LYS B 379 -8.59 -30.10 -18.45
CA LYS B 379 -8.94 -29.04 -19.36
C LYS B 379 -9.66 -27.96 -18.57
N LYS B 380 -10.00 -28.20 -17.35
CA LYS B 380 -10.66 -27.29 -16.48
C LYS B 380 -9.76 -26.21 -15.99
N PHE B 381 -8.49 -26.69 -15.72
CA PHE B 381 -7.49 -25.77 -15.09
C PHE B 381 -6.55 -25.24 -16.01
N TYR B 382 -7.06 -25.19 -17.13
CA TYR B 382 -6.36 -24.44 -18.02
C TYR B 382 -6.83 -23.14 -17.60
N VAL B 383 -5.90 -22.50 -17.05
CA VAL B 383 -6.06 -21.33 -16.35
C VAL B 383 -7.10 -20.45 -16.58
N PHE B 384 -7.52 -20.10 -15.42
CA PHE B 384 -8.57 -19.28 -15.26
C PHE B 384 -7.87 -17.88 -15.24
N PRO B 385 -8.37 -16.87 -15.99
CA PRO B 385 -7.89 -15.47 -16.02
C PRO B 385 -7.86 -14.59 -14.84
N LYS B 386 -8.82 -14.74 -14.03
CA LYS B 386 -8.87 -13.94 -12.87
C LYS B 386 -7.70 -14.19 -12.03
N ASP B 387 -7.39 -15.43 -11.85
CA ASP B 387 -6.36 -15.74 -10.95
C ASP B 387 -4.91 -15.16 -10.96
N PRO B 388 -4.38 -15.06 -9.73
CA PRO B 388 -3.11 -14.57 -9.16
C PRO B 388 -2.05 -15.49 -9.68
N ILE B 389 -0.85 -15.04 -9.47
CA ILE B 389 0.51 -15.42 -9.78
C ILE B 389 0.62 -16.77 -9.01
N VAL B 390 0.23 -16.81 -7.81
CA VAL B 390 0.53 -18.17 -7.39
C VAL B 390 -0.39 -19.12 -8.10
N ALA B 391 -1.64 -18.72 -8.39
CA ALA B 391 -2.64 -19.56 -9.01
C ALA B 391 -2.18 -20.21 -10.28
N SER B 392 -1.74 -19.39 -11.28
CA SER B 392 -1.29 -19.80 -12.60
C SER B 392 -0.11 -20.64 -12.39
N ILE B 393 0.60 -20.43 -11.26
CA ILE B 393 1.81 -21.13 -10.93
C ILE B 393 1.41 -22.50 -10.57
N TRP B 394 0.27 -22.66 -9.82
CA TRP B 394 -0.13 -23.97 -9.38
C TRP B 394 -0.67 -24.76 -10.53
N LYS B 395 -1.20 -24.06 -11.58
CA LYS B 395 -1.77 -24.69 -12.71
C LYS B 395 -0.78 -25.49 -13.42
N ILE B 396 0.52 -25.04 -13.31
CA ILE B 396 1.58 -25.68 -13.99
C ILE B 396 1.87 -26.93 -13.27
N GLN B 397 1.90 -26.89 -11.89
CA GLN B 397 2.23 -28.04 -11.11
C GLN B 397 1.22 -29.13 -11.30
N ILE B 398 -0.01 -28.72 -11.70
CA ILE B 398 -1.01 -29.69 -11.95
C ILE B 398 -0.66 -30.48 -13.17
N LEU B 399 -0.58 -29.78 -14.34
CA LEU B 399 -0.24 -30.48 -15.54
C LEU B 399 0.97 -31.42 -15.15
N SER B 400 1.78 -30.94 -14.20
CA SER B 400 2.85 -31.86 -14.11
C SER B 400 2.41 -33.17 -13.48
N THR B 401 1.14 -33.26 -13.04
CA THR B 401 0.86 -34.47 -12.28
C THR B 401 0.14 -35.64 -13.01
N LEU B 402 -0.47 -35.25 -14.10
CA LEU B 402 -1.33 -35.89 -15.08
C LEU B 402 -0.91 -36.59 -16.29
N ILE B 403 0.33 -36.64 -16.38
CA ILE B 403 1.18 -37.08 -17.43
C ILE B 403 1.26 -38.56 -17.26
N ASN B 404 1.59 -39.23 -18.43
CA ASN B 404 1.62 -40.68 -18.46
C ASN B 404 2.62 -40.88 -19.56
N GLU B 405 3.23 -41.98 -19.66
CA GLU B 405 3.97 -41.56 -20.80
C GLU B 405 3.21 -41.26 -22.06
N SER B 406 2.18 -42.08 -22.34
CA SER B 406 1.33 -41.84 -23.49
C SER B 406 0.49 -40.65 -23.50
N ASN B 407 0.34 -40.06 -22.35
CA ASN B 407 -0.42 -38.94 -22.46
C ASN B 407 0.41 -37.73 -22.45
N VAL B 408 1.73 -37.92 -22.20
CA VAL B 408 2.51 -36.82 -21.91
C VAL B 408 2.62 -35.78 -22.86
N LYS B 409 2.58 -36.19 -24.15
CA LYS B 409 2.66 -35.31 -25.24
C LYS B 409 1.55 -34.40 -25.27
N GLU B 410 0.39 -34.88 -24.70
CA GLU B 410 -0.81 -34.10 -24.73
C GLU B 410 -0.69 -32.98 -23.82
N ILE B 411 0.10 -33.22 -22.73
CA ILE B 411 0.21 -32.25 -21.71
C ILE B 411 1.20 -31.27 -22.05
N PHE B 412 2.50 -31.72 -22.16
CA PHE B 412 3.56 -30.87 -22.48
C PHE B 412 3.15 -29.89 -23.45
N LYS B 413 2.29 -30.28 -24.44
CA LYS B 413 1.91 -29.38 -25.45
C LYS B 413 1.28 -28.19 -24.84
N GLU B 414 0.68 -28.39 -23.61
CA GLU B 414 -0.01 -27.30 -23.01
C GLU B 414 0.90 -26.46 -22.24
N LEU B 415 1.94 -27.12 -21.63
CA LEU B 415 2.81 -26.40 -20.82
C LEU B 415 3.44 -25.38 -21.57
N LYS B 416 4.40 -25.77 -22.49
CA LYS B 416 5.15 -24.85 -23.24
C LYS B 416 4.29 -23.85 -23.77
N TYR B 417 3.06 -24.32 -24.22
CA TYR B 417 2.13 -23.43 -24.81
C TYR B 417 1.79 -22.35 -23.89
N TYR B 418 1.91 -22.62 -22.53
CA TYR B 418 1.64 -21.61 -21.54
C TYR B 418 2.85 -20.72 -21.37
N VAL B 419 3.99 -21.33 -21.25
CA VAL B 419 4.85 -20.28 -21.05
C VAL B 419 4.73 -19.31 -22.16
N ALA B 420 5.08 -19.76 -23.38
CA ALA B 420 4.89 -18.76 -24.33
C ALA B 420 3.54 -18.05 -24.37
N SER B 421 2.45 -18.82 -24.20
CA SER B 421 1.24 -18.11 -24.47
C SER B 421 0.50 -17.37 -23.49
N ALA B 422 0.53 -17.91 -22.34
CA ALA B 422 -0.26 -17.30 -21.40
C ALA B 422 0.36 -16.05 -21.34
N HIS B 423 -0.21 -15.18 -20.66
CA HIS B 423 0.29 -13.88 -20.32
C HIS B 423 0.81 -14.26 -18.99
N PHE B 424 1.98 -14.86 -19.01
CA PHE B 424 2.34 -15.19 -17.74
C PHE B 424 3.24 -14.26 -17.03
N PRO B 425 2.85 -14.04 -15.80
CA PRO B 425 3.43 -13.16 -14.85
C PRO B 425 4.75 -13.66 -14.69
N GLU B 426 5.59 -12.86 -14.17
CA GLU B 426 6.90 -13.21 -13.99
C GLU B 426 7.04 -14.40 -13.11
N ASN B 427 6.40 -14.39 -11.89
CA ASN B 427 6.57 -15.42 -10.87
C ASN B 427 6.18 -16.77 -11.34
N VAL B 428 5.37 -16.81 -12.40
CA VAL B 428 4.71 -17.97 -12.91
C VAL B 428 5.68 -18.70 -13.60
N VAL B 429 6.59 -17.89 -14.23
CA VAL B 429 7.66 -18.45 -15.03
C VAL B 429 8.65 -19.13 -14.16
N ILE B 430 8.78 -18.58 -12.92
CA ILE B 430 9.64 -19.08 -11.93
C ILE B 430 9.17 -20.39 -11.52
N MET B 431 7.81 -20.53 -11.17
CA MET B 431 7.31 -21.79 -10.77
C MET B 431 7.41 -22.79 -11.88
N ALA B 432 6.84 -22.45 -13.08
CA ALA B 432 6.82 -23.32 -14.20
C ALA B 432 8.04 -24.10 -14.31
N VAL B 433 9.10 -23.61 -13.61
CA VAL B 433 10.39 -24.18 -13.67
C VAL B 433 10.49 -25.20 -12.64
N LYS B 434 9.91 -24.91 -11.42
CA LYS B 434 9.97 -25.82 -10.32
C LYS B 434 9.16 -27.03 -10.61
N SER B 435 8.17 -26.91 -11.55
CA SER B 435 7.29 -27.97 -11.85
C SER B 435 7.94 -28.83 -12.80
N LEU B 436 8.06 -28.37 -14.09
CA LEU B 436 8.64 -29.14 -15.14
C LEU B 436 9.77 -29.89 -14.61
N SER B 437 10.29 -29.53 -13.40
CA SER B 437 11.40 -30.20 -12.83
C SER B 437 10.96 -31.50 -12.40
N ARG B 438 9.66 -31.58 -11.93
CA ARG B 438 9.21 -32.79 -11.41
C ARG B 438 8.56 -33.53 -12.48
N CYS B 439 8.25 -32.83 -13.65
CA CYS B 439 7.61 -33.61 -14.58
C CYS B 439 8.49 -34.55 -15.22
N GLY B 440 9.71 -34.12 -15.70
CA GLY B 440 10.55 -35.02 -16.33
C GLY B 440 11.01 -36.11 -15.45
N GLN B 441 10.74 -35.93 -14.15
CA GLN B 441 11.24 -36.97 -13.35
C GLN B 441 10.53 -38.21 -13.70
N LEU B 442 9.49 -38.02 -14.52
CA LEU B 442 8.76 -39.19 -14.82
C LEU B 442 9.06 -39.59 -16.22
N SER B 443 9.27 -38.59 -17.12
CA SER B 443 9.66 -39.25 -18.24
C SER B 443 10.75 -38.70 -18.92
N THR B 444 11.54 -39.72 -19.19
CA THR B 444 12.70 -39.73 -19.95
C THR B 444 12.67 -39.62 -21.43
N SER B 445 11.83 -40.42 -21.91
CA SER B 445 11.66 -40.13 -23.27
C SER B 445 11.11 -38.73 -23.49
N TRP B 446 10.36 -38.17 -22.51
CA TRP B 446 9.78 -36.92 -22.86
C TRP B 446 10.46 -35.71 -22.33
N GLU B 447 11.43 -35.95 -21.43
CA GLU B 447 12.10 -35.01 -20.69
C GLU B 447 12.78 -33.98 -21.45
N SER B 448 13.29 -34.37 -22.66
CA SER B 448 14.06 -33.52 -23.54
C SER B 448 13.32 -32.33 -23.92
N HIS B 449 11.98 -32.51 -24.08
CA HIS B 449 11.08 -31.49 -24.51
C HIS B 449 10.88 -30.58 -23.40
N VAL B 450 10.96 -31.14 -22.14
CA VAL B 450 10.73 -30.37 -21.01
C VAL B 450 11.87 -29.47 -20.78
N MET B 451 13.10 -30.05 -20.66
CA MET B 451 14.27 -29.31 -20.39
C MET B 451 14.52 -28.36 -21.47
N LYS B 452 14.44 -28.83 -22.76
CA LYS B 452 14.78 -27.97 -23.82
C LYS B 452 14.02 -26.71 -23.75
N TRP B 453 12.75 -26.83 -23.23
CA TRP B 453 11.87 -25.74 -23.14
C TRP B 453 12.35 -24.72 -22.19
N LEU B 454 13.02 -25.24 -21.10
CA LEU B 454 13.48 -24.41 -20.07
C LEU B 454 14.64 -23.67 -20.49
N ILE B 455 15.64 -24.40 -21.08
CA ILE B 455 16.82 -23.79 -21.51
C ILE B 455 16.56 -22.79 -22.55
N ASP B 456 15.71 -23.18 -23.57
CA ASP B 456 15.48 -22.26 -24.62
C ASP B 456 15.12 -20.90 -24.14
N HIS B 457 14.37 -20.82 -23.01
CA HIS B 457 13.94 -19.62 -22.29
C HIS B 457 15.13 -18.91 -21.62
N MET B 458 15.97 -19.75 -21.12
CA MET B 458 17.03 -19.03 -20.59
C MET B 458 18.02 -18.70 -21.71
N GLU B 459 18.45 -19.88 -22.45
CA GLU B 459 19.53 -19.50 -23.28
C GLU B 459 19.29 -18.07 -23.97
N SER B 460 18.00 -17.86 -24.32
CA SER B 460 17.62 -16.74 -25.15
C SER B 460 17.27 -15.43 -24.79
N HIS B 461 16.79 -15.43 -23.64
CA HIS B 461 16.32 -14.26 -23.08
C HIS B 461 17.01 -13.60 -22.02
N ASN B 462 18.24 -13.85 -21.81
CA ASN B 462 18.53 -12.75 -20.80
C ASN B 462 17.32 -12.81 -19.89
N LEU B 463 16.84 -13.98 -19.41
CA LEU B 463 15.66 -13.66 -18.58
C LEU B 463 15.82 -12.78 -17.26
N SER B 464 14.66 -12.36 -16.60
CA SER B 464 14.68 -11.47 -15.40
C SER B 464 15.54 -12.20 -14.46
N ALA B 465 16.23 -11.38 -13.60
CA ALA B 465 17.05 -11.84 -12.53
C ALA B 465 16.49 -12.82 -11.61
N SER B 466 15.17 -12.73 -11.31
CA SER B 466 14.49 -13.62 -10.39
C SER B 466 14.32 -14.95 -11.01
N VAL B 467 13.90 -14.89 -12.30
CA VAL B 467 13.57 -16.01 -13.14
C VAL B 467 14.80 -16.74 -13.38
N LEU B 468 15.93 -16.00 -13.69
CA LEU B 468 17.18 -16.63 -13.99
C LEU B 468 17.61 -17.42 -12.83
N ASP B 469 17.46 -16.83 -11.59
CA ASP B 469 17.86 -17.49 -10.40
C ASP B 469 17.06 -18.68 -10.23
N ALA B 470 15.73 -18.65 -10.58
CA ALA B 470 14.84 -19.76 -10.41
C ALA B 470 15.22 -20.88 -11.29
N TYR B 471 15.23 -20.61 -12.64
CA TYR B 471 15.52 -21.59 -13.65
C TYR B 471 16.71 -22.36 -13.24
N VAL B 472 17.80 -21.66 -12.81
CA VAL B 472 19.10 -22.16 -12.39
C VAL B 472 18.79 -23.09 -11.18
N ASN B 473 17.86 -22.69 -10.39
CA ASN B 473 17.73 -23.67 -9.33
C ASN B 473 17.13 -24.92 -9.83
N VAL B 474 16.16 -24.83 -10.73
CA VAL B 474 15.39 -25.98 -11.30
C VAL B 474 16.23 -26.88 -12.06
N ILE B 475 16.87 -26.35 -13.12
CA ILE B 475 17.71 -27.09 -13.97
C ILE B 475 18.59 -27.86 -13.17
N ARG B 476 18.83 -27.45 -11.90
CA ARG B 476 19.68 -28.14 -11.01
C ARG B 476 18.99 -29.36 -10.54
N MET B 477 17.60 -29.35 -10.54
CA MET B 477 16.93 -30.51 -10.02
C MET B 477 16.83 -31.60 -11.06
N LEU B 478 16.39 -31.22 -12.32
CA LEU B 478 16.20 -32.16 -13.43
C LEU B 478 17.58 -32.83 -13.74
N VAL B 479 18.53 -32.01 -13.89
CA VAL B 479 19.75 -32.67 -14.12
C VAL B 479 19.93 -33.78 -13.12
N GLN B 480 19.32 -33.61 -11.94
CA GLN B 480 19.63 -34.61 -10.96
C GLN B 480 18.97 -35.96 -11.32
N LYS B 481 17.84 -35.94 -12.00
CA LYS B 481 17.17 -37.17 -12.38
C LYS B 481 17.44 -37.86 -13.74
N ASN B 482 17.71 -37.02 -14.74
CA ASN B 482 17.96 -37.26 -16.18
C ASN B 482 19.34 -36.93 -16.62
N PRO B 483 20.35 -37.63 -16.13
CA PRO B 483 21.66 -37.28 -16.46
C PRO B 483 22.09 -37.38 -17.96
N THR B 484 21.30 -38.03 -18.74
CA THR B 484 21.58 -38.06 -20.13
C THR B 484 21.18 -36.83 -20.84
N LYS B 485 20.29 -36.03 -20.23
CA LYS B 485 19.79 -35.01 -21.05
C LYS B 485 20.46 -33.91 -20.54
N HIS B 486 21.09 -34.30 -19.43
CA HIS B 486 21.74 -33.45 -18.54
C HIS B 486 22.89 -32.88 -19.10
N LEU B 487 23.63 -33.75 -19.84
CA LEU B 487 24.90 -33.23 -20.39
C LEU B 487 24.73 -32.02 -21.28
N ARG B 488 23.61 -31.92 -22.03
CA ARG B 488 23.37 -30.93 -23.02
C ARG B 488 23.02 -29.71 -22.36
N ILE B 489 22.21 -29.95 -21.27
CA ILE B 489 21.69 -28.89 -20.48
C ILE B 489 22.74 -28.07 -19.97
N ILE B 490 23.88 -28.71 -19.59
CA ILE B 490 24.99 -28.05 -19.03
C ILE B 490 25.73 -27.41 -20.06
N PHE B 491 26.03 -28.12 -21.19
CA PHE B 491 26.81 -27.54 -22.23
C PHE B 491 26.13 -26.34 -22.72
N LYS B 492 24.77 -26.41 -22.89
CA LYS B 492 24.09 -25.27 -23.41
C LYS B 492 24.23 -24.13 -22.53
N LEU B 493 24.20 -24.35 -21.19
CA LEU B 493 24.27 -23.22 -20.36
C LEU B 493 25.60 -22.67 -20.39
N ALA B 494 26.65 -23.54 -20.68
CA ALA B 494 27.93 -23.01 -20.65
C ALA B 494 28.13 -22.11 -21.70
N ASP B 495 27.64 -22.51 -22.94
CA ASP B 495 27.89 -21.63 -24.01
C ASP B 495 27.31 -20.33 -23.78
N LEU B 496 26.11 -20.35 -23.09
CA LEU B 496 25.55 -19.07 -22.98
C LEU B 496 26.38 -18.22 -22.16
N LEU B 497 27.07 -18.86 -21.16
CA LEU B 497 27.85 -18.01 -20.42
C LEU B 497 29.11 -17.75 -21.14
N THR B 498 29.43 -18.66 -22.02
CA THR B 498 30.65 -18.17 -22.43
C THR B 498 30.61 -16.95 -23.27
N VAL B 499 29.48 -16.75 -23.92
CA VAL B 499 29.47 -15.66 -24.79
C VAL B 499 29.39 -14.41 -24.00
N GLN B 500 28.45 -14.44 -23.11
CA GLN B 500 28.15 -13.38 -22.21
C GLN B 500 28.87 -13.07 -21.07
N THR B 501 29.86 -12.44 -21.33
CA THR B 501 30.74 -12.01 -20.40
C THR B 501 30.13 -10.96 -19.51
N SER B 502 28.98 -10.52 -19.93
CA SER B 502 28.16 -9.50 -19.24
C SER B 502 27.16 -10.07 -18.40
N LEU B 503 26.88 -11.30 -18.52
CA LEU B 503 25.78 -11.62 -17.73
C LEU B 503 25.70 -11.17 -16.37
N ALA B 504 24.47 -11.36 -16.02
CA ALA B 504 23.92 -11.14 -14.76
C ALA B 504 24.68 -11.97 -13.84
N ASP B 505 24.84 -11.33 -12.70
CA ASP B 505 25.43 -11.71 -11.49
C ASP B 505 24.48 -12.75 -10.90
N ASN B 506 23.23 -12.53 -10.94
CA ASN B 506 22.79 -13.69 -10.25
C ASN B 506 22.83 -14.91 -11.12
N ALA B 507 22.65 -14.70 -12.47
CA ALA B 507 22.60 -15.80 -13.40
C ALA B 507 23.81 -16.71 -13.35
N ARG B 508 25.01 -16.08 -13.38
CA ARG B 508 26.34 -16.66 -13.34
C ARG B 508 26.34 -17.45 -12.04
N ALA B 509 25.65 -16.95 -11.10
CA ALA B 509 25.76 -17.75 -9.91
C ALA B 509 25.16 -19.10 -10.15
N GLY B 510 23.84 -19.17 -10.50
CA GLY B 510 23.11 -20.41 -10.68
C GLY B 510 23.81 -21.32 -11.62
N ILE B 511 24.13 -20.86 -12.83
CA ILE B 511 24.74 -21.47 -14.00
C ILE B 511 26.01 -22.15 -13.56
N VAL B 512 26.61 -21.57 -12.59
CA VAL B 512 27.86 -22.17 -12.26
C VAL B 512 27.63 -23.35 -11.43
N TRP B 513 26.78 -23.16 -10.30
CA TRP B 513 26.49 -24.26 -9.40
C TRP B 513 26.02 -25.47 -10.04
N LEU B 514 25.00 -25.27 -10.94
CA LEU B 514 24.50 -26.36 -11.69
C LEU B 514 25.62 -27.11 -12.21
N PHE B 515 26.61 -26.46 -12.88
CA PHE B 515 27.75 -27.18 -13.41
C PHE B 515 28.56 -27.90 -12.16
N GLY B 516 28.48 -27.34 -10.91
CA GLY B 516 29.25 -28.21 -10.03
C GLY B 516 28.50 -29.51 -9.90
N GLU B 517 27.20 -29.37 -9.60
CA GLU B 517 26.38 -30.49 -9.38
C GLU B 517 26.31 -31.52 -10.46
N ILE B 518 26.29 -31.01 -11.73
CA ILE B 518 26.15 -32.06 -12.65
C ILE B 518 27.27 -32.98 -12.95
N ALA B 519 28.42 -32.63 -12.46
CA ALA B 519 29.68 -33.19 -12.75
C ALA B 519 29.84 -34.67 -12.43
N SER B 520 28.95 -35.13 -11.54
CA SER B 520 28.87 -36.52 -11.10
C SER B 520 28.40 -37.41 -12.14
N ILE B 521 27.74 -36.85 -13.10
CA ILE B 521 27.09 -37.70 -13.97
C ILE B 521 28.14 -37.59 -15.00
N GLU B 522 28.32 -36.44 -15.62
CA GLU B 522 29.57 -36.61 -16.32
C GLU B 522 30.60 -35.73 -16.33
N PHE B 523 31.17 -35.71 -15.22
CA PHE B 523 32.24 -35.01 -14.75
C PHE B 523 33.45 -35.38 -15.58
N LYS B 524 33.23 -36.08 -16.62
CA LYS B 524 34.42 -35.98 -17.45
C LYS B 524 34.34 -34.70 -18.26
N ILE B 525 33.20 -34.07 -18.46
CA ILE B 525 33.30 -33.06 -19.45
C ILE B 525 33.40 -31.68 -18.96
N CYS B 526 32.86 -31.46 -17.76
CA CYS B 526 32.59 -30.27 -17.21
C CYS B 526 33.64 -29.31 -17.20
N PRO B 527 34.91 -29.76 -17.35
CA PRO B 527 36.01 -28.86 -17.44
C PRO B 527 35.94 -27.96 -18.60
N ASP B 528 35.03 -28.30 -19.58
CA ASP B 528 35.02 -27.57 -20.78
C ASP B 528 34.35 -26.35 -20.53
N VAL B 529 33.47 -26.44 -19.48
CA VAL B 529 32.70 -25.30 -19.19
C VAL B 529 33.47 -24.38 -18.37
N LEU B 530 34.06 -24.91 -17.25
CA LEU B 530 34.78 -24.15 -16.33
C LEU B 530 35.91 -23.55 -16.98
N ARG B 531 36.31 -24.07 -18.20
CA ARG B 531 37.41 -23.50 -18.81
C ARG B 531 37.08 -22.18 -19.27
N ARG B 532 35.87 -22.02 -19.97
CA ARG B 532 35.55 -20.75 -20.50
C ARG B 532 35.24 -19.81 -19.47
N LEU B 533 34.66 -20.29 -18.35
CA LEU B 533 34.32 -19.34 -17.36
C LEU B 533 35.46 -18.58 -16.80
N ILE B 534 36.59 -19.33 -16.56
CA ILE B 534 37.76 -18.81 -15.94
C ILE B 534 38.32 -17.76 -16.80
N GLN B 535 38.65 -18.20 -18.00
CA GLN B 535 39.08 -17.28 -18.93
C GLN B 535 38.18 -16.09 -18.75
N ASN B 536 36.91 -16.23 -18.24
CA ASN B 536 36.49 -14.90 -18.37
C ASN B 536 35.95 -14.25 -17.16
N PHE B 537 36.13 -14.88 -16.03
CA PHE B 537 35.78 -14.46 -14.74
C PHE B 537 36.24 -13.17 -14.29
N SER B 538 37.49 -12.91 -14.65
CA SER B 538 38.19 -11.74 -14.26
C SER B 538 37.36 -10.55 -14.62
N ASN B 539 36.19 -10.72 -15.22
CA ASN B 539 35.56 -9.50 -15.61
C ASN B 539 34.14 -9.34 -15.01
N GLU B 540 33.80 -10.21 -14.07
CA GLU B 540 32.55 -10.47 -13.38
C GLU B 540 32.12 -9.83 -12.05
N GLY B 541 30.88 -10.16 -11.61
CA GLY B 541 30.36 -9.55 -10.37
C GLY B 541 30.75 -10.58 -9.27
N PRO B 542 30.89 -10.07 -8.00
CA PRO B 542 31.17 -10.80 -6.78
C PRO B 542 30.38 -12.03 -6.49
N GLU B 543 29.06 -11.88 -6.12
CA GLU B 543 28.27 -13.04 -5.74
C GLU B 543 28.45 -14.09 -6.72
N THR B 544 28.55 -13.65 -7.97
CA THR B 544 28.69 -14.49 -9.13
C THR B 544 29.96 -15.17 -9.00
N ARG B 545 30.97 -14.48 -8.41
CA ARG B 545 32.29 -15.08 -8.29
C ARG B 545 32.27 -16.10 -7.22
N CYS B 546 31.44 -15.88 -6.13
CA CYS B 546 31.39 -16.73 -5.01
C CYS B 546 30.93 -18.06 -5.44
N GLN B 547 29.75 -18.11 -6.15
CA GLN B 547 29.17 -19.32 -6.54
C GLN B 547 30.04 -20.03 -7.45
N ILE B 548 30.69 -19.28 -8.39
CA ILE B 548 31.54 -19.81 -9.40
C ILE B 548 32.58 -20.61 -8.76
N LEU B 549 32.90 -20.29 -7.46
CA LEU B 549 33.95 -20.97 -6.74
C LEU B 549 33.48 -22.26 -6.25
N VAL B 550 32.48 -22.22 -5.31
CA VAL B 550 32.05 -23.38 -4.67
C VAL B 550 31.79 -24.42 -5.68
N LEU B 551 31.44 -23.97 -6.92
CA LEU B 551 30.96 -24.84 -7.93
C LEU B 551 32.05 -25.36 -8.73
N SER B 552 33.10 -24.54 -9.00
CA SER B 552 34.35 -25.03 -9.46
C SER B 552 34.84 -26.02 -8.51
N ALA B 553 34.58 -25.78 -7.18
CA ALA B 553 35.12 -26.60 -6.16
C ALA B 553 34.51 -27.92 -6.22
N LYS B 554 33.14 -27.93 -6.20
CA LYS B 554 32.47 -29.17 -6.19
C LYS B 554 32.86 -29.95 -7.32
N LEU B 555 32.63 -29.39 -8.55
CA LEU B 555 33.00 -30.09 -9.72
C LEU B 555 34.27 -30.74 -9.55
N LEU B 556 35.21 -30.12 -8.75
CA LEU B 556 36.49 -30.70 -8.63
C LEU B 556 36.39 -31.92 -7.75
N SER B 557 35.50 -31.82 -6.75
CA SER B 557 35.45 -32.86 -5.83
C SER B 557 34.85 -34.08 -6.42
N TYR B 558 33.58 -34.02 -6.41
CA TYR B 558 33.00 -35.23 -6.85
C TYR B 558 34.05 -36.09 -7.42
N ASP B 559 34.95 -35.46 -8.14
CA ASP B 559 35.92 -36.24 -8.72
C ASP B 559 37.18 -36.39 -8.10
N ILE B 560 37.58 -35.68 -7.04
CA ILE B 560 38.73 -35.97 -6.27
C ILE B 560 38.54 -37.43 -5.82
N ASP B 561 38.16 -37.66 -4.60
CA ASP B 561 38.11 -39.08 -4.64
C ASP B 561 38.29 -39.64 -6.04
N ASN B 562 37.47 -39.10 -7.02
CA ASN B 562 37.52 -39.66 -8.35
C ASN B 562 38.59 -39.08 -9.25
N PHE B 563 39.14 -37.90 -8.84
CA PHE B 563 40.11 -37.08 -9.45
C PHE B 563 41.38 -37.31 -8.81
N LYS B 564 41.28 -37.11 -7.40
CA LYS B 564 42.44 -37.28 -6.55
C LYS B 564 43.15 -38.49 -7.09
N GLN B 565 43.15 -39.59 -6.34
CA GLN B 565 43.92 -40.66 -6.89
C GLN B 565 44.08 -40.55 -8.44
N ALA B 566 43.38 -39.54 -9.04
CA ALA B 566 43.24 -39.44 -10.50
C ALA B 566 44.08 -38.23 -11.05
N GLN B 567 44.15 -37.25 -10.22
CA GLN B 567 44.82 -36.03 -10.00
C GLN B 567 46.00 -35.95 -9.30
N VAL B 568 46.07 -36.77 -8.25
CA VAL B 568 47.36 -36.88 -7.93
C VAL B 568 47.95 -37.11 -9.19
N THR B 569 47.90 -35.88 -9.61
CA THR B 569 48.10 -35.16 -10.80
C THR B 569 49.23 -34.84 -11.62
N GLY B 570 48.93 -35.32 -12.79
CA GLY B 570 49.58 -35.34 -14.02
C GLY B 570 50.42 -36.40 -13.53
N SER B 571 50.01 -36.87 -12.32
CA SER B 571 50.77 -37.96 -11.93
C SER B 571 50.05 -38.65 -13.06
N GLU B 572 50.66 -39.41 -13.91
CA GLU B 572 49.76 -39.95 -14.87
C GLU B 572 48.90 -41.00 -14.53
N GLU B 573 49.20 -41.59 -13.38
CA GLU B 573 48.45 -42.60 -12.77
C GLU B 573 47.05 -42.24 -12.73
N ASN B 574 46.70 -40.96 -12.99
CA ASN B 574 45.35 -40.95 -12.89
C ASN B 574 44.85 -40.72 -14.32
N ASN B 575 45.74 -40.64 -15.32
CA ASN B 575 44.89 -40.32 -16.40
C ASN B 575 44.51 -41.74 -16.78
N GLN B 576 44.97 -42.71 -15.95
CA GLN B 576 44.83 -44.13 -16.17
C GLN B 576 43.53 -43.95 -15.69
N ASN B 577 42.70 -44.81 -15.86
CA ASN B 577 41.42 -44.74 -15.15
C ASN B 577 40.58 -45.71 -14.25
N PRO B 578 40.61 -45.97 -12.96
CA PRO B 578 39.33 -46.79 -12.77
C PRO B 578 38.07 -46.14 -13.23
N PRO B 579 36.90 -46.31 -12.51
CA PRO B 579 35.73 -45.42 -12.82
C PRO B 579 35.74 -43.90 -13.05
N TYR B 580 36.10 -43.14 -12.02
CA TYR B 580 36.02 -41.69 -11.98
C TYR B 580 37.34 -40.98 -12.03
N TYR B 581 38.35 -41.62 -12.58
CA TYR B 581 39.63 -40.95 -12.68
C TYR B 581 39.36 -40.09 -13.89
N ASP B 582 38.46 -39.13 -13.68
CA ASP B 582 38.04 -38.20 -14.71
C ASP B 582 39.30 -37.48 -15.05
N PHE B 583 39.51 -37.25 -16.33
CA PHE B 583 40.78 -36.57 -16.74
C PHE B 583 40.98 -35.39 -16.00
N SER B 584 41.29 -35.73 -14.85
CA SER B 584 41.32 -35.01 -13.68
C SER B 584 41.85 -33.97 -12.85
N GLY B 585 43.08 -34.02 -12.79
CA GLY B 585 43.33 -32.93 -12.01
C GLY B 585 43.49 -32.03 -13.14
N SER B 586 44.21 -32.50 -14.20
CA SER B 586 44.50 -31.67 -15.30
C SER B 586 43.34 -30.85 -15.75
N ARG B 587 42.18 -31.51 -16.17
CA ARG B 587 41.09 -30.82 -16.83
C ARG B 587 40.35 -30.01 -15.91
N ILE B 588 40.24 -30.53 -14.65
CA ILE B 588 39.49 -29.91 -13.62
C ILE B 588 40.27 -28.83 -13.03
N SER B 589 41.63 -29.06 -12.86
CA SER B 589 42.55 -28.15 -12.25
C SER B 589 42.67 -26.99 -13.10
N GLN B 590 43.06 -27.20 -14.41
CA GLN B 590 43.24 -26.15 -15.29
C GLN B 590 42.14 -25.17 -15.18
N MET B 591 40.97 -25.60 -14.60
CA MET B 591 39.82 -24.78 -14.58
C MET B 591 39.78 -24.02 -13.33
N TYR B 592 40.13 -24.74 -12.21
CA TYR B 592 40.01 -24.26 -10.90
C TYR B 592 40.99 -23.24 -10.67
N ASN B 593 42.30 -23.55 -11.03
CA ASN B 593 43.33 -22.60 -10.92
C ASN B 593 42.87 -21.28 -11.36
N ALA B 594 42.12 -21.20 -12.51
CA ALA B 594 41.72 -19.95 -13.06
C ALA B 594 40.70 -19.33 -12.25
N VAL B 595 39.80 -20.21 -11.73
CA VAL B 595 38.68 -19.84 -10.93
C VAL B 595 39.17 -19.26 -9.69
N LEU B 596 40.07 -19.97 -8.96
CA LEU B 596 40.46 -19.45 -7.72
C LEU B 596 40.97 -18.10 -7.91
N TYR B 597 41.97 -17.94 -8.83
CA TYR B 597 42.59 -16.71 -9.05
C TYR B 597 41.62 -15.69 -9.37
N LEU B 598 40.50 -16.13 -10.02
CA LEU B 598 39.56 -15.17 -10.34
C LEU B 598 38.72 -14.86 -9.16
N ALA B 599 38.52 -15.82 -8.24
CA ALA B 599 37.59 -15.48 -7.24
C ALA B 599 38.22 -14.51 -6.31
N LYS B 600 39.52 -14.76 -6.07
CA LYS B 600 40.25 -13.87 -5.25
C LYS B 600 40.07 -12.59 -5.92
N TYR B 601 39.33 -12.53 -7.07
CA TYR B 601 39.52 -11.19 -7.07
C TYR B 601 38.24 -10.51 -6.79
N ASP B 602 37.33 -11.28 -6.23
CA ASP B 602 36.06 -10.76 -5.91
C ASP B 602 35.99 -10.20 -4.54
N ASP B 603 34.91 -9.76 -4.09
CA ASP B 603 34.93 -9.22 -2.76
C ASP B 603 34.65 -10.21 -1.62
N GLU B 604 33.38 -10.70 -1.55
CA GLU B 604 32.99 -11.58 -0.44
C GLU B 604 33.96 -12.67 -0.23
N PHE B 605 34.10 -12.73 1.10
CA PHE B 605 34.89 -13.51 1.97
C PHE B 605 34.57 -14.91 1.76
N ASP B 606 33.25 -15.30 1.82
CA ASP B 606 32.83 -16.68 1.67
C ASP B 606 33.23 -17.15 0.34
N ILE B 607 33.19 -16.26 -0.69
CA ILE B 607 33.43 -16.63 -2.06
C ILE B 607 34.82 -17.01 -2.18
N ARG B 608 35.69 -16.12 -1.60
CA ARG B 608 37.11 -16.28 -1.62
C ARG B 608 37.48 -17.41 -0.70
N ASP B 609 36.85 -17.47 0.51
CA ASP B 609 37.16 -18.46 1.48
C ASP B 609 37.02 -19.81 0.89
N ARG B 610 35.85 -20.07 0.20
CA ARG B 610 35.64 -21.37 -0.32
C ARG B 610 36.57 -21.61 -1.43
N ALA B 611 36.78 -20.54 -2.25
CA ALA B 611 37.61 -20.62 -3.39
C ALA B 611 38.99 -21.00 -3.07
N ARG B 612 39.44 -20.54 -1.83
CA ARG B 612 40.78 -20.74 -1.42
C ARG B 612 40.97 -22.13 -1.01
N MET B 613 39.94 -22.67 -0.27
CA MET B 613 39.96 -23.99 0.22
C MET B 613 39.88 -24.97 -0.88
N ILE B 614 38.89 -24.71 -1.81
CA ILE B 614 38.62 -25.56 -2.91
C ILE B 614 39.84 -25.86 -3.64
N SER B 615 40.73 -24.82 -3.83
CA SER B 615 41.92 -24.94 -4.57
C SER B 615 42.88 -25.73 -3.77
N SER B 616 43.06 -25.37 -2.43
CA SER B 616 43.98 -26.05 -1.57
C SER B 616 43.69 -27.51 -1.57
N LEU B 617 42.43 -27.92 -1.24
CA LEU B 617 42.07 -29.30 -1.16
C LEU B 617 42.16 -29.95 -2.51
N PHE B 618 41.57 -29.29 -3.51
CA PHE B 618 41.60 -29.89 -4.77
C PHE B 618 43.00 -30.25 -5.15
N ASP B 619 43.95 -29.31 -4.91
CA ASP B 619 45.35 -29.45 -5.25
C ASP B 619 46.04 -30.50 -4.53
N SER B 620 45.86 -30.55 -3.27
CA SER B 620 46.58 -31.53 -2.61
C SER B 620 45.95 -32.90 -2.64
N GLY B 621 44.77 -33.06 -3.22
CA GLY B 621 44.26 -34.41 -3.29
C GLY B 621 43.46 -34.63 -2.01
N MET C 1 -4.88 -3.04 27.48
CA MET C 1 -4.63 -3.58 26.09
C MET C 1 -5.47 -3.05 24.99
N TYR C 2 -4.88 -2.55 23.84
CA TYR C 2 -5.92 -2.06 22.96
C TYR C 2 -6.21 -3.02 21.82
N LEU C 3 -7.48 -3.17 21.49
CA LEU C 3 -7.86 -4.06 20.42
C LEU C 3 -8.44 -3.24 19.30
N SER C 4 -7.82 -3.32 18.13
CA SER C 4 -8.29 -2.56 16.97
C SER C 4 -8.64 -3.49 15.84
N PHE C 5 -9.85 -3.34 15.32
CA PHE C 5 -10.32 -4.17 14.22
C PHE C 5 -10.57 -3.30 13.00
N TYR C 6 -9.95 -3.66 11.89
CA TYR C 6 -10.10 -2.90 10.65
C TYR C 6 -10.53 -3.80 9.51
N ILE C 7 -11.52 -3.35 8.75
CA ILE C 7 -12.00 -4.12 7.62
C ILE C 7 -11.26 -3.57 6.40
N THR C 8 -10.54 -4.43 5.71
CA THR C 8 -9.79 -4.00 4.58
C THR C 8 -10.56 -4.60 3.54
N ASP C 9 -10.19 -4.11 2.30
CA ASP C 9 -10.79 -4.61 1.05
C ASP C 9 -9.82 -5.75 0.52
N THR C 10 -9.98 -5.98 -0.75
CA THR C 10 -9.21 -6.95 -1.40
C THR C 10 -7.75 -6.66 -1.47
N LYS C 11 -7.44 -5.45 -1.92
CA LYS C 11 -6.05 -4.99 -2.14
C LYS C 11 -5.50 -4.18 -0.93
N ASN C 12 -5.81 -4.71 0.32
CA ASN C 12 -5.40 -4.37 1.69
C ASN C 12 -5.85 -3.02 2.12
N LYS C 13 -6.77 -2.43 1.30
CA LYS C 13 -7.13 -1.16 1.67
C LYS C 13 -7.94 -1.28 3.00
N LEU C 14 -7.66 -0.51 4.01
CA LEU C 14 -8.33 -0.47 5.32
C LEU C 14 -9.68 0.29 5.11
N ILE C 15 -10.73 -0.11 5.62
CA ILE C 15 -11.98 0.49 5.33
C ILE C 15 -12.45 0.91 6.71
N PHE C 16 -12.37 0.01 7.71
CA PHE C 16 -12.87 0.42 9.01
C PHE C 16 -11.74 0.17 10.08
N GLN C 17 -11.81 1.00 11.01
CA GLN C 17 -10.88 0.89 12.10
C GLN C 17 -11.59 1.17 13.35
N TYR C 18 -11.48 0.22 14.27
CA TYR C 18 -12.16 0.33 15.55
C TYR C 18 -11.22 0.61 16.72
N LEU C 19 -11.58 1.58 17.54
CA LEU C 19 -10.80 1.98 18.70
C LEU C 19 -11.52 1.51 19.94
N LEU C 20 -10.77 1.16 20.98
CA LEU C 20 -11.37 0.67 22.21
C LEU C 20 -10.89 1.43 23.44
N GLY C 21 -11.33 2.67 23.56
CA GLY C 21 -10.97 3.50 24.70
C GLY C 21 -9.57 4.06 24.67
N ALA C 22 -9.27 4.92 25.63
CA ALA C 22 -7.95 5.52 25.77
C ALA C 22 -7.49 6.15 24.45
N THR C 23 -6.24 5.88 24.07
CA THR C 23 -5.67 6.40 22.84
C THR C 23 -5.01 5.26 22.05
N ALA C 24 -5.29 5.19 20.76
CA ALA C 24 -4.69 4.15 19.92
C ALA C 24 -4.34 4.80 18.58
N PRO C 25 -3.31 4.30 17.89
CA PRO C 25 -2.99 4.88 16.69
C PRO C 25 -4.27 4.90 16.12
N PRO C 39 3.85 -12.34 5.86
CA PRO C 39 4.06 -11.72 4.57
C PRO C 39 3.86 -12.58 3.43
N GLN C 40 3.91 -13.88 3.60
CA GLN C 40 3.59 -14.62 2.47
C GLN C 40 2.16 -14.44 2.00
N LEU C 41 1.18 -14.09 2.99
CA LEU C 41 -0.27 -14.11 2.57
C LEU C 41 -0.64 -12.94 2.22
N LEU C 42 -0.16 -11.90 3.12
CA LEU C 42 -0.41 -10.53 2.60
C LEU C 42 0.20 -10.30 1.21
N GLU C 43 1.41 -10.92 0.95
CA GLU C 43 1.93 -10.66 -0.31
C GLU C 43 1.01 -11.08 -1.36
N ASP C 44 0.10 -12.04 -0.98
CA ASP C 44 -0.61 -12.59 -2.01
C ASP C 44 -1.84 -11.71 -2.13
N SER C 45 -2.48 -11.18 -0.88
CA SER C 45 -3.91 -10.72 -0.75
C SER C 45 -3.90 -9.44 -1.91
N SER C 46 -2.91 -9.53 -2.85
CA SER C 46 -3.90 -8.90 -3.55
C SER C 46 -4.94 -10.08 -3.64
N SER C 47 -4.95 -11.21 -2.94
CA SER C 47 -6.05 -11.85 -3.78
C SER C 47 -7.02 -11.80 -2.70
N ASP C 48 -8.28 -11.78 -3.08
CA ASP C 48 -9.40 -11.55 -2.16
C ASP C 48 -9.42 -12.30 -0.82
N ASP C 49 -9.04 -13.56 -0.72
CA ASP C 49 -9.11 -14.20 0.61
C ASP C 49 -7.92 -14.93 1.23
N TYR C 50 -6.90 -14.19 1.62
CA TYR C 50 -5.76 -14.82 2.27
C TYR C 50 -5.32 -14.15 3.57
N LEU C 51 -5.95 -13.06 3.96
CA LEU C 51 -5.55 -12.31 5.16
C LEU C 51 -5.92 -12.93 6.51
N ASP C 52 -4.87 -13.30 7.26
CA ASP C 52 -5.02 -13.89 8.58
C ASP C 52 -3.99 -13.49 9.66
N HIS C 53 -2.74 -13.92 9.49
CA HIS C 53 -1.68 -13.69 10.46
C HIS C 53 -0.61 -12.77 9.88
N SER C 54 -0.22 -11.77 10.66
CA SER C 54 0.87 -10.76 10.26
C SER C 54 2.06 -10.05 10.73
N MET C 55 1.87 -10.02 12.01
CA MET C 55 2.47 -9.57 13.10
C MET C 55 2.51 -7.98 12.87
N VAL C 56 1.49 -6.91 12.75
CA VAL C 56 2.23 -5.66 12.47
C VAL C 56 3.17 -5.45 13.25
N GLY C 57 3.14 -5.80 14.42
CA GLY C 57 4.40 -5.89 15.17
C GLY C 57 4.99 -4.55 15.34
N ARG C 58 5.55 -4.18 16.43
CA ARG C 58 6.51 -3.38 16.98
C ARG C 58 6.79 -4.11 18.33
N ASP C 59 7.87 -3.71 19.01
CA ASP C 59 8.33 -4.30 20.26
C ASP C 59 7.28 -4.20 21.35
N LEU C 60 6.53 -3.10 21.36
CA LEU C 60 5.48 -2.92 22.35
C LEU C 60 4.53 -4.08 22.09
N GLU C 61 3.85 -4.53 23.15
CA GLU C 61 2.94 -5.65 23.02
C GLU C 61 1.64 -5.16 22.42
N VAL C 62 1.78 -4.76 21.16
CA VAL C 62 0.71 -4.27 20.31
C VAL C 62 0.46 -5.34 19.25
N TYR C 63 0.85 -6.57 19.57
CA TYR C 63 0.72 -7.67 18.63
C TYR C 63 -0.74 -7.79 18.20
N LYS C 64 -0.91 -7.98 16.90
CA LYS C 64 -2.21 -8.07 16.28
C LYS C 64 -2.11 -9.25 15.33
N TYR C 65 -3.05 -10.17 15.43
CA TYR C 65 -3.03 -11.34 14.58
C TYR C 65 -4.12 -11.22 13.55
N PHE C 66 -3.74 -11.38 12.30
CA PHE C 66 -4.72 -11.26 11.26
C PHE C 66 -5.19 -12.56 10.65
N SER C 67 -6.36 -12.97 11.09
CA SER C 67 -6.88 -14.26 10.67
C SER C 67 -7.59 -14.18 9.33
N VAL C 68 -7.82 -12.93 8.95
CA VAL C 68 -8.34 -12.41 7.69
C VAL C 68 -9.66 -12.61 6.94
N ILE C 69 -10.77 -12.65 7.67
CA ILE C 69 -12.03 -12.80 6.98
C ILE C 69 -13.03 -11.68 7.06
N ASN C 70 -13.38 -11.32 5.85
CA ASN C 70 -14.43 -10.39 5.41
C ASN C 70 -15.40 -11.24 4.61
N LYS C 71 -16.70 -11.17 4.89
CA LYS C 71 -17.66 -11.97 4.13
C LYS C 71 -18.56 -11.00 3.35
N LEU C 72 -18.67 -11.16 2.04
CA LEU C 72 -19.52 -10.17 1.32
C LEU C 72 -18.63 -8.96 0.84
N ASN C 73 -17.47 -9.17 0.44
CA ASN C 73 -16.35 -8.48 -0.12
C ASN C 73 -15.58 -7.63 0.81
N TYR C 74 -15.69 -7.93 2.11
CA TYR C 74 -14.95 -7.03 2.98
C TYR C 74 -13.95 -7.95 3.76
N TRP C 75 -12.90 -7.20 4.01
CA TRP C 75 -11.75 -7.70 4.72
C TRP C 75 -11.79 -6.99 6.05
N CYS C 76 -11.70 -7.78 7.11
CA CYS C 76 -11.70 -7.23 8.45
C CYS C 76 -10.43 -7.76 9.06
N LEU C 77 -9.65 -6.93 9.74
CA LEU C 77 -8.43 -7.42 10.36
C LEU C 77 -7.92 -6.56 11.47
N ALA C 78 -8.58 -6.56 12.63
CA ALA C 78 -8.10 -5.70 13.71
C ALA C 78 -7.31 -6.42 14.79
N SER C 79 -6.10 -5.91 15.00
CA SER C 79 -5.21 -6.50 15.97
C SER C 79 -5.23 -5.88 17.37
N THR C 80 -5.41 -6.83 18.26
CA THR C 80 -5.77 -6.80 19.65
C THR C 80 -5.21 -6.17 20.90
N SER C 81 -3.92 -5.86 20.89
CA SER C 81 -3.20 -5.29 22.01
C SER C 81 -2.49 -6.35 22.81
N LYS C 82 -2.75 -7.63 22.54
CA LYS C 82 -2.03 -8.58 23.36
C LYS C 82 -2.58 -10.02 23.38
N SER C 83 -1.63 -10.96 23.40
CA SER C 83 -1.79 -12.28 23.56
C SER C 83 -2.97 -12.49 22.67
N LYS C 84 -4.02 -13.07 22.94
CA LYS C 84 -5.28 -13.57 22.47
C LYS C 84 -5.40 -14.85 21.61
N GLY C 85 -4.52 -14.96 20.69
CA GLY C 85 -4.01 -16.06 20.02
C GLY C 85 -4.49 -15.67 18.68
N PRO C 86 -3.89 -16.25 17.63
CA PRO C 86 -4.31 -15.96 16.33
C PRO C 86 -5.65 -16.50 16.04
N LEU C 87 -5.77 -17.91 15.93
CA LEU C 87 -7.01 -18.47 15.51
C LEU C 87 -8.07 -17.99 16.40
N ASP C 88 -7.74 -17.64 17.71
CA ASP C 88 -8.73 -17.23 18.68
C ASP C 88 -9.30 -15.95 18.20
N CYS C 89 -8.48 -15.16 17.43
CA CYS C 89 -8.93 -13.77 17.05
C CYS C 89 -9.79 -13.85 15.86
N PHE C 90 -9.65 -15.02 15.11
CA PHE C 90 -10.32 -15.29 13.84
C PHE C 90 -11.70 -15.48 14.13
N THR C 91 -12.03 -16.03 15.38
CA THR C 91 -13.40 -16.37 15.73
C THR C 91 -14.02 -15.19 16.05
N PHE C 92 -13.34 -14.15 16.65
CA PHE C 92 -13.97 -12.95 17.22
C PHE C 92 -14.24 -12.06 16.11
N LEU C 93 -13.32 -12.18 15.04
CA LEU C 93 -13.39 -11.41 13.83
C LEU C 93 -14.65 -11.84 13.10
N GLU C 94 -14.88 -13.19 12.88
CA GLU C 94 -15.97 -13.60 11.99
C GLU C 94 -17.21 -13.09 12.49
N THR C 95 -17.32 -13.23 13.86
CA THR C 95 -18.63 -12.94 14.72
C THR C 95 -18.97 -11.47 14.43
N ILE C 96 -17.90 -10.62 14.30
CA ILE C 96 -17.97 -9.17 14.22
C ILE C 96 -18.54 -8.81 12.94
N ASP C 97 -18.30 -9.83 11.91
CA ASP C 97 -18.60 -9.68 10.53
C ASP C 97 -19.97 -9.75 10.37
N ARG C 98 -20.53 -10.84 11.09
CA ARG C 98 -21.99 -11.21 11.01
C ARG C 98 -22.79 -10.23 11.74
N ILE C 99 -22.49 -9.74 12.92
CA ILE C 99 -23.40 -8.76 13.54
C ILE C 99 -23.64 -7.47 12.70
N LEU C 100 -22.60 -6.99 12.03
CA LEU C 100 -22.71 -5.76 11.23
C LEU C 100 -23.73 -5.80 10.09
N LEU C 101 -23.82 -6.92 9.38
CA LEU C 101 -24.79 -7.02 8.28
C LEU C 101 -26.22 -6.92 8.80
N GLU C 102 -26.46 -7.57 9.94
CA GLU C 102 -27.77 -7.54 10.57
C GLU C 102 -28.07 -6.10 10.97
N TYR C 103 -27.06 -5.42 11.51
CA TYR C 103 -27.26 -4.03 11.90
C TYR C 103 -27.64 -3.17 10.69
N PHE C 104 -26.94 -3.41 9.59
CA PHE C 104 -27.21 -2.73 8.33
C PHE C 104 -28.56 -3.22 7.81
N ASP C 105 -28.87 -4.45 8.21
CA ASP C 105 -30.04 -5.25 7.85
C ASP C 105 -29.55 -6.64 7.40
N LYS C 106 -28.23 -6.75 7.21
CA LYS C 106 -27.58 -7.99 6.80
C LYS C 106 -27.67 -8.18 5.30
N ASP C 107 -28.31 -7.24 4.62
CA ASP C 107 -28.45 -7.34 3.18
C ASP C 107 -27.13 -7.30 2.44
N LYS C 108 -26.25 -6.35 2.79
CA LYS C 108 -24.96 -6.29 2.09
C LYS C 108 -23.83 -5.41 2.64
N LEU C 109 -22.98 -5.91 3.54
CA LEU C 109 -21.96 -5.18 3.90
C LEU C 109 -20.78 -5.34 2.93
N SER C 110 -20.88 -4.41 1.95
CA SER C 110 -19.94 -4.14 0.93
C SER C 110 -19.22 -3.03 1.43
N ILE C 111 -18.00 -2.81 0.83
CA ILE C 111 -17.04 -1.83 1.22
C ILE C 111 -17.63 -0.54 1.19
N LYS C 112 -18.65 -0.35 0.31
CA LYS C 112 -19.27 0.90 0.17
C LYS C 112 -20.03 1.18 1.44
N LYS C 113 -20.82 0.15 1.94
CA LYS C 113 -21.68 0.33 3.02
C LYS C 113 -20.98 0.46 4.20
N ILE C 114 -19.77 -0.22 4.22
CA ILE C 114 -18.90 -0.26 5.38
C ILE C 114 -18.48 1.09 5.75
N VAL C 115 -18.11 1.80 4.69
CA VAL C 115 -17.66 3.06 4.97
C VAL C 115 -18.84 3.81 5.59
N ASN C 116 -20.00 3.66 4.97
CA ASN C 116 -21.00 4.52 5.44
C ASN C 116 -21.27 4.10 6.88
N ASN C 117 -21.41 2.74 7.06
CA ASN C 117 -21.88 2.30 8.36
C ASN C 117 -20.74 2.11 9.35
N TYR C 118 -19.46 2.33 8.96
CA TYR C 118 -18.14 2.19 9.61
C TYR C 118 -18.41 2.57 10.97
N ASP C 119 -19.30 3.45 11.34
CA ASP C 119 -19.45 3.80 12.71
C ASP C 119 -20.23 2.72 13.49
N ARG C 120 -21.34 2.21 12.95
CA ARG C 120 -22.18 1.30 13.58
C ARG C 120 -21.43 0.05 13.82
N ILE C 121 -20.34 -0.14 12.97
CA ILE C 121 -19.51 -1.36 12.97
C ILE C 121 -18.62 -1.32 14.14
N SER C 122 -18.21 -0.06 14.52
CA SER C 122 -17.29 0.17 15.59
C SER C 122 -18.01 -0.07 16.83
N LEU C 123 -19.37 0.31 16.88
CA LEU C 123 -20.11 0.25 18.09
C LEU C 123 -20.42 -1.09 18.41
N ILE C 124 -20.45 -1.97 17.35
CA ILE C 124 -20.80 -3.31 17.49
C ILE C 124 -19.71 -4.03 18.10
N PHE C 125 -18.48 -3.78 17.58
CA PHE C 125 -17.32 -4.45 17.95
C PHE C 125 -17.29 -4.41 19.41
N ASN C 126 -17.68 -3.34 20.09
CA ASN C 126 -17.74 -3.28 21.54
C ASN C 126 -18.88 -4.13 22.09
N CYS C 127 -20.05 -4.03 21.44
CA CYS C 127 -21.26 -4.75 21.86
C CYS C 127 -21.17 -6.27 21.75
N CYS C 128 -20.62 -6.74 20.63
CA CYS C 128 -20.44 -8.17 20.45
C CYS C 128 -19.39 -8.57 21.45
N VAL C 129 -18.37 -7.71 21.53
CA VAL C 129 -17.21 -7.88 22.39
C VAL C 129 -17.70 -8.08 23.81
N GLU C 130 -18.90 -7.57 24.05
CA GLU C 130 -19.54 -7.75 25.30
C GLU C 130 -20.25 -9.04 24.90
N ALA C 131 -21.58 -9.06 24.77
CA ALA C 131 -22.35 -10.28 24.40
C ALA C 131 -21.82 -11.36 25.35
N GLY C 132 -21.67 -10.95 26.61
CA GLY C 132 -20.98 -11.55 27.44
C GLY C 132 -20.00 -11.89 26.77
N ASN C 212 -50.89 -15.76 11.20
CA ASN C 212 -49.57 -15.92 11.14
C ASN C 212 -49.14 -16.57 9.88
N GLU C 213 -48.18 -15.95 9.23
CA GLU C 213 -48.02 -16.37 7.88
C GLU C 213 -46.62 -16.73 7.59
N LEU C 214 -46.45 -17.85 6.89
CA LEU C 214 -45.10 -18.22 6.65
C LEU C 214 -44.81 -18.19 5.17
N TYR C 215 -43.72 -17.72 4.71
CA TYR C 215 -43.45 -17.98 3.32
C TYR C 215 -42.02 -18.43 3.15
N VAL C 216 -41.82 -19.40 2.24
CA VAL C 216 -40.45 -19.73 1.96
C VAL C 216 -40.07 -19.19 0.64
N ASP C 217 -39.24 -18.17 0.68
CA ASP C 217 -38.92 -17.60 -0.57
C ASP C 217 -37.67 -18.15 -1.25
N LEU C 218 -37.59 -19.32 -1.74
CA LEU C 218 -36.23 -19.73 -2.15
C LEU C 218 -35.67 -18.87 -3.25
N LEU C 219 -34.66 -18.04 -2.87
CA LEU C 219 -34.00 -17.35 -3.93
C LEU C 219 -32.83 -18.12 -4.48
N GLU C 220 -32.71 -18.26 -5.80
CA GLU C 220 -31.61 -19.08 -6.33
C GLU C 220 -30.72 -18.45 -7.37
N THR C 221 -29.44 -18.09 -6.93
CA THR C 221 -28.64 -17.51 -7.96
C THR C 221 -27.79 -18.53 -8.59
N PHE C 222 -28.12 -18.84 -9.86
CA PHE C 222 -27.29 -19.79 -10.51
C PHE C 222 -26.07 -19.15 -11.04
N HIS C 223 -25.06 -19.94 -11.33
CA HIS C 223 -24.07 -19.43 -12.25
C HIS C 223 -23.51 -20.55 -13.14
N VAL C 224 -23.59 -20.47 -14.34
CA VAL C 224 -23.29 -21.71 -15.06
C VAL C 224 -22.23 -21.48 -16.18
N VAL C 225 -21.21 -22.35 -16.27
CA VAL C 225 -20.14 -22.14 -17.25
C VAL C 225 -20.37 -23.01 -18.22
N PHE C 226 -21.04 -22.45 -19.26
CA PHE C 226 -21.33 -23.24 -20.37
C PHE C 226 -20.21 -23.29 -21.43
N GLU C 227 -20.06 -24.49 -22.12
CA GLU C 227 -19.15 -24.40 -23.28
C GLU C 227 -19.85 -24.80 -24.51
N LYS C 228 -19.87 -23.83 -25.40
CA LYS C 228 -20.57 -24.17 -26.57
C LYS C 228 -19.70 -25.12 -27.39
N LYS C 229 -20.03 -26.25 -27.69
CA LYS C 229 -19.37 -27.01 -28.69
C LYS C 229 -20.36 -27.82 -29.46
N LYS C 230 -20.12 -28.18 -30.73
CA LYS C 230 -21.02 -29.10 -31.45
C LYS C 230 -22.55 -28.36 -31.55
N SER C 231 -23.00 -27.01 -31.81
CA SER C 231 -24.56 -26.56 -31.88
C SER C 231 -25.22 -26.56 -30.49
N HIS C 232 -24.87 -27.47 -29.60
CA HIS C 232 -25.60 -27.26 -28.29
C HIS C 232 -24.63 -26.63 -27.22
N LEU C 233 -25.29 -25.90 -26.36
CA LEU C 233 -24.54 -25.36 -25.23
C LEU C 233 -24.33 -26.46 -24.13
N ARG C 234 -23.15 -27.00 -23.93
CA ARG C 234 -23.00 -28.09 -22.91
C ARG C 234 -22.61 -27.52 -21.50
N LEU C 235 -23.51 -27.57 -20.57
CA LEU C 235 -23.11 -27.00 -19.25
C LEU C 235 -21.85 -27.67 -18.79
N LEU C 236 -20.78 -26.94 -18.84
CA LEU C 236 -19.54 -27.48 -18.45
C LEU C 236 -19.44 -27.42 -16.90
N THR C 237 -19.72 -26.23 -16.33
CA THR C 237 -19.70 -26.12 -14.87
C THR C 237 -20.75 -25.20 -14.29
N GLY C 238 -20.85 -25.17 -13.05
CA GLY C 238 -21.70 -24.08 -12.75
C GLY C 238 -22.14 -24.23 -11.40
N SER C 239 -22.46 -23.11 -10.88
CA SER C 239 -22.74 -23.17 -9.60
C SER C 239 -23.99 -22.47 -9.26
N ILE C 240 -24.90 -23.26 -8.73
CA ILE C 240 -26.10 -22.65 -8.38
C ILE C 240 -26.12 -22.50 -6.93
N HIS C 241 -26.28 -21.32 -6.51
CA HIS C 241 -26.21 -21.12 -5.12
C HIS C 241 -27.57 -20.75 -4.67
N GLY C 242 -28.12 -21.59 -3.86
CA GLY C 242 -29.42 -21.28 -3.38
C GLY C 242 -29.24 -20.90 -1.96
N ILE C 243 -29.78 -19.78 -1.65
CA ILE C 243 -30.11 -19.44 -0.31
C ILE C 243 -31.60 -19.61 0.03
N VAL C 244 -31.95 -20.28 1.08
CA VAL C 244 -33.39 -20.32 1.32
C VAL C 244 -33.73 -19.57 2.53
N ASP C 245 -34.46 -18.45 2.24
CA ASP C 245 -34.82 -17.62 3.36
C ASP C 245 -36.27 -17.84 3.79
N VAL C 246 -36.77 -17.28 4.83
CA VAL C 246 -38.19 -17.43 5.08
C VAL C 246 -38.76 -16.28 5.90
N ARG C 247 -39.80 -15.57 5.37
CA ARG C 247 -40.27 -14.39 6.06
C ARG C 247 -41.56 -14.57 6.72
N SER C 248 -41.56 -14.39 8.07
CA SER C 248 -42.63 -15.02 8.74
C SER C 248 -43.42 -14.03 9.40
N TYR C 249 -44.55 -14.47 9.88
CA TYR C 249 -45.37 -13.50 10.46
C TYR C 249 -46.10 -14.14 11.60
N LEU C 250 -45.41 -14.95 12.38
CA LEU C 250 -46.12 -15.60 13.41
C LEU C 250 -46.21 -14.75 14.62
N ASN C 251 -46.31 -15.22 15.74
CA ASN C 251 -46.29 -14.26 16.84
C ASN C 251 -45.28 -14.77 17.91
N ASP C 252 -44.74 -16.02 17.78
CA ASP C 252 -44.15 -16.75 18.94
C ASP C 252 -43.48 -17.58 17.95
N ASN C 253 -42.94 -18.50 18.50
CA ASN C 253 -42.01 -19.36 18.02
C ASN C 253 -42.30 -20.77 17.73
N PRO C 254 -43.40 -20.96 17.17
CA PRO C 254 -43.55 -22.17 16.50
C PRO C 254 -42.25 -22.56 15.67
N LEU C 255 -42.26 -23.85 15.20
CA LEU C 255 -41.33 -24.59 14.28
C LEU C 255 -41.89 -24.73 12.82
N VAL C 256 -40.99 -24.86 11.78
CA VAL C 256 -41.52 -25.06 10.42
C VAL C 256 -40.82 -26.25 9.81
N ALA C 257 -41.77 -26.93 9.03
CA ALA C 257 -41.23 -27.91 8.30
C ALA C 257 -41.24 -27.49 6.87
N VAL C 258 -40.21 -27.85 6.15
CA VAL C 258 -40.21 -27.50 4.77
C VAL C 258 -39.91 -28.70 3.94
N LYS C 259 -40.76 -29.05 3.04
CA LYS C 259 -40.44 -30.22 2.27
C LYS C 259 -39.75 -29.82 1.00
N LEU C 260 -38.57 -30.49 0.78
CA LEU C 260 -37.84 -30.06 -0.39
C LEU C 260 -37.77 -31.16 -1.34
N ASN C 261 -37.63 -30.84 -2.59
CA ASN C 261 -37.75 -31.97 -3.45
C ASN C 261 -36.69 -32.14 -4.33
N THR C 262 -36.56 -33.38 -4.69
CA THR C 262 -35.48 -33.44 -5.51
C THR C 262 -35.85 -33.34 -6.83
N MET C 263 -35.39 -32.24 -7.43
CA MET C 263 -35.90 -32.37 -8.66
C MET C 263 -35.18 -33.44 -9.50
N GLY C 264 -34.88 -34.54 -8.85
CA GLY C 264 -34.18 -35.83 -9.10
C GLY C 264 -32.66 -35.84 -9.39
N ASN C 265 -32.05 -34.76 -8.94
CA ASN C 265 -30.74 -34.16 -9.26
C ASN C 265 -30.20 -34.60 -7.94
N ASP C 266 -29.62 -35.72 -7.54
CA ASP C 266 -29.37 -35.75 -6.06
C ASP C 266 -28.73 -34.44 -5.72
N ILE C 267 -29.69 -33.89 -4.84
CA ILE C 267 -29.71 -32.76 -3.97
C ILE C 267 -28.92 -33.20 -2.89
N GLY C 268 -27.91 -32.50 -2.54
CA GLY C 268 -27.04 -33.23 -1.74
C GLY C 268 -26.71 -32.35 -0.60
N ILE C 269 -26.03 -31.18 -0.86
CA ILE C 269 -25.93 -30.74 0.45
C ILE C 269 -26.73 -29.42 0.63
N PRO C 270 -27.81 -29.44 1.31
CA PRO C 270 -28.37 -28.26 1.85
C PRO C 270 -27.59 -27.75 3.07
N SER C 271 -27.12 -26.51 3.08
CA SER C 271 -26.43 -26.07 4.28
C SER C 271 -27.33 -25.17 5.11
N LEU C 272 -27.36 -25.38 6.49
CA LEU C 272 -28.46 -24.74 7.08
C LEU C 272 -27.82 -23.53 7.96
N HIS C 273 -28.46 -22.43 8.10
CA HIS C 273 -28.22 -21.08 8.71
C HIS C 273 -28.16 -21.30 10.17
N ASP C 274 -27.71 -20.47 10.98
CA ASP C 274 -27.46 -20.73 12.39
C ASP C 274 -28.85 -20.83 13.12
N CYS C 275 -29.89 -20.16 12.68
CA CYS C 275 -31.25 -20.28 13.29
C CYS C 275 -31.99 -21.41 12.69
N VAL C 276 -31.28 -22.25 11.95
CA VAL C 276 -31.95 -23.38 11.39
C VAL C 276 -31.40 -24.79 11.93
N GLU C 277 -32.44 -25.77 12.03
CA GLU C 277 -32.12 -27.12 12.43
C GLU C 277 -32.34 -28.35 11.47
N ILE C 278 -31.24 -29.08 11.29
CA ILE C 278 -31.32 -30.21 10.39
C ILE C 278 -30.92 -31.49 11.08
N ASN C 279 -31.81 -31.94 11.95
CA ASN C 279 -31.59 -33.18 12.66
C ASN C 279 -31.65 -34.21 11.54
N ASP C 280 -30.73 -35.15 11.58
CA ASP C 280 -30.67 -36.18 10.57
C ASP C 280 -31.93 -37.03 10.62
N GLY C 281 -32.49 -37.17 11.82
CA GLY C 281 -33.62 -38.04 12.01
C GLY C 281 -34.66 -37.22 12.76
N VAL C 282 -35.80 -37.02 12.13
CA VAL C 282 -36.86 -36.28 12.76
C VAL C 282 -37.37 -35.49 11.56
N PHE C 283 -36.42 -35.09 10.72
CA PHE C 283 -36.71 -34.40 9.64
C PHE C 283 -35.99 -35.35 8.68
N SER C 284 -36.78 -35.77 7.75
CA SER C 284 -36.47 -36.68 6.60
C SER C 284 -35.31 -36.19 5.71
N PRO C 285 -34.86 -36.98 4.88
CA PRO C 285 -33.80 -36.19 4.25
C PRO C 285 -34.13 -34.95 3.51
N SER C 286 -35.32 -34.88 2.99
CA SER C 286 -35.73 -33.72 2.24
C SER C 286 -36.43 -32.62 2.96
N ASN C 287 -36.50 -32.71 4.28
CA ASN C 287 -37.18 -31.69 5.08
C ASN C 287 -36.35 -31.11 6.22
N ILE C 288 -36.61 -29.85 6.55
CA ILE C 288 -35.90 -29.15 7.62
C ILE C 288 -36.84 -28.38 8.54
N THR C 289 -36.39 -28.12 9.77
CA THR C 289 -37.19 -27.40 10.76
C THR C 289 -36.58 -26.03 11.06
N PHE C 290 -37.42 -24.98 11.04
CA PHE C 290 -36.96 -23.62 11.30
C PHE C 290 -37.57 -22.98 12.53
N ILE C 291 -36.71 -22.39 13.36
CA ILE C 291 -37.11 -21.71 14.56
C ILE C 291 -37.01 -20.16 14.25
N PRO C 292 -37.77 -19.27 14.87
CA PRO C 292 -37.90 -17.86 14.51
C PRO C 292 -36.60 -17.47 15.36
N PRO C 293 -36.09 -16.39 14.84
CA PRO C 293 -35.56 -15.07 14.80
C PRO C 293 -36.55 -14.16 14.49
N ASP C 294 -36.61 -12.99 15.08
CA ASP C 294 -37.26 -12.15 14.32
C ASP C 294 -35.75 -12.24 13.76
N GLY C 295 -35.67 -11.80 12.46
CA GLY C 295 -34.64 -11.50 11.44
C GLY C 295 -35.09 -12.37 10.09
N LYS C 296 -34.81 -11.96 8.81
CA LYS C 296 -34.77 -12.81 7.51
C LYS C 296 -33.80 -13.78 7.66
N PHE C 297 -34.23 -14.93 7.44
CA PHE C 297 -33.26 -15.81 7.77
C PHE C 297 -32.95 -16.66 6.52
N ARG C 298 -31.62 -16.83 6.21
CA ARG C 298 -31.16 -17.72 5.15
C ARG C 298 -31.39 -19.17 5.65
N LEU C 299 -32.18 -19.98 5.10
CA LEU C 299 -32.58 -21.15 5.87
C LEU C 299 -31.74 -22.31 5.56
N LEU C 300 -31.36 -22.19 4.27
CA LEU C 300 -30.50 -23.16 3.72
C LEU C 300 -29.88 -22.54 2.52
N GLU C 301 -28.51 -22.69 2.58
CA GLU C 301 -27.75 -22.38 1.42
C GLU C 301 -27.44 -23.69 0.77
N TYR C 302 -27.34 -23.67 -0.59
CA TYR C 302 -27.05 -24.96 -1.22
C TYR C 302 -26.22 -24.69 -2.37
N SER C 303 -25.22 -25.52 -2.44
CA SER C 303 -24.46 -25.38 -3.56
C SER C 303 -24.50 -26.60 -4.34
N VAL C 304 -24.65 -26.40 -5.65
CA VAL C 304 -24.70 -27.60 -6.40
C VAL C 304 -23.91 -27.41 -7.61
N ASP C 305 -23.11 -28.35 -7.91
CA ASP C 305 -22.41 -28.25 -9.12
C ASP C 305 -23.28 -28.86 -10.29
N LEU C 306 -23.74 -28.07 -11.30
CA LEU C 306 -24.62 -28.46 -12.44
C LEU C 306 -23.81 -29.50 -13.35
N SER C 307 -22.51 -29.47 -13.32
CA SER C 307 -22.03 -30.31 -14.45
C SER C 307 -22.55 -31.69 -14.35
N SER C 308 -22.19 -32.44 -13.24
CA SER C 308 -22.61 -33.83 -13.09
C SER C 308 -24.07 -33.88 -12.92
N GLN C 309 -24.66 -32.77 -12.28
CA GLN C 309 -26.08 -32.81 -11.99
C GLN C 309 -26.93 -32.86 -13.13
N VAL C 310 -26.63 -31.98 -14.03
CA VAL C 310 -27.37 -31.83 -15.18
C VAL C 310 -27.17 -33.18 -15.98
N LYS C 311 -25.92 -33.68 -15.98
CA LYS C 311 -25.68 -34.89 -16.73
C LYS C 311 -26.36 -35.95 -15.94
N GLN C 312 -26.23 -35.96 -14.66
CA GLN C 312 -26.88 -37.05 -14.03
C GLN C 312 -28.41 -36.94 -14.22
N SER C 313 -28.93 -35.73 -14.12
CA SER C 313 -30.37 -35.62 -14.12
C SER C 313 -30.89 -35.67 -15.64
N GLY C 314 -29.97 -35.70 -16.68
CA GLY C 314 -30.15 -35.60 -18.14
C GLY C 314 -30.56 -34.25 -18.66
N VAL C 315 -30.56 -33.27 -17.79
CA VAL C 315 -31.14 -32.03 -18.14
C VAL C 315 -30.34 -31.10 -19.08
N ARG C 316 -30.52 -31.17 -20.40
CA ARG C 316 -30.22 -29.95 -21.18
C ARG C 316 -30.95 -28.68 -20.72
N MET C 317 -30.41 -27.85 -19.82
CA MET C 317 -31.47 -27.02 -19.24
C MET C 317 -32.41 -26.40 -20.13
N ASN C 318 -33.55 -27.06 -20.38
CA ASN C 318 -34.53 -26.48 -21.29
C ASN C 318 -35.28 -25.28 -20.72
N SER C 319 -35.83 -25.46 -19.51
CA SER C 319 -36.55 -24.40 -18.83
C SER C 319 -35.59 -23.33 -18.35
N ILE C 320 -34.49 -23.81 -17.79
CA ILE C 320 -33.43 -22.98 -17.24
C ILE C 320 -32.17 -23.83 -17.14
N GLY C 321 -31.04 -23.18 -16.92
CA GLY C 321 -29.77 -23.89 -16.80
C GLY C 321 -29.07 -24.07 -18.13
N LEU C 322 -29.72 -23.67 -19.21
CA LEU C 322 -29.12 -23.76 -20.48
C LEU C 322 -29.79 -22.85 -21.42
N MET C 323 -29.08 -21.71 -21.44
CA MET C 323 -29.58 -20.87 -22.37
C MET C 323 -28.89 -20.98 -23.72
N SER C 324 -29.64 -21.45 -24.75
CA SER C 324 -28.74 -21.86 -25.85
C SER C 324 -28.41 -20.70 -26.75
N LEU C 325 -27.21 -20.25 -26.63
CA LEU C 325 -26.96 -19.15 -27.48
C LEU C 325 -26.33 -19.50 -28.83
N HIS C 326 -26.90 -19.30 -29.94
CA HIS C 326 -26.15 -19.74 -31.10
C HIS C 326 -25.56 -18.53 -31.79
N PHE C 327 -24.29 -18.39 -31.65
CA PHE C 327 -23.73 -17.24 -32.35
C PHE C 327 -23.27 -17.62 -33.78
N GLN C 328 -24.06 -17.26 -34.80
CA GLN C 328 -23.64 -17.74 -36.09
C GLN C 328 -22.69 -16.81 -36.77
N ASN C 329 -21.45 -17.28 -36.91
CA ASN C 329 -20.76 -16.54 -37.91
C ASN C 329 -21.23 -16.95 -39.38
N GLY C 330 -20.64 -16.55 -40.52
CA GLY C 330 -21.35 -16.37 -41.84
C GLY C 330 -21.82 -14.91 -41.98
N LEU C 331 -21.37 -14.19 -40.99
CA LEU C 331 -21.23 -12.84 -40.54
C LEU C 331 -20.76 -12.29 -41.73
N GLY C 332 -21.05 -11.06 -41.69
CA GLY C 332 -20.41 -10.06 -42.45
C GLY C 332 -19.43 -9.29 -41.58
N LYS C 333 -18.90 -8.27 -42.19
CA LYS C 333 -17.92 -7.58 -41.38
C LYS C 333 -18.43 -6.88 -40.04
N ASP C 334 -19.79 -6.87 -39.80
CA ASP C 334 -20.49 -6.00 -38.78
C ASP C 334 -21.53 -6.85 -38.04
N SER C 335 -21.93 -8.05 -38.65
CA SER C 335 -23.15 -8.72 -38.12
C SER C 335 -22.88 -9.98 -37.89
N ASP C 336 -23.72 -10.40 -36.95
CA ASP C 336 -23.71 -11.68 -36.56
C ASP C 336 -25.15 -12.05 -36.04
N GLU C 337 -25.49 -13.33 -35.78
CA GLU C 337 -26.86 -13.63 -35.30
C GLU C 337 -26.75 -14.64 -34.23
N PHE C 338 -27.14 -14.29 -33.06
CA PHE C 338 -27.09 -15.34 -32.10
C PHE C 338 -28.52 -15.64 -31.55
N GLU C 339 -28.87 -16.91 -31.32
CA GLU C 339 -30.25 -17.16 -30.87
C GLU C 339 -30.21 -17.73 -29.49
N LEU C 340 -30.70 -16.95 -28.61
CA LEU C 340 -30.67 -17.48 -27.29
C LEU C 340 -32.10 -17.74 -26.74
N SER C 341 -32.50 -18.93 -26.43
CA SER C 341 -33.84 -19.06 -25.92
C SER C 341 -33.88 -19.42 -24.43
N LEU C 342 -34.65 -18.66 -23.65
CA LEU C 342 -34.64 -19.05 -22.24
C LEU C 342 -35.99 -19.59 -21.81
N ASN C 343 -36.36 -20.71 -22.41
CA ASN C 343 -37.69 -21.16 -22.24
C ASN C 343 -38.14 -21.40 -20.84
N ILE C 344 -39.38 -21.08 -20.46
CA ILE C 344 -39.70 -21.23 -19.02
C ILE C 344 -40.56 -22.40 -18.99
N GLU C 345 -40.08 -23.41 -19.76
CA GLU C 345 -40.89 -24.53 -19.74
C GLU C 345 -40.71 -25.31 -18.44
N ASN C 346 -39.48 -25.56 -18.04
CA ASN C 346 -39.20 -26.27 -16.81
C ASN C 346 -39.26 -25.32 -15.61
N PHE C 347 -39.50 -24.05 -15.92
CA PHE C 347 -39.58 -23.02 -14.91
C PHE C 347 -41.04 -22.66 -14.69
N LYS C 348 -41.94 -23.43 -15.29
CA LYS C 348 -43.36 -23.20 -15.16
C LYS C 348 -43.73 -23.39 -13.68
N LYS C 349 -43.15 -24.43 -13.09
CA LYS C 349 -43.38 -24.70 -11.67
C LYS C 349 -42.82 -23.53 -10.89
N VAL C 350 -41.66 -23.05 -11.33
CA VAL C 350 -41.00 -21.92 -10.70
C VAL C 350 -41.80 -20.66 -10.96
N SER C 351 -41.78 -19.74 -10.00
CA SER C 351 -42.53 -18.50 -10.14
C SER C 351 -42.09 -17.56 -11.26
N GLN C 352 -40.77 -17.42 -11.46
CA GLN C 352 -40.21 -16.51 -12.47
C GLN C 352 -38.79 -16.24 -12.04
N VAL C 353 -38.09 -15.24 -12.61
CA VAL C 353 -36.75 -15.03 -12.10
C VAL C 353 -36.84 -13.59 -11.61
N ASP C 354 -36.60 -13.39 -10.32
CA ASP C 354 -36.73 -12.05 -9.78
C ASP C 354 -35.30 -12.28 -10.73
N ASP C 355 -35.01 -11.33 -11.42
CA ASP C 355 -34.31 -10.44 -12.23
C ASP C 355 -33.25 -10.96 -13.34
N LEU C 356 -33.33 -12.03 -13.97
CA LEU C 356 -32.23 -12.58 -14.70
C LEU C 356 -31.32 -11.56 -15.41
N LYS C 357 -30.06 -11.34 -14.95
CA LYS C 357 -29.25 -10.29 -15.55
C LYS C 357 -28.15 -10.86 -16.34
N ILE C 358 -28.32 -10.66 -17.71
CA ILE C 358 -27.35 -11.26 -18.53
C ILE C 358 -26.27 -10.36 -18.98
N ASP C 359 -25.10 -10.45 -18.36
CA ASP C 359 -24.10 -9.60 -18.85
C ASP C 359 -23.18 -10.20 -19.92
N LEU C 360 -23.47 -10.08 -21.22
CA LEU C 360 -22.53 -10.73 -22.12
C LEU C 360 -21.20 -10.01 -22.36
N GLN C 361 -20.08 -10.43 -21.76
CA GLN C 361 -18.88 -9.60 -21.99
C GLN C 361 -18.23 -9.78 -23.40
N PHE C 362 -18.06 -8.76 -24.26
CA PHE C 362 -17.54 -9.17 -25.58
C PHE C 362 -16.18 -8.68 -25.59
N ASN C 363 -15.37 -9.55 -25.26
CA ASN C 363 -14.11 -9.17 -24.86
C ASN C 363 -13.93 -7.85 -25.49
N VAL C 364 -13.62 -6.86 -24.70
CA VAL C 364 -13.17 -5.71 -25.40
C VAL C 364 -11.92 -5.38 -24.86
N GLU C 365 -11.51 -6.25 -24.00
CA GLU C 365 -10.27 -5.95 -23.56
C GLU C 365 -9.26 -6.12 -24.66
N ASN C 366 -9.23 -7.20 -25.34
CA ASN C 366 -8.21 -7.25 -26.34
C ASN C 366 -8.58 -6.51 -27.63
N ALA C 367 -9.88 -6.40 -27.89
CA ALA C 367 -10.29 -5.54 -28.99
C ALA C 367 -10.69 -4.33 -28.04
N ASP C 368 -10.36 -3.20 -28.43
CA ASP C 368 -10.53 -1.78 -28.14
C ASP C 368 -11.96 -1.62 -28.35
N PRO C 369 -12.76 -1.25 -27.30
CA PRO C 369 -14.19 -1.10 -27.29
C PRO C 369 -14.68 -0.36 -28.56
N ASN C 370 -13.94 0.56 -29.08
CA ASN C 370 -14.34 1.21 -30.36
C ASN C 370 -14.34 0.26 -31.50
N GLU C 371 -13.52 -0.73 -31.45
CA GLU C 371 -13.54 -1.76 -32.37
C GLU C 371 -14.80 -2.54 -32.14
N ILE C 372 -15.01 -2.82 -30.85
CA ILE C 372 -16.32 -3.48 -30.66
C ILE C 372 -17.49 -2.62 -30.61
N ALA C 373 -17.95 -2.21 -31.74
CA ALA C 373 -19.13 -1.48 -31.56
C ALA C 373 -20.08 -2.45 -31.88
N TYR C 374 -20.85 -2.79 -31.00
CA TYR C 374 -21.66 -3.78 -31.43
C TYR C 374 -23.10 -3.41 -31.24
N LYS C 375 -24.01 -4.02 -31.93
CA LYS C 375 -25.37 -3.60 -31.68
C LYS C 375 -26.21 -4.82 -31.56
N ILE C 376 -27.09 -4.83 -30.62
CA ILE C 376 -27.89 -5.98 -30.58
C ILE C 376 -29.23 -5.65 -31.13
N LYS C 377 -29.41 -6.01 -32.41
CA LYS C 377 -30.62 -5.68 -33.16
C LYS C 377 -31.92 -6.33 -32.75
N ILE C 378 -31.87 -7.62 -32.50
CA ILE C 378 -33.07 -8.33 -32.10
C ILE C 378 -32.88 -9.11 -30.83
N LEU C 379 -33.71 -8.83 -29.84
CA LEU C 379 -33.65 -9.54 -28.59
C LEU C 379 -35.03 -10.12 -28.40
N ARG C 380 -35.12 -11.43 -28.29
CA ARG C 380 -36.43 -12.04 -28.08
C ARG C 380 -36.78 -12.21 -26.62
N ASN C 381 -37.83 -11.51 -26.21
CA ASN C 381 -38.32 -11.56 -24.83
C ASN C 381 -39.78 -11.15 -24.79
N THR C 382 -40.47 -11.52 -23.72
CA THR C 382 -41.85 -11.17 -23.59
C THR C 382 -41.98 -10.26 -22.28
N HIS C 383 -40.90 -10.16 -21.38
CA HIS C 383 -41.16 -9.55 -20.01
C HIS C 383 -40.08 -9.00 -19.16
N GLY C 384 -39.23 -8.33 -19.85
CA GLY C 384 -37.95 -7.95 -19.38
C GLY C 384 -37.55 -6.88 -20.32
N ARG C 385 -36.37 -6.50 -20.13
CA ARG C 385 -35.81 -5.31 -20.66
C ARG C 385 -34.32 -5.50 -21.21
N PHE C 386 -34.16 -5.17 -22.46
CA PHE C 386 -32.89 -5.37 -23.05
C PHE C 386 -32.37 -4.01 -23.48
N GLU C 387 -31.51 -3.58 -22.69
CA GLU C 387 -30.79 -2.49 -23.14
C GLU C 387 -29.28 -2.78 -23.43
N ASN C 388 -28.80 -2.26 -24.57
CA ASN C 388 -27.41 -2.71 -24.79
C ASN C 388 -26.17 -1.87 -24.20
N SER C 389 -25.07 -2.33 -23.56
CA SER C 389 -24.06 -1.27 -23.28
C SER C 389 -22.94 -1.54 -24.14
N ILE C 390 -23.09 -0.98 -25.36
CA ILE C 390 -22.20 -1.21 -26.46
C ILE C 390 -20.86 -0.65 -26.35
N ILE C 391 -20.87 0.44 -25.69
CA ILE C 391 -19.74 1.26 -25.60
C ILE C 391 -18.81 0.61 -24.74
N MET C 392 -19.49 0.05 -23.70
CA MET C 392 -18.71 -0.52 -22.78
C MET C 392 -18.38 -1.93 -23.30
N GLY C 393 -19.04 -2.34 -24.43
CA GLY C 393 -18.81 -3.66 -24.91
C GLY C 393 -19.63 -4.70 -24.23
N GLN C 394 -20.75 -4.24 -23.68
CA GLN C 394 -21.65 -5.20 -22.94
C GLN C 394 -23.24 -5.29 -23.24
N GLY C 395 -23.68 -6.54 -23.48
CA GLY C 395 -25.12 -6.86 -23.24
C GLY C 395 -25.72 -6.77 -21.79
N GLN C 396 -26.90 -6.13 -21.52
CA GLN C 396 -27.48 -6.53 -20.27
C GLN C 396 -28.94 -6.85 -20.44
N TRP C 397 -29.28 -8.02 -20.18
CA TRP C 397 -30.66 -8.21 -20.40
C TRP C 397 -31.34 -8.48 -19.08
N ILE C 398 -32.24 -7.61 -18.69
CA ILE C 398 -32.76 -7.81 -17.40
C ILE C 398 -34.27 -8.42 -17.43
N PHE C 399 -34.47 -9.69 -17.07
CA PHE C 399 -35.87 -10.14 -17.20
C PHE C 399 -36.56 -9.82 -15.87
N ASP C 400 -37.65 -9.12 -15.87
CA ASP C 400 -38.30 -8.76 -14.61
C ASP C 400 -39.10 -9.99 -14.20
N LYS C 401 -39.37 -10.17 -12.85
CA LYS C 401 -39.98 -11.31 -12.13
C LYS C 401 -41.36 -11.56 -12.59
N SER C 402 -41.89 -10.57 -13.31
CA SER C 402 -43.27 -10.51 -13.78
C SER C 402 -43.70 -11.68 -14.64
N THR C 403 -42.83 -12.23 -15.49
CA THR C 403 -43.25 -13.39 -16.28
C THR C 403 -43.66 -14.44 -15.26
N ALA C 404 -44.81 -15.06 -15.45
CA ALA C 404 -45.30 -16.02 -14.48
C ALA C 404 -45.44 -17.45 -14.97
N THR C 405 -44.94 -18.38 -14.17
CA THR C 405 -45.02 -19.79 -14.48
C THR C 405 -44.31 -20.13 -15.80
N GLY C 406 -44.98 -20.91 -16.64
CA GLY C 406 -44.41 -21.31 -17.92
C GLY C 406 -44.64 -20.46 -19.16
N THR C 407 -43.99 -19.30 -19.25
CA THR C 407 -44.14 -18.56 -20.39
C THR C 407 -42.71 -18.61 -20.62
N VAL C 408 -42.46 -18.58 -21.88
CA VAL C 408 -41.20 -18.73 -22.44
C VAL C 408 -40.79 -17.46 -23.06
N PRO C 409 -39.98 -16.76 -22.31
CA PRO C 409 -39.29 -15.61 -22.78
C PRO C 409 -38.20 -15.98 -23.78
N VAL C 410 -38.52 -15.97 -25.07
CA VAL C 410 -37.54 -16.37 -26.06
C VAL C 410 -36.36 -15.41 -26.08
N LEU C 411 -35.15 -15.96 -26.08
CA LEU C 411 -33.96 -15.15 -26.15
C LEU C 411 -33.34 -15.37 -27.51
N ARG C 412 -33.47 -14.35 -28.36
CA ARG C 412 -32.93 -14.43 -29.71
C ARG C 412 -32.79 -13.03 -30.28
N GLY C 413 -31.99 -12.90 -31.33
CA GLY C 413 -31.80 -11.63 -31.97
C GLY C 413 -30.49 -11.67 -32.63
N CYS C 414 -29.96 -10.52 -32.83
CA CYS C 414 -28.79 -10.47 -33.62
C CYS C 414 -27.78 -9.50 -33.10
N ILE C 415 -26.50 -9.93 -33.14
CA ILE C 415 -25.53 -9.00 -32.66
C ILE C 415 -24.85 -8.30 -33.78
N GLU C 416 -24.95 -7.07 -33.91
CA GLU C 416 -24.27 -6.53 -35.04
C GLU C 416 -23.13 -5.65 -34.51
N TYR C 417 -21.91 -5.90 -34.98
CA TYR C 417 -20.75 -5.18 -34.47
C TYR C 417 -20.51 -4.09 -35.38
N GLU C 418 -21.20 -3.06 -34.99
CA GLU C 418 -21.18 -1.88 -35.65
C GLU C 418 -19.78 -1.13 -35.39
N ASN C 419 -19.16 -0.32 -36.28
CA ASN C 419 -17.79 0.17 -35.90
C ASN C 419 -17.78 1.50 -36.34
N THR C 420 -17.63 2.27 -35.39
CA THR C 420 -17.23 3.50 -35.71
C THR C 420 -15.81 3.36 -36.30
N GLY C 421 -14.84 2.55 -35.76
CA GLY C 421 -13.73 2.64 -36.73
C GLY C 421 -13.63 1.60 -37.85
N PRO C 422 -12.91 1.98 -38.84
CA PRO C 422 -12.65 0.75 -39.57
C PRO C 422 -11.68 -0.21 -38.85
N ASN C 423 -11.09 0.22 -37.68
CA ASN C 423 -9.97 -0.57 -37.10
C ASN C 423 -10.40 -1.77 -36.32
N PHE C 424 -11.62 -2.14 -36.50
CA PHE C 424 -12.15 -3.25 -35.86
C PHE C 424 -11.65 -4.21 -36.92
N THR C 425 -11.03 -5.20 -36.54
CA THR C 425 -10.78 -6.37 -37.30
C THR C 425 -11.98 -7.19 -36.57
N LYS C 426 -12.81 -7.88 -37.35
CA LYS C 426 -14.09 -8.68 -37.23
C LYS C 426 -13.41 -9.93 -36.84
N LYS C 427 -12.93 -9.76 -35.71
CA LYS C 427 -12.66 -10.47 -34.57
C LYS C 427 -13.45 -9.92 -33.30
N VAL C 428 -14.37 -10.69 -32.60
CA VAL C 428 -14.64 -10.27 -31.17
C VAL C 428 -14.44 -11.38 -30.19
N ASP C 429 -13.10 -11.68 -29.99
CA ASP C 429 -12.97 -12.94 -29.36
C ASP C 429 -14.17 -13.48 -28.60
N LEU C 430 -15.08 -14.27 -29.11
CA LEU C 430 -16.26 -14.15 -28.27
C LEU C 430 -16.17 -14.81 -26.93
N GLN C 431 -16.27 -14.06 -25.85
CA GLN C 431 -15.75 -14.71 -24.68
C GLN C 431 -16.96 -15.10 -23.80
N THR C 432 -17.03 -14.77 -22.55
CA THR C 432 -17.77 -15.62 -21.59
C THR C 432 -19.08 -14.98 -21.26
N VAL C 433 -20.15 -15.65 -21.68
CA VAL C 433 -21.40 -15.01 -21.43
C VAL C 433 -21.95 -15.51 -20.15
N SER C 434 -21.84 -14.61 -19.14
CA SER C 434 -22.21 -15.09 -17.85
C SER C 434 -23.63 -14.76 -17.57
N LEU C 435 -24.40 -15.78 -17.32
CA LEU C 435 -25.77 -15.48 -17.07
C LEU C 435 -26.08 -15.81 -15.65
N GLU C 436 -26.45 -14.79 -14.91
CA GLU C 436 -26.71 -15.06 -13.53
C GLU C 436 -28.17 -15.02 -13.36
N TYR C 437 -28.71 -16.16 -12.99
CA TYR C 437 -30.11 -16.17 -12.81
C TYR C 437 -30.37 -16.07 -11.33
N SER C 438 -31.49 -15.53 -10.98
CA SER C 438 -31.82 -15.52 -9.66
C SER C 438 -33.24 -15.93 -9.69
N TYR C 439 -33.51 -17.08 -9.11
CA TYR C 439 -34.87 -17.60 -9.14
C TYR C 439 -35.32 -17.60 -7.72
N ILE C 440 -36.42 -16.92 -7.50
CA ILE C 440 -36.95 -16.77 -6.17
C ILE C 440 -38.09 -17.70 -5.80
N GLY C 441 -37.78 -18.98 -5.50
CA GLY C 441 -38.76 -19.81 -5.10
C GLY C 441 -38.70 -21.05 -5.74
N GLN C 442 -37.46 -21.21 -6.19
CA GLN C 442 -36.92 -22.36 -6.86
C GLN C 442 -35.74 -22.71 -5.94
N SER C 443 -35.15 -23.87 -6.16
CA SER C 443 -34.16 -24.49 -5.27
C SER C 443 -32.90 -24.47 -6.11
N ALA C 444 -31.78 -24.04 -5.59
CA ALA C 444 -30.54 -24.00 -6.31
C ALA C 444 -30.06 -25.36 -6.89
N SER C 445 -30.17 -26.38 -6.07
CA SER C 445 -29.78 -27.77 -6.35
C SER C 445 -30.97 -28.47 -7.08
N GLY C 446 -32.23 -27.84 -7.12
CA GLY C 446 -33.46 -28.69 -7.17
C GLY C 446 -34.21 -28.95 -5.78
N ILE C 447 -33.76 -28.28 -4.67
CA ILE C 447 -34.31 -28.16 -3.26
C ILE C 447 -35.74 -27.54 -3.27
N TYR C 448 -36.46 -28.09 -4.24
CA TYR C 448 -37.82 -27.66 -4.47
C TYR C 448 -38.63 -27.99 -3.24
N VAL C 449 -39.45 -27.04 -2.80
CA VAL C 449 -40.27 -27.28 -1.63
C VAL C 449 -41.74 -27.35 -2.01
N GLU C 450 -42.33 -28.55 -1.89
CA GLU C 450 -43.72 -28.73 -2.24
C GLU C 450 -44.61 -27.90 -1.32
N ALA C 451 -44.30 -27.97 -0.04
CA ALA C 451 -45.04 -27.23 0.98
C ALA C 451 -44.23 -27.12 2.26
N ILE C 452 -44.61 -26.16 3.10
CA ILE C 452 -43.95 -25.94 4.40
C ILE C 452 -44.99 -25.59 5.45
N ASP C 453 -44.80 -26.09 6.67
CA ASP C 453 -45.74 -25.81 7.76
C ASP C 453 -45.12 -25.98 9.15
N ILE C 454 -45.75 -25.37 10.15
CA ILE C 454 -45.27 -25.48 11.53
C ILE C 454 -45.44 -26.95 11.90
N VAL C 455 -44.52 -27.50 12.68
CA VAL C 455 -44.63 -28.91 13.03
C VAL C 455 -44.48 -29.34 14.49
N SER C 456 -45.48 -29.05 15.32
CA SER C 456 -45.44 -29.49 16.61
C SER C 456 -46.60 -30.38 17.15
N GLY C 457 -47.03 -31.55 16.44
CA GLY C 457 -47.66 -32.74 17.06
C GLY C 457 -48.96 -32.33 16.65
N LEU C 458 -48.72 -31.36 15.79
CA LEU C 458 -49.81 -30.64 15.26
C LEU C 458 -49.91 -31.49 14.11
N THR C 459 -51.04 -31.16 13.44
CA THR C 459 -51.76 -31.55 12.25
C THR C 459 -51.71 -30.32 11.35
N ILE C 460 -51.90 -30.55 10.07
CA ILE C 460 -52.07 -29.50 9.06
C ILE C 460 -53.49 -28.95 9.17
N GLY C 461 -53.49 -27.68 9.28
CA GLY C 461 -54.47 -26.63 9.44
C GLY C 461 -54.72 -26.55 10.92
N LYS C 462 -53.85 -27.18 11.71
CA LYS C 462 -54.05 -26.84 13.06
C LYS C 462 -53.52 -25.48 12.55
N ASN C 463 -53.76 -24.46 13.23
CA ASN C 463 -54.16 -23.13 12.83
C ASN C 463 -53.17 -22.33 12.05
N THR C 464 -52.17 -22.97 11.60
CA THR C 464 -51.03 -22.26 11.14
C THR C 464 -51.37 -22.04 9.62
N LYS C 465 -50.98 -20.88 9.04
CA LYS C 465 -51.12 -20.45 7.61
C LYS C 465 -49.78 -20.43 6.95
N LEU C 466 -49.80 -20.29 5.61
CA LEU C 466 -48.58 -20.37 4.80
C LEU C 466 -48.58 -18.97 4.06
N TYR C 467 -47.48 -18.27 4.06
CA TYR C 467 -47.18 -16.90 3.68
C TYR C 467 -46.68 -16.96 2.28
N LYS C 468 -46.37 -15.81 1.72
CA LYS C 468 -45.63 -15.73 0.49
C LYS C 468 -44.84 -14.53 0.37
N GLY C 469 -43.52 -14.83 0.46
CA GLY C 469 -42.61 -13.87 0.03
C GLY C 469 -41.46 -13.88 1.04
N ALA C 470 -41.17 -15.01 1.79
CA ALA C 470 -39.71 -15.00 2.11
C ALA C 470 -38.91 -14.57 0.88
N LYS C 471 -37.57 -14.38 1.04
CA LYS C 471 -36.76 -14.07 -0.13
C LYS C 471 -35.37 -14.44 0.10
N TYR C 472 -34.89 -15.44 -0.57
CA TYR C 472 -33.51 -15.66 -0.32
C TYR C 472 -32.70 -15.03 -1.39
N LYS C 473 -31.41 -15.13 -1.22
CA LYS C 473 -30.58 -14.66 -2.26
C LYS C 473 -29.54 -15.71 -2.50
N THR C 474 -28.93 -15.73 -3.61
CA THR C 474 -27.94 -16.75 -3.80
C THR C 474 -26.97 -16.23 -4.80
N GLN C 475 -25.70 -16.42 -4.54
CA GLN C 475 -24.79 -15.90 -5.50
C GLN C 475 -23.62 -16.75 -5.47
N THR C 476 -23.07 -16.86 -6.70
CA THR C 476 -21.82 -17.49 -6.74
C THR C 476 -21.03 -16.72 -7.69
N GLY C 477 -20.65 -17.39 -8.65
CA GLY C 477 -19.88 -16.92 -9.70
C GLY C 477 -19.79 -17.61 -10.96
N ASN C 478 -19.61 -16.84 -11.98
CA ASN C 478 -20.87 -16.85 -12.51
C ASN C 478 -21.04 -17.70 -13.77
N PHE C 479 -22.23 -17.96 -14.18
CA PHE C 479 -22.32 -18.82 -15.35
C PHE C 479 -21.35 -18.34 -16.35
N GLN C 480 -20.99 -19.23 -17.25
CA GLN C 480 -20.04 -18.80 -18.21
C GLN C 480 -20.26 -19.60 -19.42
N VAL C 481 -20.61 -19.02 -20.46
CA VAL C 481 -20.70 -19.80 -21.63
C VAL C 481 -19.61 -19.45 -22.53
N ARG C 482 -18.86 -20.45 -22.87
CA ARG C 482 -17.75 -20.12 -23.67
C ARG C 482 -18.13 -20.58 -25.00
N LEU C 483 -17.66 -19.85 -25.93
CA LEU C 483 -17.79 -20.15 -27.29
C LEU C 483 -16.39 -20.12 -27.89
N MET D 1 4.05 38.23 -13.56
CA MET D 1 2.97 39.10 -13.83
C MET D 1 2.26 39.58 -12.49
N ILE D 2 2.11 40.81 -12.38
CA ILE D 2 1.27 41.30 -11.29
C ILE D 2 -0.06 41.22 -11.70
N HIS D 3 -0.80 40.62 -10.86
CA HIS D 3 -2.05 40.47 -11.32
C HIS D 3 -2.91 41.51 -10.70
N ALA D 4 -2.39 42.06 -9.49
CA ALA D 4 -3.17 43.11 -8.94
C ALA D 4 -2.33 43.99 -7.92
N VAL D 5 -2.75 45.25 -8.00
CA VAL D 5 -2.15 46.30 -7.17
C VAL D 5 -3.17 46.92 -6.21
N LEU D 6 -2.82 46.98 -4.92
CA LEU D 6 -3.74 47.53 -3.93
C LEU D 6 -3.18 48.74 -3.19
N ILE D 7 -3.98 49.80 -3.11
CA ILE D 7 -3.56 51.00 -2.37
C ILE D 7 -4.47 51.23 -1.17
N PHE D 8 -3.88 51.33 0.02
CA PHE D 8 -4.65 51.54 1.23
C PHE D 8 -4.11 52.63 2.17
N ASN D 9 -5.03 53.42 2.73
CA ASN D 9 -4.69 54.49 3.67
C ASN D 9 -4.27 53.95 5.04
N LYS D 10 -3.46 54.72 5.77
CA LYS D 10 -3.01 54.30 7.11
C LYS D 10 -4.07 53.87 8.04
N LYS D 11 -5.24 54.19 7.71
CA LYS D 11 -6.35 53.82 8.48
C LYS D 11 -7.11 52.64 7.88
N CYS D 12 -6.45 51.99 6.90
CA CYS D 12 -6.82 50.79 6.13
C CYS D 12 -7.89 51.06 5.19
N GLN D 13 -7.84 52.14 4.50
CA GLN D 13 -8.91 52.20 3.66
C GLN D 13 -8.46 51.85 2.28
N PRO D 14 -9.24 51.00 1.67
CA PRO D 14 -8.78 50.64 0.34
C PRO D 14 -8.89 51.81 -0.57
N ARG D 15 -8.51 51.78 -1.71
CA ARG D 15 -8.73 52.94 -2.47
C ARG D 15 -8.50 52.52 -3.92
N LEU D 16 -7.54 51.64 -4.18
CA LEU D 16 -7.35 51.25 -5.55
C LEU D 16 -6.95 49.74 -5.69
N VAL D 17 -7.17 49.23 -6.81
CA VAL D 17 -6.74 47.83 -6.96
C VAL D 17 -6.60 47.55 -8.39
N LYS D 18 -5.49 47.14 -8.71
CA LYS D 18 -5.39 46.83 -10.10
C LYS D 18 -5.47 45.28 -10.31
N PHE D 19 -6.03 44.87 -11.35
CA PHE D 19 -6.09 43.45 -11.55
C PHE D 19 -5.82 43.20 -13.00
N TYR D 20 -4.61 42.74 -13.31
CA TYR D 20 -4.17 42.45 -14.67
C TYR D 20 -4.94 41.31 -15.34
N THR D 21 -5.25 40.28 -14.55
CA THR D 21 -5.96 39.11 -15.05
C THR D 21 -7.29 38.91 -14.35
N PRO D 22 -8.14 38.08 -14.95
CA PRO D 22 -9.44 37.80 -14.37
C PRO D 22 -9.23 37.14 -13.02
N VAL D 23 -9.95 37.70 -12.05
CA VAL D 23 -9.96 37.29 -10.65
C VAL D 23 -11.39 37.64 -10.26
N ASP D 24 -11.89 37.15 -9.13
CA ASP D 24 -13.27 37.47 -8.79
C ASP D 24 -13.39 38.99 -8.73
N LEU D 25 -14.36 39.51 -9.48
CA LEU D 25 -14.63 40.94 -9.57
C LEU D 25 -15.17 41.62 -8.31
N PRO D 26 -16.06 40.92 -7.63
CA PRO D 26 -16.75 41.49 -6.39
C PRO D 26 -16.00 41.22 -5.09
N LYS D 27 -15.36 40.00 -5.03
CA LYS D 27 -14.70 39.56 -3.90
C LYS D 27 -13.50 40.29 -3.74
N GLN D 28 -13.10 40.96 -4.91
CA GLN D 28 -11.84 41.71 -4.91
C GLN D 28 -11.86 42.80 -4.01
N LYS D 29 -13.10 43.36 -3.86
CA LYS D 29 -13.34 44.56 -3.04
C LYS D 29 -13.35 44.21 -1.68
N LEU D 30 -13.90 42.97 -1.38
CA LEU D 30 -14.07 42.53 -0.05
C LEU D 30 -12.78 42.09 0.49
N LEU D 31 -12.01 41.41 -0.44
CA LEU D 31 -10.79 40.80 -0.05
C LEU D 31 -9.88 41.83 0.36
N LEU D 32 -10.11 43.08 -0.25
CA LEU D 32 -9.23 44.15 0.00
C LEU D 32 -9.50 44.72 1.34
N GLU D 33 -10.71 44.42 1.93
CA GLU D 33 -11.05 45.00 3.13
C GLU D 33 -10.60 44.19 4.23
N GLN D 34 -10.29 42.87 3.88
CA GLN D 34 -9.94 41.94 4.88
C GLN D 34 -8.54 42.01 5.22
N VAL D 35 -7.74 42.21 4.13
CA VAL D 35 -6.31 42.19 4.23
C VAL D 35 -5.83 43.43 4.76
N TYR D 36 -6.82 44.25 5.22
CA TYR D 36 -6.57 45.51 5.75
C TYR D 36 -6.40 45.36 7.13
N GLU D 37 -7.19 44.38 7.73
CA GLU D 37 -7.22 44.23 9.12
C GLU D 37 -5.91 43.74 9.55
N LEU D 38 -5.31 42.84 8.70
CA LEU D 38 -4.12 42.26 9.14
C LEU D 38 -3.06 43.19 9.15
N ILE D 39 -3.21 44.22 8.28
CA ILE D 39 -2.19 45.13 8.18
C ILE D 39 -2.11 45.91 9.45
N SER D 40 -3.29 45.97 10.14
CA SER D 40 -3.28 46.76 11.28
C SER D 40 -2.75 46.06 12.46
N GLN D 41 -2.68 44.76 12.30
CA GLN D 41 -2.21 44.08 13.42
C GLN D 41 -0.72 44.01 13.36
N ARG D 42 -0.19 44.14 12.12
CA ARG D 42 1.22 43.98 12.07
C ARG D 42 1.67 45.36 12.44
N ASN D 43 2.73 45.33 13.03
CA ASN D 43 3.51 46.27 13.67
C ASN D 43 3.96 47.44 12.77
N SER D 44 4.27 48.63 13.22
CA SER D 44 4.82 49.42 12.04
C SER D 44 6.09 48.89 11.49
N ASP D 45 7.03 48.33 12.25
CA ASP D 45 8.25 47.95 11.57
C ASP D 45 8.13 46.77 10.52
N PHE D 46 7.08 45.99 10.70
CA PHE D 46 6.81 44.77 10.10
C PHE D 46 5.96 45.32 9.41
N GLN D 47 6.00 46.56 8.91
CA GLN D 47 4.91 47.13 8.14
C GLN D 47 4.60 46.35 6.86
N SER D 48 3.31 46.16 6.63
CA SER D 48 2.82 45.43 5.48
C SER D 48 3.19 43.97 5.68
N SER D 49 4.49 43.70 5.75
CA SER D 49 4.96 42.35 5.98
C SER D 49 4.30 41.42 5.00
N PHE D 50 4.19 41.84 3.74
CA PHE D 50 3.52 40.98 2.77
C PHE D 50 2.84 39.92 3.64
N LEU D 51 1.56 39.67 3.40
CA LEU D 51 0.94 38.84 4.13
C LEU D 51 0.63 37.67 3.22
N VAL D 52 1.24 36.54 3.43
CA VAL D 52 1.05 35.33 2.72
C VAL D 52 0.17 34.51 3.43
N THR D 53 -0.84 33.97 2.89
CA THR D 53 -1.60 33.46 3.61
C THR D 53 -2.17 32.19 3.12
N PRO D 54 -2.50 31.27 4.06
CA PRO D 54 -3.11 29.96 3.32
C PRO D 54 -4.53 30.61 3.05
N PRO D 55 -5.46 30.36 2.09
CA PRO D 55 -6.85 31.26 2.21
C PRO D 55 -7.65 31.19 3.33
N SER D 56 -7.63 30.03 3.84
CA SER D 56 -8.51 29.73 4.88
C SER D 56 -8.15 30.53 6.15
N LEU D 57 -7.25 31.48 5.88
CA LEU D 57 -6.64 32.38 6.82
C LEU D 57 -7.26 33.75 6.66
N LEU D 58 -8.32 33.84 5.89
CA LEU D 58 -9.02 35.10 5.71
C LEU D 58 -10.01 35.09 6.86
N LEU D 59 -9.58 35.64 7.98
CA LEU D 59 -10.39 35.66 9.21
C LEU D 59 -10.28 34.31 9.92
N SER D 60 -9.45 33.42 9.37
CA SER D 60 -9.26 32.08 9.94
C SER D 60 -8.16 31.99 11.00
N ASN D 61 -8.53 31.34 12.10
CA ASN D 61 -7.66 31.09 13.24
C ASN D 61 -7.34 29.60 13.45
N GLU D 62 -7.56 28.79 12.42
CA GLU D 62 -7.24 27.37 12.48
C GLU D 62 -5.74 27.32 12.70
N ASN D 63 -5.06 28.23 12.00
CA ASN D 63 -3.62 28.40 12.09
C ASN D 63 -3.49 29.66 12.93
N ASN D 64 -2.64 29.56 13.95
CA ASN D 64 -2.39 30.63 14.91
C ASN D 64 -1.78 31.86 14.27
N ASN D 65 -0.85 31.64 13.35
CA ASN D 65 -0.22 32.75 12.68
C ASN D 65 -1.20 33.12 11.57
N ASP D 66 -2.34 33.65 11.98
CA ASP D 66 -3.37 34.04 11.05
C ASP D 66 -2.76 35.10 10.17
N GLU D 67 -3.04 34.97 8.88
CA GLU D 67 -2.60 35.89 7.82
C GLU D 67 -3.60 35.70 6.68
N VAL D 68 -3.66 36.64 5.75
CA VAL D 68 -4.58 36.50 4.63
C VAL D 68 -3.83 36.28 3.32
N ASN D 69 -4.01 35.13 2.70
CA ASN D 69 -3.31 34.83 1.45
C ASN D 69 -4.14 35.14 0.21
N ASN D 70 -5.45 35.30 0.40
CA ASN D 70 -6.33 35.54 -0.73
C ASN D 70 -6.19 34.31 -1.60
N GLU D 71 -6.22 33.16 -0.92
CA GLU D 71 -6.06 31.86 -1.55
C GLU D 71 -4.64 31.78 -2.08
N ASP D 72 -4.47 31.40 -3.35
CA ASP D 72 -3.12 31.32 -3.88
C ASP D 72 -2.71 32.71 -4.35
N ILE D 73 -2.48 33.60 -3.39
CA ILE D 73 -2.05 35.03 -3.75
C ILE D 73 -1.21 35.60 -2.65
N GLN D 74 0.01 35.92 -3.00
CA GLN D 74 1.00 36.47 -2.12
C GLN D 74 0.70 37.99 -1.98
N ILE D 75 0.62 38.48 -0.84
CA ILE D 75 0.35 39.83 -0.66
C ILE D 75 1.46 40.56 -0.05
N ILE D 76 2.01 41.55 -0.80
CA ILE D 76 3.14 42.25 -0.30
C ILE D 76 2.74 43.59 0.25
N TYR D 77 3.07 43.88 1.46
CA TYR D 77 2.63 45.09 1.94
C TYR D 77 3.77 46.07 2.17
N LYS D 78 3.55 47.33 1.81
CA LYS D 78 4.60 48.26 2.20
C LYS D 78 4.02 49.50 2.96
N ASN D 79 4.72 49.85 4.05
CA ASN D 79 4.25 50.99 4.82
C ASN D 79 4.96 52.35 4.54
N TYR D 80 4.42 53.44 4.15
CA TYR D 80 5.14 54.57 4.03
C TYR D 80 4.52 55.78 4.73
N ALA D 81 5.25 56.20 5.70
CA ALA D 81 4.81 57.42 6.43
C ALA D 81 3.36 56.99 6.54
N THR D 82 2.48 57.47 5.67
CA THR D 82 1.12 57.16 6.03
C THR D 82 0.26 56.26 5.15
N LEU D 83 0.80 55.82 4.00
CA LEU D 83 0.04 55.06 3.18
C LEU D 83 0.65 53.44 3.11
N TYR D 84 -0.23 52.64 2.87
CA TYR D 84 0.29 51.36 2.72
C TYR D 84 0.00 50.84 1.28
N PHE D 85 0.80 50.06 0.81
CA PHE D 85 0.50 49.62 -0.53
C PHE D 85 0.60 48.06 -0.53
N THR D 86 -0.38 47.50 -1.08
CA THR D 86 -0.34 46.08 -1.07
C THR D 86 -0.22 45.58 -2.57
N PHE D 87 0.57 44.61 -2.78
CA PHE D 87 0.60 44.15 -4.12
C PHE D 87 0.32 42.59 -4.11
N ILE D 88 -0.57 42.23 -4.93
CA ILE D 88 -0.89 40.85 -5.03
C ILE D 88 -0.29 40.35 -6.23
N VAL D 89 0.68 39.40 -6.05
CA VAL D 89 1.33 38.94 -7.22
C VAL D 89 1.16 37.42 -7.47
N ASP D 90 1.44 37.07 -8.76
CA ASP D 90 1.31 35.68 -8.90
C ASP D 90 2.57 35.09 -8.62
N ASP D 91 2.54 33.80 -8.28
CA ASP D 91 3.73 33.12 -7.90
C ASP D 91 4.75 32.92 -8.90
N GLN D 92 4.48 33.56 -10.03
CA GLN D 92 5.45 33.38 -11.04
C GLN D 92 6.24 34.64 -11.27
N GLU D 93 5.97 35.81 -10.58
CA GLU D 93 6.71 37.09 -10.92
C GLU D 93 7.69 37.08 -9.90
N SER D 94 8.75 37.68 -10.11
CA SER D 94 9.79 37.56 -9.12
C SER D 94 9.28 38.40 -7.86
N GLU D 95 9.55 37.91 -6.66
CA GLU D 95 9.24 38.58 -5.40
C GLU D 95 9.92 39.85 -5.36
N LEU D 96 11.19 39.95 -5.79
CA LEU D 96 11.93 41.17 -5.64
C LEU D 96 11.31 42.19 -6.51
N ALA D 97 11.04 41.83 -7.84
CA ALA D 97 10.48 42.74 -8.78
C ALA D 97 9.27 43.40 -8.23
N ILE D 98 8.62 42.56 -7.32
CA ILE D 98 7.32 42.99 -6.81
C ILE D 98 7.46 43.92 -5.74
N LEU D 99 8.56 43.66 -4.90
CA LEU D 99 8.91 44.41 -3.76
C LEU D 99 9.37 45.66 -4.13
N ASP D 100 10.23 45.74 -5.20
CA ASP D 100 10.84 46.97 -5.60
C ASP D 100 10.03 47.98 -6.19
N LEU D 101 8.95 47.33 -6.80
CA LEU D 101 8.00 47.99 -7.63
C LEU D 101 6.98 48.72 -6.93
N ILE D 102 6.94 48.21 -5.65
CA ILE D 102 6.15 48.61 -4.54
C ILE D 102 6.89 49.69 -3.93
N GLN D 103 8.21 49.48 -3.62
CA GLN D 103 8.93 50.48 -2.87
C GLN D 103 9.10 51.67 -3.50
N THR D 104 9.04 51.54 -4.92
CA THR D 104 9.32 52.60 -5.80
C THR D 104 8.26 53.48 -6.11
N PHE D 105 7.05 52.80 -6.02
CA PHE D 105 5.76 53.20 -6.28
C PHE D 105 5.41 54.03 -5.20
N VAL D 106 6.05 53.77 -4.01
CA VAL D 106 5.75 54.43 -2.80
C VAL D 106 6.43 55.70 -2.88
N GLU D 107 7.83 55.73 -3.06
CA GLU D 107 8.51 56.96 -3.05
C GLU D 107 7.96 57.89 -4.07
N SER D 108 7.31 57.27 -5.14
CA SER D 108 6.88 58.03 -6.15
C SER D 108 5.66 58.63 -5.76
N LEU D 109 4.77 57.78 -5.09
CA LEU D 109 3.54 58.34 -4.69
C LEU D 109 3.93 59.52 -3.71
N ASP D 110 4.89 59.33 -2.91
CA ASP D 110 4.96 60.46 -2.02
C ASP D 110 5.31 61.71 -2.77
N ARG D 111 6.17 61.53 -3.81
CA ARG D 111 6.62 62.74 -4.40
C ARG D 111 5.50 63.20 -5.34
N CYS D 112 4.79 62.22 -5.90
CA CYS D 112 3.71 62.47 -6.82
C CYS D 112 2.63 63.25 -6.10
N PHE D 113 2.37 62.86 -4.86
CA PHE D 113 1.39 63.54 -4.05
C PHE D 113 2.15 64.29 -2.97
N THR D 114 2.01 65.61 -2.98
CA THR D 114 2.69 66.46 -2.01
C THR D 114 2.19 66.15 -0.61
N GLU D 115 0.87 66.00 -0.51
CA GLU D 115 0.19 65.72 0.74
C GLU D 115 -0.88 64.70 0.40
N VAL D 116 -0.50 63.44 0.26
CA VAL D 116 -1.48 62.44 -0.11
C VAL D 116 -2.59 62.41 0.92
N ASN D 117 -3.81 62.35 0.42
CA ASN D 117 -4.99 62.26 1.25
C ASN D 117 -5.62 60.97 0.76
N GLU D 118 -6.36 60.27 1.61
CA GLU D 118 -6.97 59.02 1.18
C GLU D 118 -7.87 59.41 0.02
N LEU D 119 -8.50 60.56 0.17
CA LEU D 119 -9.38 61.13 -0.84
C LEU D 119 -8.67 61.51 -2.14
N ASP D 120 -7.45 62.04 -2.06
CA ASP D 120 -6.84 62.45 -3.24
C ASP D 120 -6.42 61.31 -3.98
N LEU D 121 -6.31 60.14 -3.28
CA LEU D 121 -5.92 58.97 -3.97
C LEU D 121 -7.06 58.31 -4.60
N ILE D 122 -8.23 58.66 -4.05
CA ILE D 122 -9.30 57.97 -4.59
C ILE D 122 -9.54 58.56 -5.97
N PHE D 123 -9.73 59.86 -5.94
CA PHE D 123 -10.21 60.45 -7.17
C PHE D 123 -9.22 60.12 -8.32
N ASN D 124 -7.95 59.97 -7.84
CA ASN D 124 -7.00 59.86 -8.78
C ASN D 124 -6.53 58.49 -8.91
N TRP D 125 -7.46 57.60 -8.78
CA TRP D 125 -7.39 56.22 -8.90
C TRP D 125 -6.76 56.01 -10.15
N GLN D 126 -7.26 56.42 -11.30
CA GLN D 126 -6.63 56.14 -12.56
C GLN D 126 -5.23 56.57 -12.57
N THR D 127 -4.92 57.71 -12.03
CA THR D 127 -3.63 58.29 -12.08
C THR D 127 -2.75 57.38 -11.40
N LEU D 128 -3.20 56.91 -10.19
CA LEU D 128 -2.35 56.07 -9.34
C LEU D 128 -2.08 54.82 -10.02
N GLU D 129 -3.06 54.42 -10.89
CA GLU D 129 -3.01 53.19 -11.57
C GLU D 129 -2.00 53.26 -12.61
N SER D 130 -1.92 54.46 -13.30
CA SER D 130 -1.08 54.62 -14.41
C SER D 130 0.26 54.43 -13.99
N VAL D 131 0.60 55.04 -12.82
CA VAL D 131 1.92 54.98 -12.33
C VAL D 131 2.27 53.57 -12.14
N LEU D 132 1.26 52.75 -11.73
CA LEU D 132 1.61 51.45 -11.44
C LEU D 132 1.98 50.69 -12.58
N GLU D 133 1.27 51.00 -13.73
CA GLU D 133 1.43 50.27 -14.94
C GLU D 133 2.73 50.63 -15.55
N GLU D 134 2.97 51.96 -15.51
CA GLU D 134 4.13 52.40 -16.18
C GLU D 134 5.29 51.73 -15.67
N ILE D 135 5.16 51.37 -14.42
CA ILE D 135 6.35 50.91 -13.80
C ILE D 135 6.69 49.53 -14.24
N VAL D 136 5.60 48.95 -14.69
CA VAL D 136 5.54 47.50 -15.01
C VAL D 136 5.91 46.98 -16.40
N GLN D 137 5.50 47.82 -17.34
CA GLN D 137 5.48 47.73 -18.71
C GLN D 137 6.68 47.49 -19.50
N GLY D 138 6.30 46.51 -20.32
CA GLY D 138 7.05 45.68 -21.27
C GLY D 138 7.80 44.59 -20.49
N GLY D 139 7.45 44.66 -19.09
CA GLY D 139 7.86 43.89 -17.88
C GLY D 139 8.77 44.84 -17.35
N MET D 140 8.49 46.06 -17.81
CA MET D 140 9.54 46.75 -17.48
C MET D 140 9.29 47.99 -16.65
N VAL D 141 10.06 48.15 -15.66
CA VAL D 141 9.86 49.40 -15.00
C VAL D 141 10.86 50.13 -15.70
N ILE D 142 10.32 51.19 -16.16
CA ILE D 142 11.27 51.95 -17.07
C ILE D 142 11.74 53.22 -16.58
N GLU D 143 11.17 53.58 -15.46
CA GLU D 143 11.67 54.74 -14.88
C GLU D 143 11.21 54.22 -13.71
N THR D 144 12.20 54.29 -13.01
CA THR D 144 12.36 53.98 -11.77
C THR D 144 12.75 55.11 -10.93
N ASN D 145 13.26 55.99 -11.58
CA ASN D 145 13.82 57.04 -10.89
C ASN D 145 12.67 57.79 -10.25
N VAL D 146 12.76 57.95 -8.94
CA VAL D 146 11.83 58.72 -8.11
C VAL D 146 11.73 60.09 -8.69
N ASN D 147 12.74 60.70 -9.34
CA ASN D 147 12.51 62.10 -9.75
C ASN D 147 11.56 62.18 -10.92
N ARG D 148 11.60 61.15 -11.84
CA ARG D 148 10.85 61.14 -13.06
C ARG D 148 9.50 60.73 -12.84
N ILE D 149 9.45 59.67 -11.97
CA ILE D 149 8.14 59.01 -11.63
C ILE D 149 7.18 60.01 -11.15
N VAL D 150 7.81 61.08 -10.53
CA VAL D 150 7.10 62.14 -9.93
C VAL D 150 6.46 62.88 -10.99
N ALA D 151 7.21 63.24 -12.11
CA ALA D 151 6.64 64.02 -13.16
C ALA D 151 5.67 63.24 -13.89
N SER D 152 5.97 61.91 -14.03
CA SER D 152 5.23 61.07 -14.91
C SER D 152 3.81 61.15 -14.57
N VAL D 153 3.55 61.08 -13.24
CA VAL D 153 2.23 61.08 -12.68
C VAL D 153 1.60 62.36 -12.98
N ASP D 154 2.41 63.48 -12.90
CA ASP D 154 1.88 64.78 -13.16
C ASP D 154 1.55 64.87 -14.55
N GLU D 155 2.30 64.18 -15.44
CA GLU D 155 2.00 64.30 -16.80
C GLU D 155 0.73 63.67 -17.07
N LEU D 156 0.51 62.44 -16.46
CA LEU D 156 -0.69 61.73 -16.77
C LEU D 156 -1.85 62.50 -16.37
N ASN D 157 -1.68 63.26 -15.22
CA ASN D 157 -2.77 64.04 -14.67
C ASN D 157 -3.14 65.06 -15.57
N LYS D 158 -2.10 65.61 -16.33
CA LYS D 158 -2.37 66.72 -17.18
C LYS D 158 -3.09 66.29 -18.26
N ALA D 159 -2.75 65.03 -18.77
CA ALA D 159 -3.45 64.59 -19.91
C ALA D 159 -4.84 64.35 -19.58
N ALA D 160 -5.02 63.60 -18.42
CA ALA D 160 -6.36 63.20 -18.08
C ALA D 160 -7.18 64.39 -17.87
N GLU D 161 -6.51 65.49 -17.43
CA GLU D 161 -7.39 66.56 -17.16
C GLU D 161 -7.96 67.19 -18.40
N SER D 162 -7.10 67.04 -19.39
CA SER D 162 -7.52 67.70 -20.58
C SER D 162 -8.67 66.99 -21.27
N THR D 163 -8.80 65.71 -20.94
CA THR D 163 -9.82 64.81 -21.47
C THR D 163 -11.31 64.66 -20.45
N ASP D 164 -11.29 65.00 -19.08
CA ASP D 164 -11.82 64.73 -17.65
C ASP D 164 -13.26 64.42 -17.82
N SER D 165 -14.10 64.94 -18.62
CA SER D 165 -15.17 64.00 -18.36
C SER D 165 -14.74 62.62 -18.86
N LYS D 166 -13.69 62.49 -19.81
CA LYS D 166 -13.62 61.05 -20.12
C LYS D 166 -13.05 60.23 -19.06
N ILE D 167 -12.38 61.04 -18.17
CA ILE D 167 -11.70 60.65 -16.90
C ILE D 167 -12.19 60.64 -15.49
N GLY D 168 -13.03 61.80 -15.20
CA GLY D 168 -12.77 62.08 -13.71
C GLY D 168 -12.81 61.47 -12.30
#